data_9CTC
#
_entry.id   9CTC
#
_cell.length_a   1.00
_cell.length_b   1.00
_cell.length_c   1.00
_cell.angle_alpha   90.00
_cell.angle_beta   90.00
_cell.angle_gamma   90.00
#
_symmetry.space_group_name_H-M   'P 1'
#
loop_
_entity.id
_entity.type
_entity.pdbx_description
1 polymer 'ATP-dependent translocase ABCB1'
2 non-polymer "ADENOSINE-5'-TRIPHOSPHATE"
3 non-polymer Zosuquidar
4 non-polymer 'UNKNOWN BRANCHED FRAGMENT OF PHOSPHOLIPID'
#
_entity_poly.entity_id   1
_entity_poly.type   'polypeptide(L)'
_entity_poly.pdbx_seq_one_letter_code
;MDLEGDRNGGAKKKNFFKLNNKSEKDKKEKKPTVSVFSMFRYSNWLDKLYMVVGTLAAIIHGAGLPLMMLVFGEMTDIFA
NAGNLEDLMSNITNRSDINDTGFFMNLEEDMTRYAYYYSGIGAGVLVAAYIQVSFWCLAAGRQIHKIRKQFFHAIMRQEI
GWFDVHDVGELNTRLTDDVSKINEGIGDKIGMFFQSMATFFTGFIVGFTRGWKLTLVILAISPVLGLSAAVWAKILSSFT
DKELLAYAKAGAVAEEVLAAIRTVIAFGGQKKELERYNKNLEEAKRIGIKKAITANISIGAAFLLIYASYALAFWYGTTL
VLSGEYSIGQVLTVFFSVLIGAFSVGQASPSIEAFANARGAAYEIFKIIDNKPSIDSYSKSGHKPDNIKGNLEFRNVHFS
YPSRKEVKILKGLNLKVQSGQTVALVGNSGCGKSTTVQLMQRLYDPTEGMVSVDGQDIRTINVRFLREIIGVVSQEPVLF
ATTIAENIRYGRENVTMDEIEKAVKEANAYDFIMKLPHKFDTLVGERGAQLSGGQKQRIAIARALVRNPKILLLDEATSA
LDTESEAVVQVALDKARKGRTTIVIAHRLSTVRNADVIAGFDDGVIVEKGNHDELMKEKGIYFKLVTMQTAGNEVELENA
ADESKSEIDALEMSSNDSRSSLIRKRSTRRSVRGSQAQDRKLSTKEALDESIPPVSFWRIMKLNLTEWPYFVVGVFCAII
NGGLQPAFAIIFSKIIGVFTRIDDPETKRQNSNLFSLLFLALGIISFITFFLQGFTFGKAGEILTKRLRYMVFRSMLRQD
VSWFDDPKNTTGALTTRLANDAAQVKGAIGSRLAVITQNIANLGTGIIISFIYGWQLTLLLLAIVPIIAIAGVVEMKMLS
GQALKDKKELEGSGKIATEAIENFRTVVSLTQEQKFEHMYAQSLQVPYRNSLRKAHIFGITFSFTQAMMYFSYAGCFRFG
AYLVAHKLMSFEDVLLVFSAVVFGAMAVGQVSSFAPDYAKAKISAAHIIMIIEKTPLIDSYSTEGLMPNTLEGNVTFGEV
VFNYPTRPDIPVLQGLSLEVKKGQTLALVGSSGCGKSTVVQLLERFYDPLAGKVLLDGKEIKRLNVQWLRAHLGIVSQEP
ILFDCSIAENIAYGDNSRVVSQEEIVRAAKEANIHAFIESLPNKYSTKVGDKGTQLSGGQKQRIAIARALVRQPHILLLD
EATSALDTESEKVVQEALDKAREGRTCIVIAHRLSTIQNADLIVVFQNGRVKEHGTHQQLLAQKGIYFSMVSVQAGTKRQ
;
_entity_poly.pdbx_strand_id   A
#
loop_
_chem_comp.id
_chem_comp.type
_chem_comp.name
_chem_comp.formula
ATP non-polymer ADENOSINE-5'-TRIPHOSPHATE 'C10 H16 N5 O13 P3'
UPL non-polymer 'UNKNOWN BRANCHED FRAGMENT OF PHOSPHOLIPID' 'C34 H70'
ZQU non-polymer Zosuquidar 'C32 H31 F2 N3 O2'
#
# COMPACT_ATOMS: atom_id res chain seq x y z
N LYS A 30 11.20 17.99 -4.15
CA LYS A 30 11.76 17.77 -2.82
C LYS A 30 12.07 19.09 -2.12
N LYS A 31 12.15 20.17 -2.89
CA LYS A 31 12.45 21.48 -2.34
C LYS A 31 11.19 22.32 -2.29
N PRO A 32 10.72 22.74 -1.10
CA PRO A 32 9.54 23.58 -1.04
C PRO A 32 9.76 25.00 -1.54
N THR A 33 11.00 25.36 -1.87
CA THR A 33 11.32 26.72 -2.33
C THR A 33 11.02 26.81 -3.83
N VAL A 34 9.74 27.01 -4.13
CA VAL A 34 9.27 27.27 -5.48
C VAL A 34 8.20 28.36 -5.40
N SER A 35 8.17 29.21 -6.42
CA SER A 35 7.29 30.37 -6.40
C SER A 35 5.83 29.95 -6.27
N VAL A 36 5.07 30.76 -5.53
CA VAL A 36 3.64 30.49 -5.33
C VAL A 36 2.91 30.44 -6.66
N PHE A 37 3.13 31.46 -7.50
CA PHE A 37 2.41 31.52 -8.77
C PHE A 37 2.89 30.46 -9.74
N SER A 38 4.14 30.01 -9.60
CA SER A 38 4.62 28.92 -10.44
C SER A 38 3.88 27.62 -10.17
N MET A 39 3.29 27.47 -8.97
CA MET A 39 2.41 26.34 -8.71
C MET A 39 1.17 26.38 -9.60
N PHE A 40 0.58 27.57 -9.77
CA PHE A 40 -0.62 27.73 -10.60
C PHE A 40 -0.22 28.02 -12.05
N ARG A 41 0.41 27.01 -12.66
CA ARG A 41 0.94 27.14 -14.01
C ARG A 41 0.00 26.60 -15.07
N TYR A 42 -0.83 25.61 -14.73
CA TYR A 42 -1.82 25.06 -15.66
C TYR A 42 -3.18 25.72 -15.48
N SER A 43 -3.21 26.95 -14.97
CA SER A 43 -4.45 27.66 -14.69
C SER A 43 -4.98 28.28 -15.99
N ASN A 44 -6.12 27.79 -16.46
CA ASN A 44 -6.81 28.39 -17.59
C ASN A 44 -7.51 29.67 -17.13
N TRP A 45 -8.22 30.32 -18.05
CA TRP A 45 -9.01 31.49 -17.65
C TRP A 45 -10.12 31.10 -16.68
N LEU A 46 -10.78 29.98 -16.94
CA LEU A 46 -11.87 29.52 -16.09
C LEU A 46 -11.37 29.25 -14.67
N ASP A 47 -10.20 28.60 -14.56
CA ASP A 47 -9.66 28.30 -13.24
C ASP A 47 -9.31 29.58 -12.47
N LYS A 48 -8.77 30.59 -13.15
CA LYS A 48 -8.43 31.82 -12.45
C LYS A 48 -9.69 32.57 -12.01
N LEU A 49 -10.72 32.58 -12.86
CA LEU A 49 -12.00 33.17 -12.45
C LEU A 49 -12.58 32.42 -11.27
N TYR A 50 -12.49 31.08 -11.29
CA TYR A 50 -12.94 30.27 -10.18
C TYR A 50 -12.21 30.63 -8.90
N MET A 51 -10.89 30.79 -8.98
CA MET A 51 -10.12 31.12 -7.78
C MET A 51 -10.52 32.47 -7.23
N VAL A 52 -10.72 33.46 -8.10
CA VAL A 52 -11.01 34.80 -7.60
C VAL A 52 -12.42 34.87 -7.02
N VAL A 53 -13.40 34.26 -7.69
CA VAL A 53 -14.76 34.27 -7.17
C VAL A 53 -14.86 33.43 -5.91
N GLY A 54 -14.15 32.29 -5.87
CA GLY A 54 -14.10 31.50 -4.66
C GLY A 54 -13.50 32.25 -3.48
N THR A 55 -12.44 33.02 -3.74
CA THR A 55 -11.82 33.79 -2.66
C THR A 55 -12.75 34.86 -2.13
N LEU A 56 -13.44 35.57 -3.04
CA LEU A 56 -14.40 36.58 -2.60
C LEU A 56 -15.54 35.94 -1.82
N ALA A 57 -16.06 34.81 -2.30
CA ALA A 57 -17.15 34.14 -1.60
C ALA A 57 -16.69 33.65 -0.24
N ALA A 58 -15.46 33.16 -0.14
CA ALA A 58 -14.95 32.70 1.14
C ALA A 58 -14.78 33.86 2.12
N ILE A 59 -14.32 35.02 1.64
CA ILE A 59 -14.22 36.18 2.52
C ILE A 59 -15.60 36.60 3.00
N ILE A 60 -16.60 36.50 2.12
CA ILE A 60 -17.97 36.83 2.52
C ILE A 60 -18.48 35.83 3.57
N HIS A 61 -18.23 34.53 3.34
CA HIS A 61 -18.77 33.49 4.20
C HIS A 61 -18.18 33.55 5.60
N GLY A 62 -16.90 33.89 5.73
CA GLY A 62 -16.27 33.92 7.03
C GLY A 62 -16.62 35.12 7.88
N ALA A 63 -17.35 36.09 7.33
CA ALA A 63 -17.77 37.27 8.06
C ALA A 63 -19.17 37.14 8.62
N GLY A 64 -19.75 35.94 8.59
CA GLY A 64 -21.09 35.72 9.10
C GLY A 64 -21.12 35.41 10.58
N LEU A 65 -20.32 34.42 11.01
CA LEU A 65 -20.31 34.04 12.42
C LEU A 65 -19.90 35.18 13.34
N PRO A 66 -18.85 35.96 13.07
CA PRO A 66 -18.59 37.14 13.89
C PRO A 66 -19.60 38.26 13.71
N LEU A 67 -20.58 38.09 12.83
CA LEU A 67 -21.65 39.05 12.65
C LEU A 67 -22.98 38.59 13.24
N MET A 68 -23.21 37.28 13.30
CA MET A 68 -24.38 36.76 14.01
C MET A 68 -24.29 37.02 15.50
N MET A 69 -23.07 37.13 16.05
CA MET A 69 -22.90 37.50 17.44
C MET A 69 -23.04 39.00 17.68
N LEU A 70 -23.28 39.77 16.61
CA LEU A 70 -23.65 41.17 16.73
C LEU A 70 -25.16 41.37 16.77
N VAL A 71 -25.91 40.60 15.98
CA VAL A 71 -27.36 40.59 16.09
C VAL A 71 -27.79 39.93 17.40
N PHE A 72 -27.13 38.83 17.77
CA PHE A 72 -27.48 38.12 19.00
C PHE A 72 -27.26 39.01 20.22
N GLY A 73 -26.27 39.90 20.17
CA GLY A 73 -26.08 40.82 21.28
C GLY A 73 -27.21 41.81 21.44
N GLU A 74 -27.69 42.37 20.32
CA GLU A 74 -28.77 43.34 20.38
C GLU A 74 -30.11 42.68 20.73
N MET A 75 -30.31 41.43 20.29
CA MET A 75 -31.53 40.72 20.66
C MET A 75 -31.63 40.54 22.17
N THR A 76 -30.52 40.19 22.82
CA THR A 76 -30.53 40.00 24.27
C THR A 76 -30.91 41.28 24.99
N ASP A 77 -30.47 42.43 24.50
CA ASP A 77 -30.84 43.71 25.10
C ASP A 77 -32.33 43.94 25.02
N ILE A 78 -32.95 43.57 23.89
CA ILE A 78 -34.39 43.76 23.73
C ILE A 78 -35.16 42.92 24.74
N PHE A 79 -34.78 41.65 24.89
CA PHE A 79 -35.42 40.79 25.87
C PHE A 79 -35.17 41.28 27.30
N ALA A 80 -33.93 41.67 27.59
CA ALA A 80 -33.59 42.06 28.95
C ALA A 80 -34.25 43.37 29.35
N ASN A 81 -34.29 44.34 28.43
CA ASN A 81 -34.86 45.65 28.77
C ASN A 81 -36.35 45.54 29.08
N ALA A 82 -37.09 44.76 28.28
CA ALA A 82 -38.50 44.56 28.56
C ALA A 82 -38.70 43.80 29.86
N GLY A 83 -37.83 42.83 30.15
CA GLY A 83 -37.95 42.07 31.39
C GLY A 83 -37.84 42.94 32.62
N ASN A 84 -36.96 43.95 32.58
CA ASN A 84 -36.88 44.90 33.69
C ASN A 84 -38.16 45.73 33.80
N LEU A 85 -38.71 46.15 32.67
CA LEU A 85 -39.93 46.96 32.70
C LEU A 85 -41.11 46.16 33.26
N GLU A 86 -41.25 44.90 32.84
CA GLU A 86 -42.35 44.07 33.34
C GLU A 86 -42.21 43.82 34.84
N ASP A 87 -41.00 43.51 35.30
CA ASP A 87 -40.78 43.30 36.72
C ASP A 87 -41.02 44.59 37.50
N LEU A 88 -40.60 45.73 36.95
CA LEU A 88 -40.88 47.00 37.60
C LEU A 88 -42.38 47.27 37.66
N MET A 89 -43.10 46.98 36.58
CA MET A 89 -44.55 47.18 36.56
C MET A 89 -45.23 46.25 37.55
N SER A 90 -44.81 44.99 37.60
CA SER A 90 -45.41 44.02 38.51
C SER A 90 -44.80 44.11 39.90
N PHE A 104 -44.21 43.48 28.04
CA PHE A 104 -44.13 42.56 26.91
C PHE A 104 -45.01 43.05 25.77
N MET A 105 -45.04 44.37 25.57
CA MET A 105 -45.89 44.95 24.54
C MET A 105 -45.31 44.72 23.15
N ASN A 106 -44.08 45.20 22.92
CA ASN A 106 -43.45 45.15 21.60
C ASN A 106 -42.37 44.07 21.51
N LEU A 107 -42.36 43.11 22.43
CA LEU A 107 -41.41 42.00 22.32
C LEU A 107 -41.75 41.06 21.17
N GLU A 108 -42.93 41.17 20.58
CA GLU A 108 -43.29 40.37 19.41
C GLU A 108 -43.17 41.14 18.11
N GLU A 109 -43.22 42.47 18.16
CA GLU A 109 -43.04 43.28 16.95
C GLU A 109 -41.56 43.52 16.66
N ASP A 110 -40.79 43.89 17.69
CA ASP A 110 -39.36 44.14 17.49
C ASP A 110 -38.64 42.86 17.10
N MET A 111 -39.01 41.73 17.70
CA MET A 111 -38.36 40.47 17.36
C MET A 111 -38.64 40.03 15.94
N THR A 112 -39.68 40.60 15.30
CA THR A 112 -39.91 40.30 13.89
C THR A 112 -38.78 40.79 13.02
N ARG A 113 -38.24 41.98 13.33
CA ARG A 113 -37.13 42.51 12.55
C ARG A 113 -35.88 41.64 12.68
N TYR A 114 -35.57 41.21 13.91
CA TYR A 114 -34.38 40.40 14.12
C TYR A 114 -34.53 38.99 13.56
N ALA A 115 -35.76 38.53 13.35
CA ALA A 115 -35.95 37.28 12.63
C ALA A 115 -35.50 37.39 11.18
N TYR A 116 -35.70 38.57 10.58
CA TYR A 116 -35.24 38.80 9.21
C TYR A 116 -33.72 38.85 9.15
N TYR A 117 -33.08 39.47 10.15
CA TYR A 117 -31.62 39.58 10.14
C TYR A 117 -30.95 38.21 10.17
N TYR A 118 -31.44 37.31 11.04
CA TYR A 118 -30.91 35.95 11.06
C TYR A 118 -31.15 35.24 9.75
N SER A 119 -32.34 35.41 9.16
CA SER A 119 -32.63 34.80 7.88
C SER A 119 -31.77 35.38 6.76
N GLY A 120 -31.40 36.67 6.88
CA GLY A 120 -30.51 37.26 5.90
C GLY A 120 -29.11 36.70 5.98
N ILE A 121 -28.54 36.66 7.20
CA ILE A 121 -27.21 36.11 7.39
C ILE A 121 -27.19 34.63 7.03
N GLY A 122 -28.26 33.90 7.38
CA GLY A 122 -28.35 32.51 6.98
C GLY A 122 -28.46 32.35 5.48
N ALA A 123 -29.15 33.27 4.81
CA ALA A 123 -29.25 33.21 3.35
C ALA A 123 -27.89 33.45 2.71
N GLY A 124 -27.11 34.39 3.24
CA GLY A 124 -25.78 34.63 2.69
C GLY A 124 -24.87 33.42 2.81
N VAL A 125 -24.87 32.78 3.99
CA VAL A 125 -24.09 31.57 4.18
C VAL A 125 -24.64 30.43 3.32
N LEU A 126 -25.92 30.46 2.97
CA LEU A 126 -26.46 29.43 2.09
C LEU A 126 -25.89 29.53 0.69
N VAL A 127 -25.54 30.74 0.25
CA VAL A 127 -24.99 30.97 -1.09
C VAL A 127 -23.47 31.05 -1.05
N ALA A 128 -22.92 31.83 -0.12
CA ALA A 128 -21.47 32.04 -0.08
C ALA A 128 -20.73 30.73 0.18
N ALA A 129 -21.23 29.91 1.11
CA ALA A 129 -20.55 28.66 1.42
C ALA A 129 -20.59 27.69 0.24
N TYR A 130 -21.67 27.70 -0.54
CA TYR A 130 -21.73 26.86 -1.73
C TYR A 130 -20.65 27.27 -2.73
N ILE A 131 -20.47 28.57 -2.94
CA ILE A 131 -19.48 29.03 -3.91
C ILE A 131 -18.07 28.70 -3.44
N GLN A 132 -17.77 28.98 -2.16
CA GLN A 132 -16.42 28.78 -1.64
C GLN A 132 -15.96 27.34 -1.78
N VAL A 133 -16.78 26.40 -1.31
CA VAL A 133 -16.36 25.00 -1.31
C VAL A 133 -16.32 24.44 -2.73
N SER A 134 -17.34 24.75 -3.54
CA SER A 134 -17.43 24.14 -4.86
C SER A 134 -16.42 24.72 -5.83
N PHE A 135 -16.27 26.04 -5.86
CA PHE A 135 -15.39 26.67 -6.86
C PHE A 135 -13.93 26.24 -6.65
N TRP A 136 -13.45 26.30 -5.40
CA TRP A 136 -12.08 25.91 -5.14
C TRP A 136 -11.84 24.44 -5.44
N CYS A 137 -12.84 23.59 -5.16
CA CYS A 137 -12.69 22.18 -5.48
C CYS A 137 -12.73 21.93 -6.97
N LEU A 138 -13.48 22.75 -7.72
CA LEU A 138 -13.49 22.61 -9.18
C LEU A 138 -12.17 23.06 -9.79
N ALA A 139 -11.61 24.17 -9.30
CA ALA A 139 -10.33 24.65 -9.81
C ALA A 139 -9.23 23.63 -9.57
N ALA A 140 -9.16 23.08 -8.36
CA ALA A 140 -8.16 22.05 -8.07
C ALA A 140 -8.41 20.78 -8.87
N GLY A 141 -9.68 20.41 -9.06
CA GLY A 141 -10.00 19.22 -9.82
C GLY A 141 -9.62 19.31 -11.29
N ARG A 142 -9.46 20.53 -11.81
CA ARG A 142 -9.07 20.72 -13.20
C ARG A 142 -7.57 20.83 -13.36
N GLN A 143 -6.90 21.57 -12.47
CA GLN A 143 -5.45 21.71 -12.54
C GLN A 143 -4.75 20.36 -12.34
N ILE A 144 -5.23 19.57 -11.37
CA ILE A 144 -4.60 18.29 -11.10
C ILE A 144 -4.76 17.33 -12.27
N HIS A 145 -5.88 17.40 -12.98
CA HIS A 145 -6.07 16.52 -14.13
C HIS A 145 -5.02 16.77 -15.20
N LYS A 146 -4.69 18.05 -15.46
CA LYS A 146 -3.61 18.35 -16.40
C LYS A 146 -2.28 17.84 -15.87
N ILE A 147 -2.00 18.05 -14.59
CA ILE A 147 -0.73 17.63 -14.00
C ILE A 147 -0.58 16.12 -14.07
N ARG A 148 -1.65 15.40 -13.74
CA ARG A 148 -1.57 13.94 -13.72
C ARG A 148 -1.27 13.38 -15.11
N LYS A 149 -1.90 13.94 -16.15
CA LYS A 149 -1.61 13.49 -17.51
C LYS A 149 -0.24 13.97 -17.96
N GLN A 150 0.13 15.20 -17.64
CA GLN A 150 1.41 15.75 -18.08
C GLN A 150 2.58 15.03 -17.41
N PHE A 151 2.42 14.64 -16.14
CA PHE A 151 3.49 13.92 -15.46
C PHE A 151 3.72 12.55 -16.09
N PHE A 152 2.64 11.87 -16.49
CA PHE A 152 2.80 10.60 -17.18
C PHE A 152 3.34 10.78 -18.58
N HIS A 153 3.15 11.95 -19.19
CA HIS A 153 3.79 12.24 -20.47
C HIS A 153 5.30 12.34 -20.33
N ALA A 154 5.77 12.97 -19.25
CA ALA A 154 7.20 13.10 -19.04
C ALA A 154 7.85 11.76 -18.72
N ILE A 155 7.16 10.90 -17.97
CA ILE A 155 7.74 9.62 -17.55
C ILE A 155 8.04 8.76 -18.77
N MET A 156 7.07 8.65 -19.68
CA MET A 156 7.29 7.84 -20.88
C MET A 156 8.31 8.47 -21.82
N ARG A 157 8.43 9.80 -21.79
CA ARG A 157 9.39 10.49 -22.65
C ARG A 157 10.83 10.12 -22.28
N GLN A 158 11.12 10.02 -20.99
CA GLN A 158 12.47 9.73 -20.54
C GLN A 158 12.94 8.37 -21.06
N GLU A 159 14.20 8.30 -21.45
CA GLU A 159 14.76 7.09 -22.06
C GLU A 159 15.38 6.19 -20.99
N ILE A 160 15.78 5.00 -21.42
CA ILE A 160 16.45 4.07 -20.53
C ILE A 160 17.77 4.66 -20.07
N GLY A 161 18.04 4.56 -18.77
CA GLY A 161 19.19 5.21 -18.17
C GLY A 161 18.73 6.22 -17.14
N TRP A 162 17.68 6.97 -17.48
CA TRP A 162 16.99 7.78 -16.49
C TRP A 162 16.32 6.89 -15.45
N PHE A 163 15.74 5.77 -15.89
CA PHE A 163 15.07 4.86 -14.96
C PHE A 163 16.07 4.07 -14.12
N ASP A 164 17.34 4.02 -14.53
CA ASP A 164 18.34 3.36 -13.69
C ASP A 164 18.67 4.21 -12.46
N VAL A 165 18.85 5.52 -12.65
CA VAL A 165 19.13 6.40 -11.53
C VAL A 165 17.88 6.58 -10.67
N HIS A 166 16.73 6.81 -11.31
CA HIS A 166 15.48 7.05 -10.60
C HIS A 166 14.77 5.72 -10.37
N ASP A 167 14.62 5.35 -9.11
CA ASP A 167 14.02 4.06 -8.78
C ASP A 167 12.60 3.96 -9.32
N VAL A 168 12.28 2.79 -9.89
CA VAL A 168 10.95 2.59 -10.46
C VAL A 168 9.87 2.62 -9.39
N GLY A 169 10.16 2.04 -8.22
CA GLY A 169 9.20 2.08 -7.13
C GLY A 169 8.95 3.49 -6.63
N GLU A 170 10.02 4.27 -6.47
CA GLU A 170 9.86 5.65 -6.04
C GLU A 170 9.09 6.47 -7.06
N LEU A 171 9.41 6.29 -8.35
CA LEU A 171 8.68 7.00 -9.40
C LEU A 171 7.20 6.64 -9.40
N ASN A 172 6.89 5.36 -9.20
CA ASN A 172 5.50 4.94 -9.12
C ASN A 172 4.81 5.56 -7.90
N THR A 173 5.56 5.69 -6.79
CA THR A 173 4.99 6.32 -5.60
C THR A 173 4.63 7.78 -5.86
N ARG A 174 5.50 8.52 -6.55
CA ARG A 174 5.24 9.93 -6.78
C ARG A 174 3.99 10.15 -7.62
N LEU A 175 3.75 9.25 -8.58
CA LEU A 175 2.60 9.42 -9.48
C LEU A 175 1.28 9.31 -8.72
N THR A 176 1.21 8.47 -7.69
CA THR A 176 -0.03 8.23 -6.97
C THR A 176 -0.16 9.05 -5.68
N ASP A 177 0.95 9.44 -5.07
CA ASP A 177 0.92 10.11 -3.77
C ASP A 177 1.29 11.58 -3.83
N ASP A 178 2.34 11.95 -4.58
CA ASP A 178 2.74 13.35 -4.65
C ASP A 178 1.67 14.19 -5.35
N VAL A 179 1.04 13.64 -6.38
CA VAL A 179 -0.04 14.36 -7.04
C VAL A 179 -1.21 14.56 -6.09
N SER A 180 -1.51 13.56 -5.25
CA SER A 180 -2.54 13.71 -4.25
C SER A 180 -2.17 14.79 -3.23
N LYS A 181 -0.88 14.85 -2.86
CA LYS A 181 -0.42 15.90 -1.95
C LYS A 181 -0.63 17.28 -2.58
N ILE A 182 -0.32 17.42 -3.87
CA ILE A 182 -0.55 18.68 -4.56
C ILE A 182 -2.03 19.02 -4.56
N ASN A 183 -2.88 18.02 -4.85
CA ASN A 183 -4.32 18.25 -4.88
C ASN A 183 -4.84 18.72 -3.53
N GLU A 184 -4.37 18.11 -2.45
CA GLU A 184 -4.77 18.56 -1.12
C GLU A 184 -4.25 19.96 -0.84
N GLY A 185 -3.04 20.27 -1.31
CA GLY A 185 -2.48 21.59 -1.05
C GLY A 185 -3.23 22.71 -1.74
N ILE A 186 -3.60 22.51 -3.01
CA ILE A 186 -4.25 23.54 -3.79
C ILE A 186 -5.77 23.33 -3.86
N GLY A 187 -6.33 22.58 -2.92
CA GLY A 187 -7.76 22.31 -2.93
C GLY A 187 -8.58 23.27 -2.10
N ASP A 188 -9.54 22.74 -1.33
CA ASP A 188 -10.42 23.57 -0.53
C ASP A 188 -9.71 24.25 0.63
N LYS A 189 -8.49 23.80 0.96
CA LYS A 189 -7.80 24.34 2.13
C LYS A 189 -7.43 25.81 1.95
N ILE A 190 -7.19 26.25 0.72
CA ILE A 190 -6.91 27.67 0.49
C ILE A 190 -8.14 28.50 0.83
N GLY A 191 -9.31 28.06 0.37
CA GLY A 191 -10.54 28.74 0.73
C GLY A 191 -10.81 28.71 2.22
N MET A 192 -10.47 27.59 2.86
CA MET A 192 -10.63 27.49 4.31
C MET A 192 -9.73 28.49 5.02
N PHE A 193 -8.50 28.65 4.53
CA PHE A 193 -7.57 29.63 5.09
C PHE A 193 -8.12 31.04 4.95
N PHE A 194 -8.65 31.36 3.77
CA PHE A 194 -9.22 32.70 3.56
C PHE A 194 -10.42 32.93 4.46
N GLN A 195 -11.28 31.91 4.61
CA GLN A 195 -12.43 32.02 5.50
C GLN A 195 -11.99 32.25 6.95
N SER A 196 -10.98 31.51 7.41
CA SER A 196 -10.50 31.65 8.77
C SER A 196 -9.92 33.05 9.00
N MET A 197 -9.13 33.55 8.05
CA MET A 197 -8.57 34.89 8.21
C MET A 197 -9.66 35.96 8.19
N ALA A 198 -10.66 35.79 7.33
CA ALA A 198 -11.78 36.72 7.31
C ALA A 198 -12.52 36.71 8.64
N THR A 199 -12.73 35.52 9.21
CA THR A 199 -13.39 35.43 10.52
C THR A 199 -12.56 36.13 11.59
N PHE A 200 -11.25 35.90 11.59
CA PHE A 200 -10.37 36.54 12.57
C PHE A 200 -10.47 38.07 12.48
N PHE A 201 -10.30 38.62 11.27
CA PHE A 201 -10.30 40.07 11.12
C PHE A 201 -11.67 40.65 11.42
N THR A 202 -12.74 40.01 10.94
CA THR A 202 -14.08 40.53 11.21
C THR A 202 -14.39 40.51 12.70
N GLY A 203 -14.03 39.43 13.39
CA GLY A 203 -14.28 39.36 14.82
C GLY A 203 -13.53 40.44 15.58
N PHE A 204 -12.26 40.66 15.25
CA PHE A 204 -11.50 41.68 15.96
C PHE A 204 -12.01 43.08 15.64
N ILE A 205 -12.42 43.32 14.39
CA ILE A 205 -12.97 44.63 14.04
C ILE A 205 -14.26 44.89 14.81
N VAL A 206 -15.15 43.90 14.86
CA VAL A 206 -16.40 44.04 15.60
C VAL A 206 -16.12 44.28 17.08
N GLY A 207 -15.17 43.53 17.64
CA GLY A 207 -14.85 43.71 19.05
C GLY A 207 -14.33 45.11 19.34
N PHE A 208 -13.41 45.60 18.52
CA PHE A 208 -12.87 46.94 18.74
C PHE A 208 -13.92 48.01 18.54
N THR A 209 -14.80 47.84 17.55
CA THR A 209 -15.83 48.85 17.28
C THR A 209 -16.85 48.92 18.41
N ARG A 210 -17.35 47.76 18.86
CA ARG A 210 -18.36 47.75 19.90
C ARG A 210 -17.78 48.19 21.24
N GLY A 211 -16.82 47.44 21.77
CA GLY A 211 -16.14 47.85 22.98
C GLY A 211 -14.68 47.43 23.00
N TRP A 212 -13.79 48.41 23.14
CA TRP A 212 -12.36 48.11 23.07
C TRP A 212 -11.78 47.68 24.40
N LYS A 213 -12.38 48.09 25.51
CA LYS A 213 -11.84 47.77 26.83
C LYS A 213 -11.85 46.26 27.07
N LEU A 214 -12.98 45.60 26.75
CA LEU A 214 -13.05 44.15 26.93
C LEU A 214 -12.21 43.41 25.89
N THR A 215 -12.06 43.98 24.70
CA THR A 215 -11.31 43.31 23.64
C THR A 215 -9.84 43.14 24.03
N LEU A 216 -9.27 44.14 24.70
CA LEU A 216 -7.86 44.07 25.07
C LEU A 216 -7.57 42.95 26.05
N VAL A 217 -8.49 42.71 27.00
CA VAL A 217 -8.28 41.67 28.01
C VAL A 217 -8.18 40.31 27.33
N ILE A 218 -9.08 40.02 26.40
CA ILE A 218 -9.00 38.77 25.66
C ILE A 218 -7.81 38.77 24.72
N LEU A 219 -7.42 39.95 24.22
CA LEU A 219 -6.26 40.05 23.34
C LEU A 219 -4.98 39.66 24.06
N ALA A 220 -4.89 39.98 25.34
CA ALA A 220 -3.68 39.66 26.10
C ALA A 220 -3.45 38.15 26.16
N ILE A 221 -4.51 37.38 26.37
CA ILE A 221 -4.40 35.92 26.45
C ILE A 221 -4.66 35.30 25.08
N SER A 222 -4.80 36.13 24.06
CA SER A 222 -5.05 35.61 22.71
C SER A 222 -3.95 34.69 22.19
N PRO A 223 -2.65 34.98 22.34
CA PRO A 223 -1.64 34.08 21.75
C PRO A 223 -1.73 32.63 22.19
N VAL A 224 -1.97 32.37 23.48
CA VAL A 224 -2.04 31.00 23.96
C VAL A 224 -3.29 30.32 23.41
N LEU A 225 -4.40 31.06 23.32
CA LEU A 225 -5.62 30.51 22.72
C LEU A 225 -5.36 30.12 21.27
N GLY A 226 -4.69 30.99 20.52
CA GLY A 226 -4.38 30.68 19.13
C GLY A 226 -3.46 29.50 18.99
N LEU A 227 -2.46 29.40 19.87
CA LEU A 227 -1.53 28.27 19.84
C LEU A 227 -2.26 26.96 20.12
N SER A 228 -3.13 26.95 21.14
CA SER A 228 -3.90 25.75 21.45
C SER A 228 -4.82 25.37 20.31
N ALA A 229 -5.47 26.37 19.70
CA ALA A 229 -6.34 26.11 18.56
C ALA A 229 -5.56 25.53 17.39
N ALA A 230 -4.36 26.06 17.13
CA ALA A 230 -3.54 25.54 16.04
C ALA A 230 -3.12 24.10 16.31
N VAL A 231 -2.73 23.80 17.55
CA VAL A 231 -2.33 22.43 17.88
C VAL A 231 -3.50 21.48 17.72
N TRP A 232 -4.68 21.88 18.22
CA TRP A 232 -5.85 21.02 18.09
C TRP A 232 -6.25 20.83 16.63
N ALA A 233 -6.14 21.88 15.82
CA ALA A 233 -6.45 21.76 14.40
C ALA A 233 -5.48 20.83 13.70
N LYS A 234 -4.19 20.93 14.02
CA LYS A 234 -3.20 20.04 13.41
C LYS A 234 -3.44 18.59 13.82
N ILE A 235 -3.85 18.38 15.08
CA ILE A 235 -4.21 17.02 15.52
C ILE A 235 -5.42 16.52 14.75
N LEU A 236 -6.44 17.37 14.58
CA LEU A 236 -7.66 16.97 13.89
C LEU A 236 -7.39 16.65 12.43
N SER A 237 -6.57 17.46 11.77
CA SER A 237 -6.27 17.23 10.36
C SER A 237 -5.44 15.96 10.17
N SER A 238 -4.56 15.66 11.11
CA SER A 238 -3.72 14.47 11.06
C SER A 238 -4.42 13.23 11.60
N PHE A 239 -5.75 13.23 11.61
CA PHE A 239 -6.54 12.09 12.04
C PHE A 239 -6.96 11.26 10.83
N THR A 240 -7.50 10.06 11.12
CA THR A 240 -8.04 9.10 10.16
C THR A 240 -6.98 8.44 9.27
N ASP A 241 -5.71 8.82 9.40
CA ASP A 241 -4.64 8.18 8.65
C ASP A 241 -3.86 7.26 9.58
N LYS A 242 -3.66 6.01 9.15
CA LYS A 242 -3.07 5.01 10.02
C LYS A 242 -1.57 5.23 10.14
N GLU A 243 -1.06 5.23 11.37
CA GLU A 243 0.36 5.42 11.65
C GLU A 243 1.03 4.05 11.67
N LEU A 244 1.70 3.68 10.58
CA LEU A 244 2.36 2.39 10.46
C LEU A 244 3.87 2.49 10.64
N LEU A 245 4.38 3.67 10.98
CA LEU A 245 5.83 3.82 11.17
C LEU A 245 6.32 2.96 12.33
N ALA A 246 5.58 2.93 13.43
CA ALA A 246 5.98 2.11 14.57
C ALA A 246 5.80 0.62 14.25
N TYR A 247 4.75 0.26 13.50
CA TYR A 247 4.45 -1.13 13.24
C TYR A 247 5.35 -1.74 12.17
N ALA A 248 6.02 -0.92 11.35
CA ALA A 248 6.80 -1.43 10.23
C ALA A 248 7.84 -2.47 10.66
N LYS A 249 8.39 -2.33 11.87
CA LYS A 249 9.38 -3.29 12.35
C LYS A 249 8.80 -4.70 12.41
N ALA A 250 7.64 -4.85 13.07
CA ALA A 250 6.98 -6.15 13.10
C ALA A 250 6.43 -6.54 11.75
N GLY A 251 6.03 -5.55 10.94
CA GLY A 251 5.47 -5.85 9.64
C GLY A 251 6.47 -6.51 8.72
N ALA A 252 7.73 -6.08 8.78
CA ALA A 252 8.77 -6.71 7.97
C ALA A 252 8.92 -8.18 8.32
N VAL A 253 8.97 -8.49 9.62
CA VAL A 253 9.10 -9.88 10.06
C VAL A 253 7.88 -10.68 9.64
N ALA A 254 6.68 -10.11 9.80
CA ALA A 254 5.47 -10.81 9.41
C ALA A 254 5.48 -11.10 7.91
N GLU A 255 5.87 -10.12 7.10
CA GLU A 255 5.91 -10.31 5.65
C GLU A 255 6.91 -11.40 5.27
N GLU A 256 8.11 -11.35 5.85
CA GLU A 256 9.13 -12.34 5.47
C GLU A 256 8.73 -13.74 5.91
N VAL A 257 8.10 -13.87 7.08
CA VAL A 257 7.69 -15.19 7.56
C VAL A 257 6.54 -15.74 6.72
N LEU A 258 5.52 -14.91 6.47
CA LEU A 258 4.34 -15.39 5.74
C LEU A 258 4.68 -15.68 4.28
N ALA A 259 5.54 -14.88 3.67
CA ALA A 259 5.95 -15.14 2.29
C ALA A 259 6.74 -16.44 2.19
N ALA A 260 7.59 -16.72 3.18
CA ALA A 260 8.42 -17.92 3.20
C ALA A 260 7.90 -18.94 4.21
N ILE A 261 6.57 -19.07 4.31
CA ILE A 261 5.97 -19.95 5.32
C ILE A 261 6.41 -21.40 5.10
N ARG A 262 6.70 -21.79 3.86
CA ARG A 262 7.12 -23.16 3.59
C ARG A 262 8.38 -23.50 4.36
N THR A 263 9.40 -22.64 4.30
CA THR A 263 10.65 -22.91 5.00
C THR A 263 10.46 -22.86 6.51
N VAL A 264 9.64 -21.92 6.99
CA VAL A 264 9.41 -21.81 8.44
C VAL A 264 8.77 -23.09 8.97
N ILE A 265 7.78 -23.62 8.25
CA ILE A 265 7.18 -24.89 8.64
C ILE A 265 8.19 -26.02 8.51
N ALA A 266 9.02 -25.98 7.47
CA ALA A 266 9.97 -27.07 7.22
C ALA A 266 10.97 -27.19 8.36
N PHE A 267 11.52 -26.07 8.82
CA PHE A 267 12.55 -26.10 9.85
C PHE A 267 11.99 -25.98 11.26
N GLY A 268 10.69 -25.85 11.42
CA GLY A 268 10.08 -25.82 12.74
C GLY A 268 10.51 -24.65 13.60
N GLY A 269 10.67 -23.48 12.99
CA GLY A 269 11.07 -22.30 13.72
C GLY A 269 9.93 -21.36 14.04
N GLN A 270 8.70 -21.90 14.00
CA GLN A 270 7.52 -21.06 14.16
C GLN A 270 7.48 -20.37 15.52
N LYS A 271 7.86 -21.10 16.58
CA LYS A 271 7.85 -20.50 17.91
C LYS A 271 8.84 -19.34 18.01
N LYS A 272 10.02 -19.50 17.41
CA LYS A 272 11.00 -18.41 17.41
C LYS A 272 10.48 -17.19 16.67
N GLU A 273 9.82 -17.41 15.52
CA GLU A 273 9.24 -16.29 14.78
C GLU A 273 8.16 -15.60 15.58
N LEU A 274 7.33 -16.37 16.29
CA LEU A 274 6.30 -15.76 17.15
C LEU A 274 6.94 -14.91 18.25
N GLU A 275 8.00 -15.42 18.87
CA GLU A 275 8.69 -14.66 19.89
C GLU A 275 9.25 -13.35 19.34
N ARG A 276 9.88 -13.42 18.16
CA ARG A 276 10.42 -12.22 17.54
C ARG A 276 9.30 -11.22 17.21
N TYR A 277 8.17 -11.73 16.72
CA TYR A 277 7.04 -10.85 16.39
C TYR A 277 6.50 -10.15 17.62
N ASN A 278 6.39 -10.86 18.75
CA ASN A 278 5.95 -10.22 19.99
C ASN A 278 6.94 -9.15 20.44
N LYS A 279 8.23 -9.48 20.40
CA LYS A 279 9.26 -8.50 20.76
C LYS A 279 9.13 -7.23 19.94
N ASN A 280 8.81 -7.38 18.64
CA ASN A 280 8.60 -6.20 17.81
C ASN A 280 7.29 -5.49 18.11
N LEU A 281 6.25 -6.24 18.47
CA LEU A 281 4.92 -5.65 18.69
C LEU A 281 4.91 -4.71 19.89
N GLU A 282 5.72 -5.01 20.91
CA GLU A 282 5.69 -4.21 22.13
C GLU A 282 5.89 -2.72 21.86
N GLU A 283 6.87 -2.39 21.00
CA GLU A 283 7.17 -0.99 20.72
C GLU A 283 6.00 -0.27 20.06
N ALA A 284 5.35 -0.93 19.10
CA ALA A 284 4.19 -0.34 18.45
C ALA A 284 3.07 -0.10 19.44
N LYS A 285 2.88 -1.03 20.39
CA LYS A 285 1.87 -0.82 21.42
C LYS A 285 2.17 0.44 22.22
N ARG A 286 3.43 0.60 22.63
CA ARG A 286 3.80 1.80 23.39
C ARG A 286 3.54 3.08 22.59
N ILE A 287 3.90 3.06 21.31
CA ILE A 287 3.73 4.24 20.47
C ILE A 287 2.25 4.61 20.35
N GLY A 288 1.39 3.60 20.14
CA GLY A 288 -0.04 3.87 20.05
C GLY A 288 -0.60 4.47 21.34
N ILE A 289 -0.18 3.92 22.48
CA ILE A 289 -0.63 4.48 23.76
C ILE A 289 -0.24 5.96 23.86
N LYS A 290 1.00 6.27 23.52
CA LYS A 290 1.46 7.65 23.63
C LYS A 290 0.67 8.57 22.69
N LYS A 291 0.40 8.10 21.47
CA LYS A 291 -0.34 8.92 20.52
C LYS A 291 -1.74 9.25 21.05
N ALA A 292 -2.44 8.24 21.58
CA ALA A 292 -3.78 8.49 22.10
C ALA A 292 -3.74 9.47 23.26
N ILE A 293 -2.77 9.32 24.16
CA ILE A 293 -2.66 10.23 25.29
C ILE A 293 -2.43 11.65 24.80
N THR A 294 -1.55 11.84 23.83
CA THR A 294 -1.26 13.19 23.34
C THR A 294 -2.49 13.83 22.71
N ALA A 295 -3.23 13.07 21.90
CA ALA A 295 -4.41 13.64 21.25
C ALA A 295 -5.44 14.09 22.28
N ASN A 296 -5.72 13.24 23.27
CA ASN A 296 -6.71 13.61 24.28
C ASN A 296 -6.22 14.79 25.12
N ILE A 297 -4.93 14.85 25.41
CA ILE A 297 -4.39 16.00 26.15
C ILE A 297 -4.60 17.28 25.37
N SER A 298 -4.35 17.24 24.06
CA SER A 298 -4.51 18.44 23.24
C SER A 298 -5.96 18.93 23.27
N ILE A 299 -6.92 18.03 23.06
CA ILE A 299 -8.31 18.48 23.02
C ILE A 299 -8.76 18.97 24.40
N GLY A 300 -8.29 18.30 25.46
CA GLY A 300 -8.63 18.76 26.80
C GLY A 300 -8.09 20.13 27.11
N ALA A 301 -6.85 20.41 26.67
CA ALA A 301 -6.28 21.74 26.87
C ALA A 301 -7.07 22.79 26.11
N ALA A 302 -7.50 22.47 24.89
CA ALA A 302 -8.32 23.41 24.13
C ALA A 302 -9.59 23.77 24.89
N PHE A 303 -10.31 22.74 25.38
CA PHE A 303 -11.56 23.01 26.10
C PHE A 303 -11.31 23.74 27.42
N LEU A 304 -10.24 23.40 28.12
CA LEU A 304 -9.90 24.10 29.35
C LEU A 304 -9.67 25.58 29.10
N LEU A 305 -8.93 25.91 28.05
CA LEU A 305 -8.70 27.31 27.72
C LEU A 305 -10.00 28.01 27.34
N ILE A 306 -10.88 27.32 26.61
CA ILE A 306 -12.17 27.91 26.26
C ILE A 306 -12.94 28.30 27.52
N TYR A 307 -13.05 27.37 28.47
CA TYR A 307 -13.85 27.66 29.66
C TYR A 307 -13.18 28.67 30.59
N ALA A 308 -11.85 28.66 30.69
CA ALA A 308 -11.17 29.67 31.47
C ALA A 308 -11.37 31.06 30.89
N SER A 309 -11.32 31.17 29.56
CA SER A 309 -11.63 32.44 28.91
C SER A 309 -13.06 32.86 29.18
N TYR A 310 -14.00 31.91 29.15
CA TYR A 310 -15.37 32.20 29.54
C TYR A 310 -15.43 32.85 30.91
N ALA A 311 -14.76 32.21 31.89
CA ALA A 311 -14.83 32.70 33.27
C ALA A 311 -14.24 34.10 33.40
N LEU A 312 -13.04 34.31 32.86
CA LEU A 312 -12.39 35.61 32.97
C LEU A 312 -13.20 36.70 32.28
N ALA A 313 -13.68 36.41 31.06
CA ALA A 313 -14.43 37.40 30.31
C ALA A 313 -15.73 37.75 31.01
N PHE A 314 -16.41 36.76 31.59
CA PHE A 314 -17.67 37.05 32.27
C PHE A 314 -17.43 37.82 33.57
N TRP A 315 -16.34 37.53 34.29
CA TRP A 315 -16.02 38.31 35.48
C TRP A 315 -15.81 39.78 35.12
N TYR A 316 -14.96 40.04 34.11
CA TYR A 316 -14.71 41.42 33.71
C TYR A 316 -15.97 42.06 33.13
N GLY A 317 -16.79 41.30 32.43
CA GLY A 317 -18.03 41.84 31.89
C GLY A 317 -19.02 42.23 32.96
N THR A 318 -19.12 41.43 34.01
CA THR A 318 -19.95 41.82 35.15
C THR A 318 -19.42 43.09 35.80
N THR A 319 -18.09 43.18 35.95
CA THR A 319 -17.51 44.40 36.51
C THR A 319 -17.88 45.62 35.66
N LEU A 320 -17.83 45.48 34.34
CA LEU A 320 -18.17 46.59 33.46
C LEU A 320 -19.66 46.92 33.53
N VAL A 321 -20.52 45.90 33.47
CA VAL A 321 -21.96 46.11 33.40
C VAL A 321 -22.47 46.77 34.67
N LEU A 322 -21.98 46.33 35.83
CA LEU A 322 -22.40 46.94 37.09
C LEU A 322 -22.06 48.42 37.12
N SER A 323 -20.90 48.80 36.57
CA SER A 323 -20.55 50.21 36.47
C SER A 323 -21.50 50.94 35.53
N GLY A 324 -21.84 50.33 34.40
CA GLY A 324 -22.73 50.94 33.42
C GLY A 324 -22.09 51.28 32.10
N GLU A 325 -20.78 51.02 31.94
CA GLU A 325 -20.12 51.33 30.68
C GLU A 325 -20.68 50.49 29.54
N TYR A 326 -20.95 49.21 29.79
CA TYR A 326 -21.39 48.26 28.79
C TYR A 326 -22.83 47.85 29.05
N SER A 327 -23.31 46.90 28.25
CA SER A 327 -24.57 46.21 28.49
C SER A 327 -24.32 44.72 28.30
N ILE A 328 -25.25 43.91 28.81
CA ILE A 328 -25.08 42.46 28.73
C ILE A 328 -24.97 42.02 27.27
N GLY A 329 -25.78 42.61 26.40
CA GLY A 329 -25.69 42.31 24.99
C GLY A 329 -24.36 42.73 24.38
N GLN A 330 -23.87 43.91 24.78
CA GLN A 330 -22.57 44.38 24.28
C GLN A 330 -21.45 43.47 24.76
N VAL A 331 -21.50 43.04 26.03
CA VAL A 331 -20.49 42.13 26.54
C VAL A 331 -20.53 40.82 25.77
N LEU A 332 -21.73 40.29 25.54
CA LEU A 332 -21.85 39.05 24.77
C LEU A 332 -21.25 39.23 23.37
N THR A 333 -21.60 40.32 22.70
CA THR A 333 -21.12 40.55 21.34
C THR A 333 -19.59 40.63 21.31
N VAL A 334 -19.00 41.48 22.16
CA VAL A 334 -17.56 41.67 22.14
C VAL A 334 -16.85 40.37 22.48
N PHE A 335 -17.26 39.72 23.57
CA PHE A 335 -16.58 38.52 24.02
C PHE A 335 -16.67 37.41 22.98
N PHE A 336 -17.88 37.12 22.49
CA PHE A 336 -18.04 36.04 21.52
C PHE A 336 -17.27 36.34 20.23
N SER A 337 -17.36 37.57 19.73
CA SER A 337 -16.68 37.91 18.49
C SER A 337 -15.17 37.77 18.62
N VAL A 338 -14.60 38.33 19.70
CA VAL A 338 -13.15 38.28 19.86
C VAL A 338 -12.69 36.84 20.10
N LEU A 339 -13.45 36.06 20.87
CA LEU A 339 -13.06 34.68 21.13
C LEU A 339 -13.11 33.84 19.86
N ILE A 340 -14.15 34.01 19.04
CA ILE A 340 -14.24 33.28 17.78
C ILE A 340 -13.09 33.69 16.87
N GLY A 341 -12.78 34.99 16.82
CA GLY A 341 -11.66 35.43 16.01
C GLY A 341 -10.34 34.82 16.46
N ALA A 342 -10.10 34.84 17.77
CA ALA A 342 -8.85 34.30 18.30
C ALA A 342 -8.72 32.80 18.03
N PHE A 343 -9.81 32.05 18.23
CA PHE A 343 -9.75 30.61 18.01
C PHE A 343 -9.85 30.24 16.54
N SER A 344 -10.17 31.18 15.65
CA SER A 344 -10.25 30.89 14.24
C SER A 344 -8.92 31.05 13.51
N VAL A 345 -7.98 31.83 14.07
CA VAL A 345 -6.68 32.00 13.42
C VAL A 345 -5.89 30.69 13.44
N GLY A 346 -6.17 29.79 14.38
CA GLY A 346 -5.53 28.50 14.37
C GLY A 346 -6.14 27.48 13.43
N GLN A 347 -7.39 27.70 13.03
CA GLN A 347 -8.04 26.81 12.08
C GLN A 347 -7.37 26.85 10.70
N ALA A 348 -6.65 27.93 10.40
CA ALA A 348 -5.95 28.07 9.13
C ALA A 348 -4.55 27.47 9.16
N SER A 349 -4.09 26.99 10.32
CA SER A 349 -2.74 26.43 10.41
C SER A 349 -2.51 25.23 9.50
N PRO A 350 -3.41 24.23 9.42
CA PRO A 350 -3.16 23.11 8.51
C PRO A 350 -3.03 23.52 7.06
N SER A 351 -3.73 24.56 6.63
CA SER A 351 -3.69 24.97 5.23
C SER A 351 -2.30 25.44 4.81
N ILE A 352 -1.62 26.19 5.68
CA ILE A 352 -0.28 26.69 5.35
C ILE A 352 0.69 25.54 5.19
N GLU A 353 0.66 24.59 6.14
CA GLU A 353 1.53 23.43 6.04
C GLU A 353 1.22 22.59 4.82
N ALA A 354 -0.07 22.44 4.49
CA ALA A 354 -0.46 21.70 3.30
C ALA A 354 0.06 22.37 2.04
N PHE A 355 -0.02 23.71 1.98
CA PHE A 355 0.48 24.43 0.82
C PHE A 355 1.99 24.27 0.68
N ALA A 356 2.72 24.38 1.79
CA ALA A 356 4.17 24.19 1.73
C ALA A 356 4.52 22.78 1.28
N ASN A 357 3.84 21.77 1.82
CA ASN A 357 4.10 20.40 1.41
C ASN A 357 3.72 20.16 -0.05
N ALA A 358 2.67 20.83 -0.53
CA ALA A 358 2.29 20.72 -1.94
C ALA A 358 3.39 21.29 -2.83
N ARG A 359 3.96 22.45 -2.45
CA ARG A 359 5.07 23.00 -3.22
C ARG A 359 6.27 22.06 -3.20
N GLY A 360 6.60 21.52 -2.03
CA GLY A 360 7.73 20.61 -1.93
C GLY A 360 7.55 19.36 -2.78
N ALA A 361 6.34 18.80 -2.79
CA ALA A 361 6.10 17.59 -3.58
C ALA A 361 6.03 17.91 -5.07
N ALA A 362 5.56 19.12 -5.42
CA ALA A 362 5.45 19.52 -6.82
C ALA A 362 6.79 19.90 -7.44
N TYR A 363 7.79 20.22 -6.61
CA TYR A 363 9.10 20.57 -7.16
C TYR A 363 9.66 19.47 -8.04
N GLU A 364 9.72 18.23 -7.54
CA GLU A 364 10.29 17.13 -8.31
C GLU A 364 9.44 16.83 -9.54
N ILE A 365 8.13 16.87 -9.40
CA ILE A 365 7.24 16.57 -10.52
C ILE A 365 7.45 17.57 -11.65
N PHE A 366 7.56 18.86 -11.30
CA PHE A 366 7.84 19.86 -12.33
C PHE A 366 9.25 19.72 -12.88
N LYS A 367 10.21 19.27 -12.07
CA LYS A 367 11.56 19.02 -12.56
C LYS A 367 11.55 17.95 -13.65
N ILE A 368 10.80 16.87 -13.44
CA ILE A 368 10.73 15.81 -14.43
C ILE A 368 10.04 16.32 -15.70
N ILE A 369 9.04 17.19 -15.55
CA ILE A 369 8.25 17.64 -16.70
C ILE A 369 9.12 18.40 -17.70
N ASP A 370 9.97 19.30 -17.21
CA ASP A 370 10.76 20.17 -18.08
C ASP A 370 12.15 19.60 -18.35
N ASN A 371 12.31 18.29 -18.37
CA ASN A 371 13.58 17.64 -18.68
C ASN A 371 13.50 17.06 -20.09
N LYS A 372 14.51 17.35 -20.91
CA LYS A 372 14.51 16.95 -22.31
C LYS A 372 15.48 15.80 -22.53
N PRO A 373 14.99 14.58 -22.80
CA PRO A 373 15.91 13.49 -23.13
C PRO A 373 16.58 13.71 -24.48
N SER A 374 17.79 13.17 -24.61
CA SER A 374 18.53 13.30 -25.86
C SER A 374 18.00 12.35 -26.93
N ILE A 375 17.59 11.14 -26.55
CA ILE A 375 17.17 10.12 -27.50
C ILE A 375 15.72 9.73 -27.25
N ASP A 376 14.91 10.69 -26.82
CA ASP A 376 13.52 10.41 -26.48
C ASP A 376 12.77 9.83 -27.68
N SER A 377 11.90 8.86 -27.40
CA SER A 377 11.14 8.21 -28.47
C SER A 377 10.21 9.18 -29.18
N TYR A 378 9.71 10.19 -28.47
CA TYR A 378 8.83 11.18 -29.11
C TYR A 378 9.59 12.01 -30.14
N SER A 379 10.59 12.77 -29.68
CA SER A 379 11.42 13.60 -30.53
C SER A 379 10.60 14.41 -31.54
N LYS A 380 11.10 14.52 -32.77
CA LYS A 380 10.35 15.19 -33.83
C LYS A 380 10.85 14.62 -35.17
N SER A 381 10.08 13.69 -35.74
CA SER A 381 10.41 13.06 -37.02
C SER A 381 11.82 12.50 -37.02
N GLY A 382 12.64 12.93 -37.97
CA GLY A 382 14.01 12.47 -38.09
C GLY A 382 14.26 11.80 -39.43
N HIS A 383 15.51 11.40 -39.62
CA HIS A 383 15.90 10.71 -40.84
C HIS A 383 15.24 9.33 -40.91
N LYS A 384 14.73 8.99 -42.10
CA LYS A 384 13.99 7.74 -42.25
C LYS A 384 14.10 7.22 -43.67
N PRO A 385 14.84 6.14 -43.89
CA PRO A 385 14.97 5.58 -45.24
C PRO A 385 13.72 4.85 -45.68
N ASP A 386 13.60 4.67 -47.00
CA ASP A 386 12.45 3.97 -47.56
C ASP A 386 12.63 2.46 -47.50
N ASN A 387 13.68 1.95 -48.15
CA ASN A 387 13.96 0.51 -48.21
C ASN A 387 15.34 0.29 -47.61
N ILE A 388 15.38 -0.14 -46.34
CA ILE A 388 16.63 -0.40 -45.65
C ILE A 388 16.98 -1.87 -45.82
N LYS A 389 18.03 -2.15 -46.60
CA LYS A 389 18.43 -3.52 -46.85
C LYS A 389 18.89 -4.21 -45.58
N GLY A 390 19.69 -3.52 -44.76
CA GLY A 390 20.17 -4.10 -43.51
C GLY A 390 21.64 -4.48 -43.57
N ASN A 391 22.50 -3.64 -42.98
CA ASN A 391 23.94 -3.91 -42.95
C ASN A 391 24.46 -3.31 -41.64
N LEU A 392 24.58 -4.13 -40.61
CA LEU A 392 25.03 -3.67 -39.31
C LEU A 392 26.50 -3.28 -39.36
N GLU A 393 26.89 -2.40 -38.43
CA GLU A 393 28.25 -1.88 -38.40
C GLU A 393 28.59 -1.46 -36.98
N PHE A 394 29.59 -2.12 -36.39
CA PHE A 394 30.21 -1.68 -35.16
C PHE A 394 31.64 -1.23 -35.47
N ARG A 395 32.05 -0.12 -34.86
CA ARG A 395 33.38 0.42 -35.13
C ARG A 395 33.83 1.23 -33.92
N ASN A 396 34.87 0.74 -33.24
CA ASN A 396 35.48 1.43 -32.11
C ASN A 396 34.45 1.76 -31.02
N VAL A 397 33.58 0.79 -30.74
CA VAL A 397 32.50 1.00 -29.78
C VAL A 397 33.06 0.95 -28.36
N HIS A 398 33.21 2.12 -27.74
CA HIS A 398 33.59 2.22 -26.34
C HIS A 398 32.35 2.60 -25.54
N PHE A 399 32.01 1.76 -24.56
CA PHE A 399 30.75 1.93 -23.83
C PHE A 399 30.99 1.77 -22.33
N SER A 400 30.23 2.53 -21.55
CA SER A 400 30.21 2.40 -20.10
C SER A 400 28.80 2.68 -19.61
N TYR A 401 28.40 1.96 -18.57
CA TYR A 401 27.07 2.15 -18.00
C TYR A 401 27.01 3.50 -17.28
N PRO A 402 25.93 4.27 -17.47
CA PRO A 402 25.86 5.61 -16.86
C PRO A 402 25.97 5.60 -15.35
N SER A 403 25.46 4.56 -14.68
CA SER A 403 25.50 4.54 -13.22
C SER A 403 26.93 4.39 -12.70
N ARG A 404 27.76 3.62 -13.40
CA ARG A 404 29.13 3.33 -12.99
C ARG A 404 30.09 3.58 -14.15
N LYS A 405 29.99 4.77 -14.76
CA LYS A 405 30.78 5.09 -15.93
C LYS A 405 32.28 5.09 -15.65
N GLU A 406 32.69 5.13 -14.38
CA GLU A 406 34.11 5.10 -14.05
C GLU A 406 34.76 3.81 -14.53
N VAL A 407 34.01 2.71 -14.58
CA VAL A 407 34.49 1.47 -15.16
C VAL A 407 33.92 1.34 -16.57
N LYS A 408 34.60 0.55 -17.40
CA LYS A 408 34.19 0.36 -18.78
C LYS A 408 34.11 -1.13 -19.09
N ILE A 409 33.22 -1.46 -20.04
CA ILE A 409 32.97 -2.86 -20.40
C ILE A 409 33.37 -3.08 -21.86
N LEU A 410 33.25 -2.05 -22.68
CA LEU A 410 33.52 -2.14 -24.10
C LEU A 410 34.77 -1.38 -24.46
N LYS A 411 35.61 -1.99 -25.31
CA LYS A 411 36.91 -1.43 -25.66
C LYS A 411 37.19 -1.59 -27.15
N GLY A 412 36.19 -1.33 -27.99
CA GLY A 412 36.43 -1.32 -29.42
C GLY A 412 35.79 -2.45 -30.22
N LEU A 413 34.59 -2.86 -29.84
CA LEU A 413 33.87 -3.88 -30.59
C LEU A 413 33.65 -3.44 -32.02
N ASN A 414 33.88 -4.35 -32.97
CA ASN A 414 33.66 -4.06 -34.38
C ASN A 414 33.17 -5.31 -35.08
N LEU A 415 32.08 -5.18 -35.84
CA LEU A 415 31.49 -6.28 -36.59
C LEU A 415 31.17 -5.81 -38.00
N LYS A 416 31.09 -6.79 -38.91
CA LYS A 416 30.80 -6.53 -40.32
C LYS A 416 29.78 -7.54 -40.84
N VAL A 417 28.72 -7.75 -40.08
CA VAL A 417 27.66 -8.66 -40.49
C VAL A 417 26.77 -7.96 -41.52
N GLN A 418 26.54 -8.64 -42.64
CA GLN A 418 25.72 -8.11 -43.71
C GLN A 418 24.34 -8.77 -43.70
N SER A 419 23.53 -8.46 -44.70
CA SER A 419 22.18 -8.99 -44.77
C SER A 419 22.20 -10.51 -44.93
N GLY A 420 21.30 -11.18 -44.22
CA GLY A 420 21.13 -12.61 -44.34
C GLY A 420 22.07 -13.45 -43.51
N GLN A 421 22.96 -12.84 -42.73
CA GLN A 421 23.91 -13.61 -41.94
C GLN A 421 23.35 -13.85 -40.54
N THR A 422 24.18 -14.42 -39.66
CA THR A 422 23.80 -14.74 -38.30
C THR A 422 25.03 -14.64 -37.42
N VAL A 423 24.91 -13.95 -36.29
CA VAL A 423 26.03 -13.69 -35.39
C VAL A 423 25.73 -14.32 -34.04
N ALA A 424 26.71 -15.02 -33.49
CA ALA A 424 26.61 -15.62 -32.17
C ALA A 424 27.72 -15.06 -31.27
N LEU A 425 27.41 -14.92 -29.98
CA LEU A 425 28.34 -14.38 -29.00
C LEU A 425 28.65 -15.44 -27.96
N VAL A 426 29.94 -15.66 -27.71
CA VAL A 426 30.40 -16.63 -26.72
C VAL A 426 31.43 -15.94 -25.82
N GLY A 427 31.39 -16.28 -24.54
CA GLY A 427 32.32 -15.69 -23.60
C GLY A 427 31.93 -16.03 -22.17
N ASN A 428 32.74 -15.52 -21.25
CA ASN A 428 32.51 -15.73 -19.83
C ASN A 428 31.38 -14.81 -19.34
N SER A 429 31.00 -14.99 -18.08
CA SER A 429 29.94 -14.21 -17.46
C SER A 429 30.54 -12.94 -16.88
N GLY A 430 30.30 -11.81 -17.53
CA GLY A 430 30.80 -10.55 -17.05
C GLY A 430 31.48 -9.71 -18.12
N CYS A 431 31.59 -10.27 -19.33
CA CYS A 431 32.24 -9.54 -20.43
C CYS A 431 31.30 -8.54 -21.10
N GLY A 432 30.00 -8.63 -20.86
CA GLY A 432 29.06 -7.71 -21.45
C GLY A 432 28.45 -8.18 -22.75
N LYS A 433 27.88 -9.38 -22.75
CA LYS A 433 27.24 -9.93 -23.94
C LYS A 433 25.87 -9.33 -24.21
N SER A 434 25.26 -8.65 -23.24
CA SER A 434 23.99 -7.98 -23.45
C SER A 434 24.12 -6.48 -23.61
N THR A 435 25.30 -5.92 -23.32
CA THR A 435 25.50 -4.49 -23.53
C THR A 435 25.38 -4.13 -25.00
N THR A 436 25.98 -4.93 -25.88
CA THR A 436 25.83 -4.70 -27.32
C THR A 436 24.39 -4.91 -27.76
N VAL A 437 23.69 -5.88 -27.15
CA VAL A 437 22.29 -6.12 -27.48
C VAL A 437 21.45 -4.89 -27.17
N GLN A 438 21.67 -4.28 -26.00
CA GLN A 438 20.94 -3.06 -25.66
C GLN A 438 21.40 -1.88 -26.50
N LEU A 439 22.67 -1.84 -26.88
CA LEU A 439 23.19 -0.71 -27.64
C LEU A 439 22.68 -0.70 -29.08
N MET A 440 22.40 -1.89 -29.64
CA MET A 440 22.00 -1.97 -31.05
C MET A 440 20.72 -1.18 -31.30
N GLN A 441 19.71 -1.34 -30.43
CA GLN A 441 18.44 -0.66 -30.62
C GLN A 441 18.40 0.70 -29.93
N ARG A 442 19.55 1.33 -29.72
CA ARG A 442 19.65 2.69 -29.19
C ARG A 442 18.98 2.82 -27.83
N LEU A 443 19.19 1.83 -26.96
CA LEU A 443 18.82 2.00 -25.56
C LEU A 443 19.81 2.87 -24.80
N TYR A 444 20.96 3.17 -25.39
CA TYR A 444 21.98 4.01 -24.79
C TYR A 444 22.70 4.75 -25.90
N ASP A 445 23.85 5.35 -25.56
CA ASP A 445 24.70 6.03 -26.53
C ASP A 445 26.16 5.68 -26.27
N PRO A 446 26.88 5.18 -27.28
CA PRO A 446 28.30 4.86 -27.08
C PRO A 446 29.11 6.11 -26.80
N THR A 447 30.02 6.01 -25.84
CA THR A 447 30.87 7.14 -25.48
C THR A 447 31.78 7.53 -26.64
N GLU A 448 32.39 6.53 -27.29
CA GLU A 448 33.25 6.76 -28.45
C GLU A 448 32.92 5.74 -29.53
N GLY A 449 33.20 6.11 -30.77
CA GLY A 449 32.87 5.28 -31.91
C GLY A 449 31.49 5.56 -32.45
N MET A 450 31.10 4.75 -33.43
CA MET A 450 29.80 4.92 -34.07
C MET A 450 29.24 3.56 -34.45
N VAL A 451 27.92 3.51 -34.59
CA VAL A 451 27.19 2.34 -35.06
C VAL A 451 26.38 2.74 -36.27
N SER A 452 26.51 1.99 -37.36
CA SER A 452 25.83 2.31 -38.61
C SER A 452 25.03 1.11 -39.09
N VAL A 453 23.92 1.40 -39.77
CA VAL A 453 23.08 0.39 -40.40
C VAL A 453 22.75 0.86 -41.81
N ASP A 454 23.05 0.01 -42.80
CA ASP A 454 22.78 0.31 -44.21
C ASP A 454 23.44 1.62 -44.64
N GLY A 455 24.67 1.85 -44.16
CA GLY A 455 25.41 3.04 -44.54
C GLY A 455 25.25 4.20 -43.57
N GLN A 456 24.02 4.69 -43.41
CA GLN A 456 23.79 5.83 -42.54
C GLN A 456 23.99 5.44 -41.08
N ASP A 457 24.50 6.39 -40.30
CA ASP A 457 24.70 6.15 -38.87
C ASP A 457 23.38 6.13 -38.13
N ILE A 458 23.32 5.29 -37.08
CA ILE A 458 22.11 5.20 -36.27
C ILE A 458 21.83 6.51 -35.55
N ARG A 459 22.88 7.28 -35.24
CA ARG A 459 22.70 8.51 -34.48
C ARG A 459 21.79 9.50 -35.20
N THR A 460 21.74 9.46 -36.52
CA THR A 460 20.83 10.30 -37.30
C THR A 460 19.82 9.38 -37.95
N ILE A 461 18.78 9.02 -37.19
CA ILE A 461 17.73 8.11 -37.64
C ILE A 461 16.50 8.39 -36.78
N ASN A 462 15.33 8.31 -37.39
CA ASN A 462 14.09 8.46 -36.64
C ASN A 462 14.00 7.36 -35.58
N VAL A 463 13.80 7.76 -34.32
CA VAL A 463 13.88 6.81 -33.21
C VAL A 463 12.79 5.75 -33.34
N ARG A 464 11.57 6.16 -33.67
CA ARG A 464 10.48 5.21 -33.77
C ARG A 464 10.72 4.20 -34.90
N PHE A 465 11.24 4.67 -36.03
CA PHE A 465 11.51 3.76 -37.14
C PHE A 465 12.54 2.69 -36.76
N LEU A 466 13.62 3.11 -36.09
CA LEU A 466 14.66 2.17 -35.71
C LEU A 466 14.13 1.11 -34.76
N ARG A 467 13.47 1.52 -33.69
CA ARG A 467 12.93 0.55 -32.75
C ARG A 467 11.78 -0.25 -33.35
N GLU A 468 11.17 0.24 -34.43
CA GLU A 468 10.14 -0.52 -35.12
C GLU A 468 10.75 -1.63 -35.97
N ILE A 469 11.92 -1.37 -36.59
CA ILE A 469 12.54 -2.38 -37.43
C ILE A 469 13.41 -3.36 -36.66
N ILE A 470 13.58 -3.15 -35.35
CA ILE A 470 14.42 -4.01 -34.52
C ILE A 470 13.50 -4.80 -33.60
N GLY A 471 13.26 -6.07 -33.95
CA GLY A 471 12.53 -6.97 -33.08
C GLY A 471 13.49 -7.69 -32.14
N VAL A 472 13.07 -7.80 -30.87
CA VAL A 472 13.93 -8.36 -29.83
C VAL A 472 13.14 -9.30 -28.94
N VAL A 473 13.83 -10.32 -28.42
CA VAL A 473 13.30 -11.21 -27.40
C VAL A 473 14.34 -11.28 -26.29
N SER A 474 13.86 -11.61 -25.08
CA SER A 474 14.73 -11.67 -23.91
C SER A 474 14.43 -12.97 -23.16
N GLN A 475 15.06 -13.12 -21.99
CA GLN A 475 14.87 -14.34 -21.20
C GLN A 475 13.46 -14.40 -20.61
N GLU A 476 13.06 -13.36 -19.89
CA GLU A 476 11.76 -13.35 -19.25
C GLU A 476 10.68 -12.95 -20.25
N PRO A 477 9.70 -13.81 -20.52
CA PRO A 477 8.59 -13.45 -21.42
C PRO A 477 7.49 -12.69 -20.69
N VAL A 478 7.73 -11.40 -20.46
CA VAL A 478 6.79 -10.57 -19.74
C VAL A 478 5.52 -10.40 -20.55
N LEU A 479 4.38 -10.64 -19.92
CA LEU A 479 3.07 -10.52 -20.56
C LEU A 479 2.23 -9.49 -19.82
N PHE A 480 1.35 -8.83 -20.57
CA PHE A 480 0.47 -7.81 -20.01
C PHE A 480 -0.83 -8.43 -19.53
N ALA A 481 -1.57 -7.65 -18.73
CA ALA A 481 -2.80 -8.14 -18.11
C ALA A 481 -3.90 -8.43 -19.13
N THR A 482 -3.82 -7.83 -20.32
CA THR A 482 -4.86 -8.01 -21.32
C THR A 482 -4.79 -9.44 -21.89
N THR A 483 -5.71 -9.73 -22.82
CA THR A 483 -5.84 -11.07 -23.37
C THR A 483 -4.62 -11.41 -24.22
N ILE A 484 -4.51 -12.70 -24.56
CA ILE A 484 -3.41 -13.16 -25.41
C ILE A 484 -3.47 -12.47 -26.76
N ALA A 485 -4.67 -12.40 -27.35
CA ALA A 485 -4.82 -11.67 -28.61
C ALA A 485 -4.51 -10.19 -28.44
N GLU A 486 -4.92 -9.61 -27.30
CA GLU A 486 -4.60 -8.21 -27.05
C GLU A 486 -3.10 -8.02 -26.84
N ASN A 487 -2.43 -8.97 -26.17
CA ASN A 487 -0.99 -8.90 -26.05
C ASN A 487 -0.32 -8.97 -27.41
N ILE A 488 -0.83 -9.81 -28.31
CA ILE A 488 -0.31 -9.88 -29.67
C ILE A 488 -0.50 -8.57 -30.39
N ARG A 489 -1.70 -7.96 -30.25
CA ARG A 489 -1.97 -6.68 -30.90
C ARG A 489 -1.10 -5.58 -30.33
N TYR A 490 -0.67 -5.71 -29.07
CA TYR A 490 0.14 -4.67 -28.45
C TYR A 490 1.42 -4.39 -29.23
N GLY A 491 1.95 -5.39 -29.93
CA GLY A 491 3.15 -5.18 -30.72
C GLY A 491 2.92 -4.19 -31.85
N ARG A 492 1.83 -4.35 -32.59
CA ARG A 492 1.47 -3.44 -33.67
C ARG A 492 -0.04 -3.30 -33.70
N GLU A 493 -0.52 -2.06 -33.56
CA GLU A 493 -1.96 -1.83 -33.40
C GLU A 493 -2.72 -2.15 -34.68
N ASN A 494 -2.25 -1.65 -35.82
CA ASN A 494 -2.97 -1.78 -37.08
C ASN A 494 -2.75 -3.17 -37.70
N VAL A 495 -3.22 -4.18 -36.98
CA VAL A 495 -3.10 -5.57 -37.39
C VAL A 495 -4.46 -6.24 -37.23
N THR A 496 -4.87 -7.01 -38.25
CA THR A 496 -6.13 -7.73 -38.21
C THR A 496 -5.91 -9.13 -37.64
N MET A 497 -6.99 -9.90 -37.53
CA MET A 497 -6.90 -11.25 -37.00
C MET A 497 -6.11 -12.17 -37.92
N ASP A 498 -6.11 -11.90 -39.22
CA ASP A 498 -5.43 -12.78 -40.17
C ASP A 498 -3.93 -12.82 -39.92
N GLU A 499 -3.31 -11.66 -39.74
CA GLU A 499 -1.88 -11.63 -39.48
C GLU A 499 -1.54 -12.23 -38.13
N ILE A 500 -2.42 -12.05 -37.13
CA ILE A 500 -2.22 -12.70 -35.84
C ILE A 500 -2.23 -14.21 -36.00
N GLU A 501 -3.19 -14.74 -36.78
CA GLU A 501 -3.23 -16.17 -37.04
C GLU A 501 -1.96 -16.63 -37.74
N LYS A 502 -1.49 -15.85 -38.72
CA LYS A 502 -0.26 -16.21 -39.42
C LYS A 502 0.92 -16.28 -38.46
N ALA A 503 1.05 -15.28 -37.59
CA ALA A 503 2.16 -15.27 -36.64
C ALA A 503 2.07 -16.43 -35.65
N VAL A 504 0.87 -16.74 -35.18
CA VAL A 504 0.70 -17.86 -34.27
C VAL A 504 1.04 -19.17 -34.96
N LYS A 505 0.68 -19.30 -36.24
CA LYS A 505 1.09 -20.47 -37.02
C LYS A 505 2.60 -20.57 -37.12
N GLU A 506 3.27 -19.43 -37.33
CA GLU A 506 4.72 -19.44 -37.42
C GLU A 506 5.37 -19.93 -36.12
N ALA A 507 4.87 -19.47 -34.98
CA ALA A 507 5.34 -19.95 -33.69
C ALA A 507 4.61 -21.26 -33.36
N ASN A 508 4.76 -21.74 -32.12
CA ASN A 508 4.07 -22.94 -31.68
C ASN A 508 3.05 -22.54 -30.62
N ALA A 509 1.90 -22.07 -31.11
CA ALA A 509 0.75 -21.78 -30.25
C ALA A 509 -0.58 -22.20 -30.87
N TYR A 510 -0.64 -22.50 -32.16
CA TYR A 510 -1.90 -22.79 -32.84
C TYR A 510 -2.55 -24.09 -32.38
N ASP A 511 -1.96 -24.78 -31.41
CA ASP A 511 -2.60 -25.90 -30.73
C ASP A 511 -2.71 -25.69 -29.24
N PHE A 512 -1.69 -25.11 -28.62
CA PHE A 512 -1.72 -24.86 -27.18
C PHE A 512 -2.82 -23.88 -26.81
N ILE A 513 -3.00 -22.81 -27.59
CA ILE A 513 -4.05 -21.86 -27.26
C ILE A 513 -5.40 -22.31 -27.78
N MET A 514 -5.44 -23.16 -28.82
CA MET A 514 -6.71 -23.66 -29.30
C MET A 514 -7.31 -24.68 -28.34
N LYS A 515 -6.46 -25.50 -27.71
CA LYS A 515 -6.97 -26.43 -26.70
C LYS A 515 -7.42 -25.70 -25.45
N LEU A 516 -6.85 -24.53 -25.17
CA LEU A 516 -7.27 -23.75 -24.02
C LEU A 516 -8.62 -23.10 -24.28
N PRO A 517 -9.39 -22.83 -23.23
CA PRO A 517 -10.69 -22.14 -23.40
C PRO A 517 -10.50 -20.71 -23.89
N HIS A 518 -11.56 -20.21 -24.53
CA HIS A 518 -11.67 -18.84 -25.04
C HIS A 518 -10.75 -18.57 -26.22
N LYS A 519 -10.05 -19.58 -26.73
CA LYS A 519 -9.23 -19.52 -27.95
C LYS A 519 -8.29 -18.31 -27.87
N PHE A 520 -8.27 -17.44 -28.88
CA PHE A 520 -7.32 -16.33 -28.92
C PHE A 520 -7.56 -15.34 -27.79
N ASP A 521 -8.83 -15.06 -27.48
CA ASP A 521 -9.18 -14.04 -26.50
C ASP A 521 -9.19 -14.57 -25.07
N THR A 522 -8.42 -15.61 -24.78
CA THR A 522 -8.31 -16.13 -23.42
C THR A 522 -7.85 -15.03 -22.48
N LEU A 523 -8.57 -14.87 -21.37
CA LEU A 523 -8.32 -13.78 -20.44
C LEU A 523 -7.11 -14.10 -19.57
N VAL A 524 -6.06 -13.28 -19.68
CA VAL A 524 -4.93 -13.39 -18.79
C VAL A 524 -5.31 -12.83 -17.41
N GLY A 525 -5.15 -13.64 -16.39
CA GLY A 525 -5.55 -13.25 -15.04
C GLY A 525 -4.40 -13.38 -14.06
N GLU A 526 -4.36 -12.44 -13.12
CA GLU A 526 -3.33 -12.40 -12.08
C GLU A 526 -1.92 -12.44 -12.68
N ARG A 527 -1.68 -11.55 -13.63
CA ARG A 527 -0.37 -11.40 -14.28
C ARG A 527 0.06 -12.72 -14.93
N GLY A 528 -0.82 -13.29 -15.74
CA GLY A 528 -0.52 -14.53 -16.44
C GLY A 528 -0.36 -15.73 -15.54
N ALA A 529 -1.25 -15.89 -14.55
CA ALA A 529 -1.15 -17.02 -13.63
C ALA A 529 -1.38 -18.34 -14.36
N GLN A 530 -2.32 -18.38 -15.30
CA GLN A 530 -2.66 -19.63 -15.96
C GLN A 530 -1.49 -20.19 -16.77
N LEU A 531 -0.79 -19.32 -17.50
CA LEU A 531 0.28 -19.78 -18.39
C LEU A 531 1.57 -20.02 -17.63
N SER A 532 2.37 -20.96 -18.13
CA SER A 532 3.68 -21.28 -17.59
C SER A 532 4.77 -20.68 -18.47
N GLY A 533 6.01 -20.86 -18.02
CA GLY A 533 7.14 -20.15 -18.63
C GLY A 533 7.31 -20.44 -20.10
N GLY A 534 7.28 -21.72 -20.48
CA GLY A 534 7.52 -22.07 -21.87
C GLY A 534 6.45 -21.55 -22.82
N GLN A 535 5.18 -21.63 -22.39
CA GLN A 535 4.09 -21.10 -23.20
C GLN A 535 4.21 -19.60 -23.36
N LYS A 536 4.56 -18.90 -22.28
CA LYS A 536 4.77 -17.45 -22.35
C LYS A 536 5.90 -17.11 -23.31
N GLN A 537 6.99 -17.89 -23.27
CA GLN A 537 8.10 -17.66 -24.20
C GLN A 537 7.66 -17.89 -25.64
N ARG A 538 6.88 -18.94 -25.90
CA ARG A 538 6.43 -19.20 -27.26
C ARG A 538 5.54 -18.08 -27.78
N ILE A 539 4.60 -17.60 -26.94
CA ILE A 539 3.73 -16.52 -27.42
C ILE A 539 4.49 -15.20 -27.49
N ALA A 540 5.55 -15.02 -26.70
CA ALA A 540 6.40 -13.85 -26.87
C ALA A 540 7.15 -13.90 -28.19
N ILE A 541 7.61 -15.09 -28.59
CA ILE A 541 8.21 -15.26 -29.91
C ILE A 541 7.19 -14.91 -30.98
N ALA A 542 5.94 -15.36 -30.81
CA ALA A 542 4.89 -14.99 -31.75
C ALA A 542 4.69 -13.48 -31.81
N ARG A 543 4.67 -12.81 -30.66
CA ARG A 543 4.51 -11.36 -30.62
C ARG A 543 5.65 -10.67 -31.36
N ALA A 544 6.88 -11.15 -31.16
CA ALA A 544 8.02 -10.59 -31.90
C ALA A 544 7.84 -10.82 -33.40
N LEU A 545 7.31 -11.98 -33.78
CA LEU A 545 7.05 -12.24 -35.20
C LEU A 545 5.99 -11.31 -35.76
N VAL A 546 5.04 -10.86 -34.94
CA VAL A 546 3.95 -10.01 -35.42
C VAL A 546 4.49 -8.72 -36.01
N ARG A 547 5.49 -8.13 -35.36
CA ARG A 547 6.01 -6.83 -35.78
C ARG A 547 6.56 -6.86 -37.20
N ASN A 548 6.94 -8.03 -37.70
CA ASN A 548 7.56 -8.20 -39.02
C ASN A 548 8.80 -7.32 -39.11
N PRO A 549 9.82 -7.58 -38.30
CA PRO A 549 11.02 -6.73 -38.33
C PRO A 549 11.97 -7.14 -39.43
N LYS A 550 13.04 -6.35 -39.59
CA LYS A 550 14.07 -6.63 -40.57
C LYS A 550 15.40 -7.04 -39.97
N ILE A 551 15.63 -6.77 -38.68
CA ILE A 551 16.87 -7.13 -38.00
C ILE A 551 16.47 -7.71 -36.64
N LEU A 552 16.44 -9.03 -36.54
CA LEU A 552 16.08 -9.66 -35.28
C LEU A 552 17.26 -9.63 -34.30
N LEU A 553 16.94 -9.78 -33.01
CA LEU A 553 17.97 -9.70 -31.98
C LEU A 553 17.51 -10.52 -30.77
N LEU A 554 18.10 -11.70 -30.60
CA LEU A 554 17.77 -12.60 -29.51
C LEU A 554 18.83 -12.53 -28.43
N ASP A 555 18.38 -12.55 -27.17
CA ASP A 555 19.29 -12.52 -26.02
C ASP A 555 18.87 -13.60 -25.03
N GLU A 556 19.66 -14.67 -24.97
CA GLU A 556 19.47 -15.76 -24.01
C GLU A 556 18.03 -16.29 -24.05
N ALA A 557 17.55 -16.54 -25.26
CA ALA A 557 16.18 -17.00 -25.43
C ALA A 557 15.93 -18.36 -24.80
N THR A 558 16.96 -19.20 -24.71
CA THR A 558 16.82 -20.53 -24.13
C THR A 558 16.24 -20.47 -22.72
N SER A 559 16.96 -19.79 -21.82
CA SER A 559 16.50 -19.56 -20.44
C SER A 559 16.24 -20.86 -19.68
N ALA A 560 16.90 -21.94 -20.10
CA ALA A 560 16.82 -23.25 -19.45
C ALA A 560 15.37 -23.63 -19.13
N LEU A 561 14.56 -23.68 -20.18
CA LEU A 561 13.17 -24.11 -20.08
C LEU A 561 13.14 -25.62 -20.18
N ASP A 562 13.43 -26.28 -19.05
CA ASP A 562 13.54 -27.74 -18.91
C ASP A 562 14.26 -28.35 -20.11
N THR A 563 13.68 -29.39 -20.70
CA THR A 563 14.26 -29.99 -21.91
C THR A 563 13.31 -29.92 -23.10
N GLU A 564 12.07 -30.39 -22.96
CA GLU A 564 11.15 -30.40 -24.09
C GLU A 564 10.73 -28.98 -24.48
N SER A 565 10.41 -28.15 -23.48
CA SER A 565 10.13 -26.75 -23.76
C SER A 565 11.31 -26.06 -24.42
N GLU A 566 12.53 -26.36 -23.96
CA GLU A 566 13.72 -25.78 -24.57
C GLU A 566 13.84 -26.19 -26.03
N ALA A 567 13.61 -27.47 -26.33
CA ALA A 567 13.69 -27.94 -27.71
C ALA A 567 12.64 -27.26 -28.58
N VAL A 568 11.41 -27.13 -28.06
CA VAL A 568 10.34 -26.48 -28.82
C VAL A 568 10.68 -25.01 -29.07
N VAL A 569 11.22 -24.33 -28.05
CA VAL A 569 11.62 -22.93 -28.20
C VAL A 569 12.71 -22.79 -29.24
N GLN A 570 13.69 -23.72 -29.24
CA GLN A 570 14.72 -23.70 -30.26
C GLN A 570 14.14 -23.91 -31.65
N VAL A 571 13.17 -24.82 -31.77
CA VAL A 571 12.51 -25.04 -33.05
C VAL A 571 11.82 -23.76 -33.53
N ALA A 572 11.09 -23.11 -32.63
CA ALA A 572 10.43 -21.85 -32.98
C ALA A 572 11.44 -20.78 -33.38
N LEU A 573 12.54 -20.70 -32.64
CA LEU A 573 13.58 -19.70 -32.95
C LEU A 573 14.17 -19.93 -34.33
N ASP A 574 14.50 -21.18 -34.66
CA ASP A 574 15.07 -21.44 -35.98
C ASP A 574 14.04 -21.20 -37.08
N LYS A 575 12.76 -21.49 -36.80
CA LYS A 575 11.71 -21.16 -37.76
C LYS A 575 11.62 -19.66 -37.98
N ALA A 576 11.80 -18.88 -36.93
CA ALA A 576 11.71 -17.42 -37.05
C ALA A 576 12.81 -16.86 -37.94
N ARG A 577 14.04 -17.38 -37.82
CA ARG A 577 15.20 -16.82 -38.50
C ARG A 577 15.30 -17.39 -39.90
N LYS A 578 14.74 -16.67 -40.88
CA LYS A 578 14.83 -17.10 -42.28
C LYS A 578 15.53 -16.08 -43.16
N GLY A 579 15.07 -14.84 -43.18
CA GLY A 579 15.64 -13.77 -43.98
C GLY A 579 15.99 -12.52 -43.20
N ARG A 580 16.58 -12.69 -42.02
CA ARG A 580 16.73 -11.58 -41.08
C ARG A 580 18.12 -11.61 -40.46
N THR A 581 18.76 -10.45 -40.39
CA THR A 581 20.04 -10.32 -39.70
C THR A 581 19.83 -10.47 -38.21
N THR A 582 20.44 -11.50 -37.62
CA THR A 582 20.21 -11.83 -36.22
C THR A 582 21.53 -11.87 -35.46
N ILE A 583 21.44 -11.57 -34.17
CA ILE A 583 22.57 -11.71 -33.25
C ILE A 583 22.07 -12.63 -32.14
N VAL A 584 22.32 -13.94 -32.31
CA VAL A 584 21.74 -14.96 -31.44
C VAL A 584 22.71 -15.23 -30.29
N ILE A 585 22.38 -14.74 -29.11
CA ILE A 585 23.11 -15.07 -27.90
C ILE A 585 22.42 -16.25 -27.23
N ALA A 586 23.16 -17.33 -27.01
CA ALA A 586 22.59 -18.57 -26.49
C ALA A 586 23.41 -19.08 -25.32
N HIS A 587 22.73 -19.62 -24.33
CA HIS A 587 23.38 -20.31 -23.22
C HIS A 587 23.52 -21.79 -23.55
N ARG A 588 24.30 -22.49 -22.73
CA ARG A 588 24.67 -23.90 -22.85
C ARG A 588 25.59 -24.12 -24.06
N LEU A 589 25.74 -23.15 -24.95
CA LEU A 589 26.67 -23.18 -26.07
C LEU A 589 26.54 -24.47 -26.88
N SER A 590 25.33 -24.72 -27.35
CA SER A 590 25.07 -25.87 -28.20
C SER A 590 24.48 -25.43 -29.54
N THR A 591 23.54 -24.47 -29.53
CA THR A 591 22.98 -23.92 -30.75
C THR A 591 23.90 -22.92 -31.46
N VAL A 592 24.92 -22.40 -30.76
CA VAL A 592 25.88 -21.51 -31.40
C VAL A 592 26.76 -22.27 -32.40
N ARG A 593 26.75 -23.60 -32.37
CA ARG A 593 27.53 -24.40 -33.31
C ARG A 593 27.25 -23.98 -34.76
N ASN A 594 25.97 -23.94 -35.14
CA ASN A 594 25.58 -23.55 -36.49
C ASN A 594 25.40 -22.04 -36.52
N ALA A 595 26.37 -21.34 -37.09
CA ALA A 595 26.33 -19.88 -37.18
C ALA A 595 27.35 -19.43 -38.21
N ASP A 596 27.01 -18.34 -38.91
CA ASP A 596 27.94 -17.81 -39.91
C ASP A 596 29.22 -17.29 -39.26
N VAL A 597 29.08 -16.48 -38.21
CA VAL A 597 30.21 -15.93 -37.48
C VAL A 597 29.96 -16.11 -36.00
N ILE A 598 30.74 -16.98 -35.36
CA ILE A 598 30.63 -17.18 -33.90
C ILE A 598 31.61 -16.20 -33.27
N ALA A 599 31.14 -14.98 -33.07
CA ALA A 599 31.99 -13.95 -32.49
C ALA A 599 32.30 -14.26 -31.03
N GLY A 600 33.58 -14.18 -30.68
CA GLY A 600 34.01 -14.47 -29.33
C GLY A 600 34.14 -13.23 -28.47
N PHE A 601 33.16 -13.00 -27.60
CA PHE A 601 33.17 -11.84 -26.72
C PHE A 601 34.00 -12.19 -25.49
N ASP A 602 35.30 -11.83 -25.55
CA ASP A 602 36.22 -12.12 -24.46
C ASP A 602 37.01 -10.87 -24.14
N ASP A 603 36.92 -10.41 -22.89
CA ASP A 603 37.66 -9.26 -22.38
C ASP A 603 37.47 -8.03 -23.27
N GLY A 604 36.21 -7.59 -23.35
CA GLY A 604 35.89 -6.41 -24.13
C GLY A 604 35.89 -6.66 -25.63
N VAL A 605 36.92 -6.16 -26.31
CA VAL A 605 37.00 -6.30 -27.76
C VAL A 605 37.00 -7.77 -28.15
N ILE A 606 36.21 -8.11 -29.17
CA ILE A 606 36.11 -9.49 -29.64
C ILE A 606 37.41 -9.89 -30.31
N VAL A 607 38.00 -10.99 -29.86
CA VAL A 607 39.25 -11.51 -30.40
C VAL A 607 39.01 -12.75 -31.27
N GLU A 608 38.43 -13.80 -30.69
CA GLU A 608 38.15 -15.01 -31.43
C GLU A 608 37.05 -14.75 -32.46
N LYS A 609 37.24 -15.31 -33.66
CA LYS A 609 36.33 -15.05 -34.77
C LYS A 609 36.35 -16.24 -35.72
N GLY A 610 35.23 -16.45 -36.40
CA GLY A 610 35.09 -17.50 -37.39
C GLY A 610 34.04 -18.52 -36.98
N ASN A 611 33.84 -19.49 -37.87
CA ASN A 611 32.86 -20.55 -37.65
C ASN A 611 33.47 -21.64 -36.78
N HIS A 612 32.75 -22.75 -36.62
CA HIS A 612 33.14 -23.77 -35.64
C HIS A 612 34.51 -24.36 -35.95
N ASP A 613 34.79 -24.62 -37.23
CA ASP A 613 36.05 -25.27 -37.59
C ASP A 613 37.24 -24.39 -37.25
N GLU A 614 37.17 -23.09 -37.57
CA GLU A 614 38.26 -22.18 -37.27
C GLU A 614 38.50 -22.07 -35.77
N LEU A 615 37.42 -22.01 -34.98
CA LEU A 615 37.58 -21.93 -33.54
C LEU A 615 38.15 -23.24 -32.97
N MET A 616 37.76 -24.38 -33.55
CA MET A 616 38.33 -25.65 -33.15
C MET A 616 39.82 -25.70 -33.41
N LYS A 617 40.24 -25.21 -34.58
CA LYS A 617 41.67 -25.14 -34.88
C LYS A 617 42.40 -24.18 -33.94
N GLU A 618 41.77 -23.03 -33.65
CA GLU A 618 42.40 -22.02 -32.82
C GLU A 618 42.40 -22.42 -31.34
N LYS A 619 41.40 -23.19 -30.91
CA LYS A 619 41.27 -23.66 -29.52
C LYS A 619 41.19 -22.49 -28.55
N GLY A 620 40.12 -21.72 -28.70
CA GLY A 620 39.89 -20.57 -27.85
C GLY A 620 38.83 -20.77 -26.79
N ILE A 621 38.14 -19.69 -26.42
CA ILE A 621 37.12 -19.79 -25.37
C ILE A 621 35.95 -20.65 -25.83
N TYR A 622 35.60 -20.58 -27.12
CA TYR A 622 34.49 -21.36 -27.63
C TYR A 622 34.73 -22.85 -27.48
N PHE A 623 35.88 -23.34 -27.96
CA PHE A 623 36.19 -24.77 -27.85
C PHE A 623 36.28 -25.20 -26.40
N LYS A 624 36.90 -24.37 -25.56
CA LYS A 624 37.03 -24.70 -24.14
C LYS A 624 35.67 -24.86 -23.48
N LEU A 625 34.76 -23.92 -23.73
CA LEU A 625 33.46 -24.01 -23.08
C LEU A 625 32.60 -25.10 -23.71
N VAL A 626 32.83 -25.42 -24.98
CA VAL A 626 32.14 -26.54 -25.61
C VAL A 626 32.57 -27.86 -24.97
N THR A 627 33.87 -28.01 -24.72
CA THR A 627 34.34 -29.19 -23.99
C THR A 627 33.79 -29.20 -22.58
N MET A 628 33.69 -28.04 -21.94
CA MET A 628 33.12 -27.94 -20.60
C MET A 628 31.67 -28.42 -20.57
N GLN A 629 30.87 -28.00 -21.56
CA GLN A 629 29.46 -28.35 -21.58
C GLN A 629 29.26 -29.81 -21.97
N THR A 630 29.98 -30.28 -22.99
CA THR A 630 29.87 -31.65 -23.45
C THR A 630 30.60 -32.59 -22.48
N SER A 691 -20.68 -14.54 2.64
CA SER A 691 -19.79 -13.83 3.57
C SER A 691 -19.86 -14.47 4.96
N ILE A 692 -19.28 -13.77 5.93
CA ILE A 692 -19.25 -14.22 7.32
C ILE A 692 -20.42 -13.59 8.06
N PRO A 693 -21.25 -14.36 8.76
CA PRO A 693 -22.36 -13.78 9.53
C PRO A 693 -21.83 -12.83 10.59
N PRO A 694 -22.52 -11.72 10.83
CA PRO A 694 -22.04 -10.74 11.82
C PRO A 694 -21.96 -11.35 13.21
N VAL A 695 -20.94 -10.96 13.95
CA VAL A 695 -20.73 -11.43 15.31
C VAL A 695 -21.49 -10.53 16.27
N SER A 696 -22.17 -11.14 17.23
CA SER A 696 -22.91 -10.37 18.23
C SER A 696 -21.97 -9.54 19.08
N PHE A 697 -22.47 -8.41 19.56
CA PHE A 697 -21.65 -7.50 20.36
C PHE A 697 -21.14 -8.17 21.63
N TRP A 698 -21.85 -9.18 22.13
CA TRP A 698 -21.43 -9.84 23.36
C TRP A 698 -20.11 -10.56 23.19
N ARG A 699 -19.98 -11.35 22.11
CA ARG A 699 -18.74 -12.08 21.90
C ARG A 699 -17.56 -11.13 21.70
N ILE A 700 -17.76 -10.06 20.91
CA ILE A 700 -16.70 -9.09 20.69
C ILE A 700 -16.28 -8.45 22.02
N MET A 701 -17.25 -8.18 22.89
CA MET A 701 -16.95 -7.59 24.19
C MET A 701 -16.12 -8.53 25.05
N LYS A 702 -16.36 -9.84 24.95
CA LYS A 702 -15.65 -10.80 25.78
C LYS A 702 -14.16 -10.85 25.49
N LEU A 703 -13.72 -10.42 24.31
CA LEU A 703 -12.30 -10.43 24.00
C LEU A 703 -11.51 -9.55 24.95
N ASN A 704 -12.03 -8.35 25.24
CA ASN A 704 -11.37 -7.40 26.12
C ASN A 704 -11.92 -7.45 27.54
N LEU A 705 -12.45 -8.61 27.96
CA LEU A 705 -13.06 -8.70 29.28
C LEU A 705 -12.02 -8.64 30.39
N THR A 706 -10.81 -9.13 30.14
CA THR A 706 -9.78 -9.16 31.18
C THR A 706 -9.32 -7.76 31.60
N GLU A 707 -9.63 -6.73 30.81
CA GLU A 707 -9.31 -5.35 31.15
C GLU A 707 -10.54 -4.59 31.62
N TRP A 708 -11.41 -5.24 32.39
CA TRP A 708 -12.64 -4.59 32.83
C TRP A 708 -12.43 -3.31 33.65
N PRO A 709 -11.46 -3.20 34.56
CA PRO A 709 -11.36 -1.93 35.32
C PRO A 709 -11.11 -0.72 34.43
N TYR A 710 -10.34 -0.88 33.36
CA TYR A 710 -10.15 0.21 32.42
C TYR A 710 -11.48 0.66 31.82
N PHE A 711 -12.31 -0.31 31.40
CA PHE A 711 -13.61 0.04 30.84
C PHE A 711 -14.50 0.71 31.87
N VAL A 712 -14.46 0.24 33.12
CA VAL A 712 -15.30 0.83 34.16
C VAL A 712 -14.92 2.29 34.38
N VAL A 713 -13.62 2.55 34.56
CA VAL A 713 -13.17 3.91 34.78
C VAL A 713 -13.45 4.78 33.56
N GLY A 714 -13.27 4.21 32.35
CA GLY A 714 -13.54 4.97 31.15
C GLY A 714 -15.00 5.34 30.99
N VAL A 715 -15.91 4.41 31.33
CA VAL A 715 -17.33 4.70 31.22
C VAL A 715 -17.75 5.73 32.26
N PHE A 716 -17.18 5.65 33.47
CA PHE A 716 -17.46 6.68 34.47
C PHE A 716 -16.98 8.05 34.00
N CYS A 717 -15.78 8.10 33.43
CA CYS A 717 -15.26 9.37 32.92
C CYS A 717 -16.09 9.87 31.75
N ALA A 718 -16.57 8.96 30.91
CA ALA A 718 -17.43 9.36 29.79
C ALA A 718 -18.74 9.95 30.28
N ILE A 719 -19.33 9.36 31.33
CA ILE A 719 -20.53 9.93 31.94
C ILE A 719 -20.23 11.34 32.43
N ILE A 720 -19.15 11.50 33.20
CA ILE A 720 -18.84 12.81 33.76
C ILE A 720 -18.52 13.82 32.68
N ASN A 721 -17.95 13.36 31.56
CA ASN A 721 -17.57 14.26 30.47
C ASN A 721 -18.79 14.70 29.66
N GLY A 722 -19.65 13.76 29.29
CA GLY A 722 -20.87 14.10 28.58
C GLY A 722 -21.88 14.84 29.41
N GLY A 723 -21.75 14.80 30.74
CA GLY A 723 -22.66 15.55 31.56
C GLY A 723 -22.28 17.01 31.73
N LEU A 724 -21.39 17.51 30.88
CA LEU A 724 -20.89 18.87 31.00
C LEU A 724 -21.63 19.89 30.14
N GLN A 725 -22.09 19.49 28.95
CA GLN A 725 -22.81 20.44 28.10
C GLN A 725 -24.11 20.94 28.72
N PRO A 726 -24.98 20.08 29.26
CA PRO A 726 -26.16 20.62 29.98
C PRO A 726 -25.80 21.47 31.17
N ALA A 727 -24.71 21.15 31.88
CA ALA A 727 -24.27 22.00 32.98
C ALA A 727 -23.86 23.37 32.47
N PHE A 728 -23.16 23.43 31.34
CA PHE A 728 -22.81 24.71 30.75
C PHE A 728 -24.06 25.48 30.35
N ALA A 729 -25.05 24.79 29.79
CA ALA A 729 -26.30 25.46 29.41
C ALA A 729 -26.99 26.06 30.63
N ILE A 730 -27.04 25.30 31.73
CA ILE A 730 -27.70 25.79 32.94
C ILE A 730 -26.95 27.00 33.49
N ILE A 731 -25.62 26.93 33.55
CA ILE A 731 -24.84 28.02 34.10
C ILE A 731 -24.96 29.27 33.23
N PHE A 732 -24.96 29.09 31.91
CA PHE A 732 -25.12 30.21 30.99
C PHE A 732 -26.47 30.88 31.14
N SER A 733 -27.53 30.07 31.23
CA SER A 733 -28.86 30.62 31.43
C SER A 733 -28.93 31.39 32.74
N LYS A 734 -28.35 30.84 33.81
CA LYS A 734 -28.37 31.52 35.10
C LYS A 734 -27.59 32.83 35.06
N ILE A 735 -26.42 32.82 34.43
CA ILE A 735 -25.60 34.03 34.43
C ILE A 735 -26.25 35.14 33.61
N ILE A 736 -26.98 34.78 32.55
CA ILE A 736 -27.72 35.83 31.83
C ILE A 736 -28.96 36.26 32.62
N GLY A 737 -29.63 35.32 33.27
CA GLY A 737 -30.80 35.67 34.06
C GLY A 737 -30.46 36.56 35.25
N VAL A 738 -29.21 36.51 35.70
CA VAL A 738 -28.78 37.42 36.77
C VAL A 738 -28.99 38.87 36.35
N PHE A 739 -28.70 39.19 35.09
CA PHE A 739 -28.91 40.54 34.58
C PHE A 739 -30.30 40.73 34.01
N THR A 740 -31.00 39.65 33.65
CA THR A 740 -32.37 39.78 33.17
C THR A 740 -33.29 40.34 34.24
N ARG A 741 -33.17 39.86 35.47
CA ARG A 741 -34.06 40.23 36.56
C ARG A 741 -33.57 41.48 37.28
N ILE A 742 -34.43 42.01 38.14
CA ILE A 742 -34.13 43.21 38.93
C ILE A 742 -33.76 42.74 40.34
N ASP A 743 -32.47 42.79 40.66
CA ASP A 743 -31.96 42.43 41.97
C ASP A 743 -31.16 43.60 42.53
N ASP A 744 -30.50 43.36 43.69
CA ASP A 744 -29.57 44.37 44.17
C ASP A 744 -28.18 44.09 43.61
N PRO A 745 -27.37 45.14 43.41
CA PRO A 745 -26.07 44.93 42.72
C PRO A 745 -25.14 43.95 43.41
N GLU A 746 -25.10 43.94 44.74
CA GLU A 746 -24.18 43.05 45.45
C GLU A 746 -24.55 41.59 45.24
N THR A 747 -25.84 41.28 45.27
CA THR A 747 -26.27 39.90 45.00
C THR A 747 -25.90 39.49 43.58
N LYS A 748 -26.08 40.41 42.62
CA LYS A 748 -25.68 40.12 41.25
C LYS A 748 -24.19 39.81 41.16
N ARG A 749 -23.37 40.62 41.83
CA ARG A 749 -21.93 40.43 41.80
C ARG A 749 -21.55 39.07 42.39
N GLN A 750 -22.11 38.74 43.56
CA GLN A 750 -21.78 37.48 44.20
C GLN A 750 -22.21 36.29 43.35
N ASN A 751 -23.43 36.34 42.79
CA ASN A 751 -23.89 35.25 41.94
C ASN A 751 -23.03 35.11 40.70
N SER A 752 -22.64 36.23 40.09
CA SER A 752 -21.81 36.18 38.89
C SER A 752 -20.44 35.59 39.20
N ASN A 753 -19.85 35.94 40.35
CA ASN A 753 -18.58 35.34 40.73
C ASN A 753 -18.73 33.85 40.96
N LEU A 754 -19.83 33.43 41.58
CA LEU A 754 -20.08 32.01 41.78
C LEU A 754 -20.17 31.28 40.43
N PHE A 755 -20.88 31.87 39.48
CA PHE A 755 -21.04 31.23 38.17
C PHE A 755 -19.71 31.18 37.41
N SER A 756 -18.89 32.21 37.55
CA SER A 756 -17.57 32.19 36.93
C SER A 756 -16.71 31.07 37.52
N LEU A 757 -16.74 30.91 38.84
CA LEU A 757 -16.01 29.80 39.46
C LEU A 757 -16.54 28.46 38.98
N LEU A 758 -17.86 28.37 38.77
CA LEU A 758 -18.43 27.15 38.21
C LEU A 758 -17.90 26.88 36.81
N PHE A 759 -17.76 27.93 36.00
CA PHE A 759 -17.17 27.77 34.66
C PHE A 759 -15.75 27.22 34.75
N LEU A 760 -14.94 27.79 35.65
CA LEU A 760 -13.57 27.32 35.79
C LEU A 760 -13.53 25.87 36.25
N ALA A 761 -14.40 25.51 37.20
CA ALA A 761 -14.47 24.12 37.64
C ALA A 761 -14.88 23.20 36.51
N LEU A 762 -15.79 23.65 35.65
CA LEU A 762 -16.17 22.85 34.48
C LEU A 762 -14.98 22.63 33.57
N GLY A 763 -14.17 23.66 33.35
CA GLY A 763 -12.99 23.48 32.52
C GLY A 763 -12.01 22.49 33.12
N ILE A 764 -11.76 22.60 34.43
CA ILE A 764 -10.84 21.68 35.10
C ILE A 764 -11.33 20.25 35.00
N ILE A 765 -12.62 20.05 35.26
CA ILE A 765 -13.20 18.70 35.18
C ILE A 765 -13.11 18.16 33.77
N SER A 766 -13.34 19.02 32.78
CA SER A 766 -13.25 18.57 31.39
C SER A 766 -11.84 18.10 31.06
N PHE A 767 -10.82 18.86 31.46
CA PHE A 767 -9.45 18.44 31.19
C PHE A 767 -9.14 17.11 31.88
N ILE A 768 -9.51 16.99 33.15
CA ILE A 768 -9.19 15.78 33.91
C ILE A 768 -9.86 14.56 33.28
N THR A 769 -11.15 14.69 32.97
CA THR A 769 -11.87 13.53 32.43
C THR A 769 -11.42 13.20 31.02
N PHE A 770 -11.05 14.18 30.20
CA PHE A 770 -10.51 13.88 28.89
C PHE A 770 -9.23 13.08 29.02
N PHE A 771 -8.31 13.52 29.89
CA PHE A 771 -7.06 12.79 30.05
C PHE A 771 -7.31 11.36 30.54
N LEU A 772 -8.17 11.21 31.55
CA LEU A 772 -8.41 9.88 32.11
C LEU A 772 -9.08 8.95 31.09
N GLN A 773 -10.09 9.45 30.38
CA GLN A 773 -10.76 8.62 29.38
C GLN A 773 -9.81 8.21 28.28
N GLY A 774 -8.99 9.15 27.79
CA GLY A 774 -8.02 8.79 26.77
C GLY A 774 -7.04 7.74 27.26
N PHE A 775 -6.49 7.94 28.45
CA PHE A 775 -5.53 6.98 29.01
C PHE A 775 -6.14 5.59 29.11
N THR A 776 -7.30 5.48 29.75
CA THR A 776 -7.90 4.16 29.99
C THR A 776 -8.30 3.48 28.70
N PHE A 777 -9.08 4.16 27.86
CA PHE A 777 -9.56 3.51 26.64
C PHE A 777 -8.42 3.20 25.68
N GLY A 778 -7.43 4.10 25.56
CA GLY A 778 -6.30 3.82 24.70
C GLY A 778 -5.50 2.62 25.17
N LYS A 779 -5.24 2.53 26.48
CA LYS A 779 -4.51 1.38 26.98
C LYS A 779 -5.27 0.08 26.75
N ALA A 780 -6.58 0.08 27.01
CA ALA A 780 -7.37 -1.13 26.79
C ALA A 780 -7.34 -1.54 25.33
N GLY A 781 -7.52 -0.57 24.43
CA GLY A 781 -7.51 -0.89 23.01
C GLY A 781 -6.16 -1.40 22.53
N GLU A 782 -5.08 -0.79 23.00
CA GLU A 782 -3.75 -1.24 22.58
C GLU A 782 -3.44 -2.63 23.10
N ILE A 783 -3.81 -2.93 24.34
CA ILE A 783 -3.60 -4.28 24.87
C ILE A 783 -4.41 -5.29 24.06
N LEU A 784 -5.65 -4.94 23.74
CA LEU A 784 -6.48 -5.84 22.93
C LEU A 784 -5.86 -6.07 21.56
N THR A 785 -5.35 -5.01 20.92
CA THR A 785 -4.75 -5.16 19.60
C THR A 785 -3.51 -6.05 19.66
N LYS A 786 -2.65 -5.86 20.66
CA LYS A 786 -1.47 -6.68 20.79
C LYS A 786 -1.84 -8.14 20.99
N ARG A 787 -2.81 -8.41 21.88
CA ARG A 787 -3.23 -9.79 22.12
C ARG A 787 -3.83 -10.42 20.88
N LEU A 788 -4.66 -9.67 20.16
CA LEU A 788 -5.28 -10.21 18.94
C LEU A 788 -4.25 -10.50 17.88
N ARG A 789 -3.27 -9.60 17.70
CA ARG A 789 -2.22 -9.85 16.73
C ARG A 789 -1.41 -11.08 17.10
N TYR A 790 -1.07 -11.23 18.39
CA TYR A 790 -0.31 -12.39 18.82
C TYR A 790 -1.08 -13.69 18.55
N MET A 791 -2.35 -13.73 18.94
CA MET A 791 -3.13 -14.95 18.78
C MET A 791 -3.37 -15.25 17.30
N VAL A 792 -3.63 -14.23 16.49
CA VAL A 792 -3.84 -14.44 15.06
C VAL A 792 -2.58 -14.97 14.40
N PHE A 793 -1.41 -14.42 14.77
CA PHE A 793 -0.16 -14.90 14.20
C PHE A 793 0.09 -16.35 14.59
N ARG A 794 -0.15 -16.69 15.87
CA ARG A 794 0.04 -18.08 16.29
C ARG A 794 -0.90 -19.01 15.53
N SER A 795 -2.16 -18.62 15.37
CA SER A 795 -3.11 -19.45 14.63
C SER A 795 -2.71 -19.60 13.17
N MET A 796 -2.23 -18.52 12.56
CA MET A 796 -1.74 -18.61 11.19
C MET A 796 -0.59 -19.59 11.07
N LEU A 797 0.35 -19.53 12.02
CA LEU A 797 1.50 -20.42 12.00
C LEU A 797 1.09 -21.87 12.21
N ARG A 798 0.08 -22.11 13.06
CA ARG A 798 -0.36 -23.47 13.34
C ARG A 798 -1.02 -24.11 12.12
N GLN A 799 -1.82 -23.33 11.39
CA GLN A 799 -2.58 -23.87 10.26
C GLN A 799 -1.66 -24.41 9.17
N ASP A 800 -2.14 -25.43 8.46
CA ASP A 800 -1.32 -26.15 7.51
C ASP A 800 -1.09 -25.30 6.25
N VAL A 801 -0.29 -25.85 5.33
CA VAL A 801 0.05 -25.14 4.10
C VAL A 801 -1.18 -24.96 3.21
N SER A 802 -2.13 -25.90 3.26
CA SER A 802 -3.31 -25.82 2.42
C SER A 802 -4.09 -24.53 2.67
N TRP A 803 -4.10 -24.06 3.92
CA TRP A 803 -4.79 -22.81 4.22
C TRP A 803 -4.15 -21.64 3.49
N PHE A 804 -2.83 -21.60 3.43
CA PHE A 804 -2.15 -20.52 2.71
C PHE A 804 -2.28 -20.67 1.21
N ASP A 805 -2.44 -21.91 0.72
CA ASP A 805 -2.57 -22.14 -0.72
C ASP A 805 -3.90 -21.64 -1.26
N ASP A 806 -4.88 -21.41 -0.40
CA ASP A 806 -6.16 -20.88 -0.83
C ASP A 806 -5.98 -19.51 -1.49
N PRO A 807 -6.60 -19.26 -2.65
CA PRO A 807 -6.37 -17.98 -3.34
C PRO A 807 -6.74 -16.75 -2.53
N LYS A 808 -7.78 -16.84 -1.70
CA LYS A 808 -8.13 -15.69 -0.86
C LYS A 808 -7.02 -15.37 0.12
N ASN A 809 -6.38 -16.39 0.69
CA ASN A 809 -5.34 -16.21 1.69
C ASN A 809 -3.99 -16.03 1.00
N THR A 810 -3.75 -14.81 0.53
CA THR A 810 -2.46 -14.41 0.01
C THR A 810 -1.66 -13.68 1.10
N THR A 811 -0.34 -13.63 0.90
CA THR A 811 0.52 -12.97 1.88
C THR A 811 0.10 -11.53 2.10
N GLY A 812 -0.18 -10.81 1.02
CA GLY A 812 -0.67 -9.44 1.16
C GLY A 812 -1.97 -9.35 1.94
N ALA A 813 -2.90 -10.26 1.64
CA ALA A 813 -4.18 -10.26 2.35
C ALA A 813 -3.99 -10.57 3.83
N LEU A 814 -3.14 -11.55 4.15
CA LEU A 814 -2.94 -11.93 5.55
C LEU A 814 -2.25 -10.82 6.32
N THR A 815 -1.22 -10.19 5.74
CA THR A 815 -0.58 -9.10 6.46
C THR A 815 -1.49 -7.89 6.56
N THR A 816 -2.34 -7.65 5.57
CA THR A 816 -3.33 -6.58 5.67
C THR A 816 -4.29 -6.85 6.82
N ARG A 817 -4.75 -8.10 6.94
CA ARG A 817 -5.60 -8.45 8.07
C ARG A 817 -4.89 -8.18 9.39
N LEU A 818 -3.69 -8.72 9.54
CA LEU A 818 -2.94 -8.61 10.79
C LEU A 818 -2.55 -7.17 11.12
N ALA A 819 -2.45 -6.30 10.13
CA ALA A 819 -2.05 -4.92 10.38
C ALA A 819 -3.24 -3.98 10.58
N ASN A 820 -4.36 -4.22 9.87
CA ASN A 820 -5.50 -3.31 9.90
C ASN A 820 -6.66 -3.82 10.72
N ASP A 821 -7.11 -5.06 10.49
CA ASP A 821 -8.32 -5.53 11.15
C ASP A 821 -8.10 -5.73 12.64
N ALA A 822 -6.92 -6.24 13.03
CA ALA A 822 -6.63 -6.44 14.44
C ALA A 822 -6.46 -5.13 15.20
N ALA A 823 -6.31 -4.01 14.50
CA ALA A 823 -6.29 -2.69 15.11
C ALA A 823 -7.61 -1.96 14.97
N GLN A 824 -8.47 -2.39 14.05
CA GLN A 824 -9.81 -1.83 13.93
C GLN A 824 -10.80 -2.49 14.87
N VAL A 825 -10.53 -3.73 15.32
CA VAL A 825 -11.45 -4.40 16.25
C VAL A 825 -11.62 -3.59 17.53
N LYS A 826 -10.58 -2.88 17.96
CA LYS A 826 -10.66 -2.11 19.19
C LYS A 826 -11.70 -1.00 19.14
N GLY A 827 -12.15 -0.61 17.95
CA GLY A 827 -13.14 0.44 17.81
C GLY A 827 -14.57 0.00 18.01
N ALA A 828 -14.83 -1.29 18.08
CA ALA A 828 -16.17 -1.81 18.27
C ALA A 828 -16.52 -2.03 19.73
N ILE A 829 -15.61 -1.77 20.66
CA ILE A 829 -15.89 -1.97 22.07
C ILE A 829 -15.71 -0.67 22.85
N GLY A 830 -14.47 -0.21 22.94
CA GLY A 830 -14.19 0.96 23.76
C GLY A 830 -14.77 2.24 23.15
N SER A 831 -14.51 2.45 21.86
CA SER A 831 -15.03 3.63 21.19
C SER A 831 -16.55 3.62 21.16
N ARG A 832 -17.15 2.44 20.90
CA ARG A 832 -18.60 2.34 20.88
C ARG A 832 -19.20 2.69 22.25
N LEU A 833 -18.63 2.13 23.32
CA LEU A 833 -19.11 2.43 24.66
C LEU A 833 -18.99 3.92 24.96
N ALA A 834 -17.83 4.50 24.65
CA ALA A 834 -17.63 5.93 24.94
C ALA A 834 -18.61 6.79 24.15
N VAL A 835 -18.80 6.50 22.87
CA VAL A 835 -19.69 7.30 22.03
C VAL A 835 -21.11 7.22 22.55
N ILE A 836 -21.61 6.00 22.78
CA ILE A 836 -22.99 5.83 23.23
C ILE A 836 -23.20 6.50 24.58
N THR A 837 -22.26 6.28 25.50
CA THR A 837 -22.39 6.84 26.85
C THR A 837 -22.40 8.36 26.81
N GLN A 838 -21.47 8.96 26.07
CA GLN A 838 -21.38 10.41 26.02
C GLN A 838 -22.61 11.01 25.35
N ASN A 839 -23.05 10.42 24.23
CA ASN A 839 -24.23 10.92 23.54
C ASN A 839 -25.46 10.86 24.42
N ILE A 840 -25.65 9.73 25.13
CA ILE A 840 -26.80 9.63 26.02
C ILE A 840 -26.69 10.66 27.14
N ALA A 841 -25.54 10.72 27.80
CA ALA A 841 -25.39 11.55 29.00
C ALA A 841 -25.36 13.03 28.70
N ASN A 842 -25.30 13.42 27.42
CA ASN A 842 -25.51 14.83 27.10
C ASN A 842 -26.90 15.09 26.51
N LEU A 843 -27.30 14.33 25.48
CA LEU A 843 -28.55 14.63 24.79
C LEU A 843 -29.77 14.29 25.64
N GLY A 844 -29.78 13.10 26.25
CA GLY A 844 -30.92 12.74 27.09
C GLY A 844 -31.10 13.70 28.25
N THR A 845 -29.99 14.06 28.90
CA THR A 845 -30.05 15.00 30.01
C THR A 845 -30.56 16.36 29.55
N GLY A 846 -30.07 16.84 28.40
CA GLY A 846 -30.54 18.12 27.90
C GLY A 846 -32.02 18.11 27.57
N ILE A 847 -32.50 17.04 26.92
CA ILE A 847 -33.92 16.95 26.57
C ILE A 847 -34.77 16.90 27.82
N ILE A 848 -34.37 16.08 28.81
CA ILE A 848 -35.17 15.96 30.03
C ILE A 848 -35.19 17.28 30.79
N ILE A 849 -34.06 17.97 30.89
CA ILE A 849 -34.02 19.26 31.58
C ILE A 849 -34.88 20.27 30.84
N SER A 850 -34.80 20.30 29.50
CA SER A 850 -35.58 21.25 28.74
C SER A 850 -37.07 21.03 28.91
N PHE A 851 -37.51 19.77 28.89
CA PHE A 851 -38.94 19.49 29.06
C PHE A 851 -39.46 20.01 30.40
N ILE A 852 -38.62 20.00 31.44
CA ILE A 852 -39.06 20.46 32.76
C ILE A 852 -39.29 21.97 32.74
N TYR A 853 -38.40 22.73 32.10
CA TYR A 853 -38.48 24.18 32.12
C TYR A 853 -39.38 24.76 31.05
N GLY A 854 -39.58 24.05 29.94
CA GLY A 854 -40.52 24.48 28.92
C GLY A 854 -40.75 23.41 27.87
N TRP A 855 -42.02 23.09 27.60
CA TRP A 855 -42.31 21.99 26.70
C TRP A 855 -42.69 22.44 25.29
N GLN A 856 -43.31 23.60 25.13
CA GLN A 856 -43.66 24.07 23.79
C GLN A 856 -42.42 24.34 22.96
N LEU A 857 -41.49 25.13 23.51
CA LEU A 857 -40.27 25.46 22.78
C LEU A 857 -39.41 24.21 22.55
N THR A 858 -39.36 23.31 23.54
CA THR A 858 -38.63 22.07 23.36
C THR A 858 -39.22 21.21 22.26
N LEU A 859 -40.56 21.14 22.21
CA LEU A 859 -41.22 20.39 21.14
C LEU A 859 -40.92 20.99 19.77
N LEU A 860 -40.89 22.33 19.69
CA LEU A 860 -40.56 22.97 18.41
C LEU A 860 -39.12 22.67 18.02
N LEU A 861 -38.18 22.80 18.97
CA LEU A 861 -36.77 22.61 18.68
C LEU A 861 -36.40 21.15 18.48
N LEU A 862 -37.25 20.21 18.88
CA LEU A 862 -36.96 18.80 18.68
C LEU A 862 -37.15 18.35 17.24
N ALA A 863 -37.52 19.26 16.34
CA ALA A 863 -37.65 18.94 14.92
C ALA A 863 -36.41 19.27 14.11
N ILE A 864 -35.57 20.19 14.60
CA ILE A 864 -34.34 20.54 13.89
C ILE A 864 -33.12 19.80 14.41
N VAL A 865 -33.27 19.04 15.51
CA VAL A 865 -32.10 18.36 16.11
C VAL A 865 -31.40 17.43 15.12
N PRO A 866 -32.10 16.57 14.37
CA PRO A 866 -31.37 15.73 13.41
C PRO A 866 -30.56 16.52 12.40
N ILE A 867 -31.10 17.64 11.91
CA ILE A 867 -30.39 18.43 10.91
C ILE A 867 -29.16 19.09 11.52
N ILE A 868 -29.28 19.61 12.75
CA ILE A 868 -28.14 20.22 13.40
C ILE A 868 -27.05 19.19 13.68
N ALA A 869 -27.45 17.99 14.12
CA ALA A 869 -26.47 16.92 14.33
C ALA A 869 -25.77 16.55 13.04
N ILE A 870 -26.53 16.43 11.94
CA ILE A 870 -25.92 16.13 10.65
C ILE A 870 -24.98 17.25 10.23
N ALA A 871 -25.33 18.49 10.55
CA ALA A 871 -24.45 19.62 10.24
C ALA A 871 -23.13 19.51 10.96
N GLY A 872 -23.17 19.19 12.26
CA GLY A 872 -21.95 18.98 13.00
C GLY A 872 -21.12 17.84 12.43
N VAL A 873 -21.78 16.74 12.05
CA VAL A 873 -21.06 15.60 11.47
C VAL A 873 -20.38 16.00 10.17
N VAL A 874 -21.09 16.76 9.32
CA VAL A 874 -20.53 17.16 8.03
C VAL A 874 -19.33 18.09 8.23
N GLU A 875 -19.45 19.06 9.14
CA GLU A 875 -18.32 19.95 9.39
C GLU A 875 -17.13 19.18 9.93
N MET A 876 -17.35 18.22 10.84
CA MET A 876 -16.24 17.50 11.43
C MET A 876 -15.62 16.51 10.43
N LYS A 877 -16.41 16.01 9.48
CA LYS A 877 -15.88 15.12 8.46
C LYS A 877 -15.30 15.86 7.27
N MET A 878 -15.47 17.19 7.22
CA MET A 878 -14.74 18.01 6.24
C MET A 878 -13.46 18.58 6.82
N LEU A 879 -13.46 18.96 8.10
CA LEU A 879 -12.27 19.52 8.72
C LEU A 879 -11.13 18.50 8.80
N SER A 880 -11.45 17.22 9.01
CA SER A 880 -10.44 16.19 9.14
C SER A 880 -10.00 15.63 7.81
N GLY A 881 -10.55 16.11 6.70
CA GLY A 881 -10.19 15.60 5.39
C GLY A 881 -10.58 14.16 5.16
N GLN A 882 -11.59 13.66 5.88
CA GLN A 882 -11.99 12.27 5.73
C GLN A 882 -12.51 11.98 4.33
N ALA A 883 -13.10 12.98 3.67
CA ALA A 883 -13.56 12.85 2.30
C ALA A 883 -12.47 13.09 1.28
N LEU A 884 -11.26 13.41 1.73
CA LEU A 884 -10.14 13.66 0.84
C LEU A 884 -9.02 12.62 0.95
N LYS A 885 -8.91 11.92 2.07
CA LYS A 885 -7.92 10.85 2.19
C LYS A 885 -8.24 9.69 1.26
N ASP A 886 -9.49 9.55 0.85
CA ASP A 886 -9.88 8.43 -0.02
C ASP A 886 -9.14 8.49 -1.34
N LYS A 887 -8.76 7.32 -1.84
CA LYS A 887 -8.03 7.20 -3.10
C LYS A 887 -8.60 6.06 -3.93
N LYS A 888 -9.93 5.96 -3.98
CA LYS A 888 -10.62 4.95 -4.76
C LYS A 888 -11.04 5.53 -6.11
N GLU A 889 -11.51 4.65 -6.99
CA GLU A 889 -11.93 4.92 -8.36
C GLU A 889 -10.76 5.24 -9.28
N LEU A 890 -9.54 5.33 -8.74
CA LEU A 890 -8.33 5.49 -9.54
C LEU A 890 -7.51 4.20 -9.59
N GLU A 891 -8.08 3.09 -9.11
CA GLU A 891 -7.32 1.85 -9.01
C GLU A 891 -6.97 1.29 -10.40
N GLY A 892 -7.90 1.38 -11.36
CA GLY A 892 -7.59 0.92 -12.71
C GLY A 892 -6.48 1.72 -13.36
N SER A 893 -6.54 3.05 -13.22
CA SER A 893 -5.48 3.89 -13.74
C SER A 893 -4.16 3.60 -13.06
N GLY A 894 -4.19 3.36 -11.75
CA GLY A 894 -2.98 2.99 -11.03
C GLY A 894 -2.40 1.68 -11.52
N LYS A 895 -3.26 0.70 -11.79
CA LYS A 895 -2.80 -0.58 -12.34
C LYS A 895 -2.14 -0.38 -13.70
N ILE A 896 -2.76 0.41 -14.56
CA ILE A 896 -2.17 0.69 -15.88
C ILE A 896 -0.82 1.37 -15.72
N ALA A 897 -0.74 2.36 -14.84
CA ALA A 897 0.50 3.08 -14.61
C ALA A 897 1.59 2.15 -14.10
N THR A 898 1.24 1.27 -13.16
CA THR A 898 2.23 0.35 -12.60
C THR A 898 2.73 -0.64 -13.63
N GLU A 899 1.81 -1.24 -14.40
CA GLU A 899 2.23 -2.21 -15.40
C GLU A 899 2.88 -1.57 -16.62
N ALA A 900 2.83 -0.24 -16.73
CA ALA A 900 3.56 0.46 -17.78
C ALA A 900 4.87 1.08 -17.31
N ILE A 901 5.04 1.28 -16.00
CA ILE A 901 6.27 1.86 -15.47
C ILE A 901 7.23 0.83 -14.89
N GLU A 902 6.73 -0.33 -14.44
CA GLU A 902 7.61 -1.34 -13.90
C GLU A 902 8.39 -2.07 -15.01
N ASN A 903 7.67 -2.62 -15.97
CA ASN A 903 8.31 -3.24 -17.14
C ASN A 903 8.46 -2.23 -18.27
N PHE A 904 9.06 -1.08 -17.94
CA PHE A 904 9.22 -0.02 -18.93
C PHE A 904 10.18 -0.41 -20.03
N ARG A 905 11.14 -1.30 -19.73
CA ARG A 905 12.10 -1.73 -20.75
C ARG A 905 11.37 -2.45 -21.89
N THR A 906 10.48 -3.38 -21.56
CA THR A 906 9.70 -4.05 -22.59
C THR A 906 8.83 -3.07 -23.36
N VAL A 907 8.24 -2.10 -22.65
CA VAL A 907 7.37 -1.13 -23.29
C VAL A 907 8.14 -0.29 -24.30
N VAL A 908 9.30 0.23 -23.90
CA VAL A 908 10.09 1.07 -24.79
C VAL A 908 10.67 0.24 -25.95
N SER A 909 10.99 -1.02 -25.70
CA SER A 909 11.40 -1.88 -26.81
C SER A 909 10.25 -2.21 -27.74
N LEU A 910 9.00 -2.12 -27.27
CA LEU A 910 7.83 -2.37 -28.09
C LEU A 910 7.23 -1.09 -28.67
N THR A 911 7.88 0.06 -28.46
CA THR A 911 7.51 1.33 -29.10
C THR A 911 6.05 1.72 -28.82
N GLN A 912 5.59 1.50 -27.59
CA GLN A 912 4.21 1.82 -27.23
C GLN A 912 4.20 2.82 -26.08
N GLU A 913 4.28 4.10 -26.42
CA GLU A 913 4.09 5.18 -25.45
C GLU A 913 2.75 5.87 -25.63
N GLN A 914 2.37 6.18 -26.87
CA GLN A 914 1.07 6.80 -27.13
C GLN A 914 -0.06 5.89 -26.69
N LYS A 915 0.10 4.57 -26.90
CA LYS A 915 -0.94 3.62 -26.51
C LYS A 915 -1.22 3.68 -25.01
N PHE A 916 -0.16 3.59 -24.21
CA PHE A 916 -0.35 3.62 -22.76
C PHE A 916 -0.80 5.01 -22.28
N GLU A 917 -0.32 6.08 -22.93
CA GLU A 917 -0.81 7.40 -22.60
C GLU A 917 -2.33 7.50 -22.79
N HIS A 918 -2.81 7.03 -23.94
CA HIS A 918 -4.24 7.09 -24.22
C HIS A 918 -5.04 6.20 -23.27
N MET A 919 -4.50 5.02 -22.95
CA MET A 919 -5.19 4.14 -22.00
C MET A 919 -5.30 4.80 -20.64
N TYR A 920 -4.23 5.43 -20.18
CA TYR A 920 -4.25 6.13 -18.89
C TYR A 920 -5.25 7.28 -18.91
N ALA A 921 -5.27 8.06 -20.01
CA ALA A 921 -6.22 9.16 -20.10
C ALA A 921 -7.66 8.65 -20.08
N GLN A 922 -7.94 7.57 -20.82
CA GLN A 922 -9.28 7.00 -20.83
C GLN A 922 -9.68 6.52 -19.44
N SER A 923 -8.76 5.85 -18.74
CA SER A 923 -9.08 5.38 -17.39
C SER A 923 -9.22 6.52 -16.40
N LEU A 924 -8.65 7.69 -16.69
CA LEU A 924 -8.81 8.85 -15.82
C LEU A 924 -10.04 9.68 -16.16
N GLN A 925 -10.63 9.48 -17.35
CA GLN A 925 -11.72 10.35 -17.79
C GLN A 925 -12.93 10.29 -16.87
N VAL A 926 -13.43 9.09 -16.57
CA VAL A 926 -14.68 8.97 -15.81
C VAL A 926 -14.59 9.54 -14.40
N PRO A 927 -13.58 9.21 -13.58
CA PRO A 927 -13.53 9.79 -12.23
C PRO A 927 -13.37 11.30 -12.25
N TYR A 928 -12.86 11.88 -13.33
CA TYR A 928 -12.82 13.34 -13.45
C TYR A 928 -14.22 13.92 -13.41
N ARG A 929 -15.12 13.42 -14.25
CA ARG A 929 -16.50 13.90 -14.24
C ARG A 929 -17.19 13.57 -12.92
N ASN A 930 -16.92 12.38 -12.37
CA ASN A 930 -17.53 12.03 -11.09
C ASN A 930 -17.11 13.01 -9.99
N SER A 931 -15.83 13.39 -9.95
CA SER A 931 -15.37 14.36 -8.97
C SER A 931 -15.97 15.74 -9.23
N LEU A 932 -16.13 16.11 -10.51
CA LEU A 932 -16.74 17.40 -10.82
C LEU A 932 -18.16 17.48 -10.28
N ARG A 933 -18.92 16.39 -10.41
CA ARG A 933 -20.28 16.38 -9.86
C ARG A 933 -20.25 16.35 -8.32
N LYS A 934 -19.37 15.52 -7.74
CA LYS A 934 -19.33 15.39 -6.30
C LYS A 934 -18.91 16.70 -5.62
N ALA A 935 -18.16 17.54 -6.33
CA ALA A 935 -17.81 18.85 -5.78
C ALA A 935 -19.06 19.68 -5.50
N HIS A 936 -19.95 19.77 -6.49
CA HIS A 936 -21.21 20.48 -6.29
C HIS A 936 -22.06 19.83 -5.21
N ILE A 937 -22.11 18.50 -5.20
CA ILE A 937 -22.94 17.80 -4.21
C ILE A 937 -22.46 18.12 -2.79
N PHE A 938 -21.15 17.98 -2.56
CA PHE A 938 -20.61 18.25 -1.23
C PHE A 938 -20.77 19.72 -0.87
N GLY A 939 -20.57 20.61 -1.83
CA GLY A 939 -20.75 22.03 -1.55
C GLY A 939 -22.15 22.35 -1.07
N ILE A 940 -23.16 21.83 -1.78
CA ILE A 940 -24.54 22.17 -1.42
C ILE A 940 -24.91 21.53 -0.08
N THR A 941 -24.44 20.30 0.17
CA THR A 941 -24.74 19.67 1.47
C THR A 941 -24.13 20.47 2.61
N PHE A 942 -22.86 20.85 2.49
CA PHE A 942 -22.21 21.64 3.53
C PHE A 942 -22.91 22.97 3.72
N SER A 943 -23.28 23.63 2.62
CA SER A 943 -23.93 24.94 2.72
C SER A 943 -25.26 24.85 3.45
N PHE A 944 -26.12 23.90 3.06
CA PHE A 944 -27.43 23.78 3.68
C PHE A 944 -27.30 23.44 5.16
N THR A 945 -26.43 22.47 5.48
CA THR A 945 -26.25 22.07 6.87
C THR A 945 -25.74 23.22 7.72
N GLN A 946 -24.81 24.01 7.18
CA GLN A 946 -24.29 25.16 7.91
C GLN A 946 -25.36 26.22 8.09
N ALA A 947 -26.20 26.44 7.07
CA ALA A 947 -27.20 27.51 7.14
C ALA A 947 -28.33 27.18 8.10
N MET A 948 -28.61 25.89 8.32
CA MET A 948 -29.63 25.53 9.29
C MET A 948 -29.27 26.05 10.69
N MET A 949 -27.98 26.05 11.03
CA MET A 949 -27.55 26.59 12.32
C MET A 949 -27.88 28.07 12.45
N TYR A 950 -27.81 28.81 11.35
CA TYR A 950 -28.14 30.24 11.39
C TYR A 950 -29.64 30.49 11.41
N PHE A 951 -30.43 29.62 10.76
CA PHE A 951 -31.88 29.78 10.76
C PHE A 951 -32.50 29.37 12.10
N SER A 952 -31.84 28.47 12.83
CA SER A 952 -32.35 28.01 14.12
C SER A 952 -32.51 29.18 15.09
N TYR A 953 -31.56 30.12 15.08
CA TYR A 953 -31.68 31.30 15.94
C TYR A 953 -33.00 32.01 15.71
N ALA A 954 -33.30 32.33 14.45
CA ALA A 954 -34.51 33.07 14.13
C ALA A 954 -35.75 32.29 14.56
N GLY A 955 -35.84 31.02 14.18
CA GLY A 955 -37.04 30.26 14.52
C GLY A 955 -37.25 30.15 16.02
N CYS A 956 -36.21 29.70 16.74
CA CYS A 956 -36.32 29.47 18.18
C CYS A 956 -36.65 30.76 18.91
N PHE A 957 -35.95 31.85 18.58
CA PHE A 957 -36.18 33.08 19.33
C PHE A 957 -37.46 33.78 18.94
N ARG A 958 -37.99 33.56 17.73
CA ARG A 958 -39.32 34.10 17.43
C ARG A 958 -40.39 33.39 18.25
N PHE A 959 -40.35 32.05 18.29
CA PHE A 959 -41.33 31.36 19.10
C PHE A 959 -41.15 31.69 20.58
N GLY A 960 -39.89 31.85 21.03
CA GLY A 960 -39.65 32.25 22.39
C GLY A 960 -40.19 33.64 22.70
N ALA A 961 -40.10 34.55 21.73
CA ALA A 961 -40.68 35.88 21.91
C ALA A 961 -42.19 35.78 22.09
N TYR A 962 -42.84 34.96 21.26
CA TYR A 962 -44.28 34.77 21.43
C TYR A 962 -44.60 34.23 22.83
N LEU A 963 -43.89 33.17 23.24
CA LEU A 963 -44.18 32.55 24.53
C LEU A 963 -43.94 33.50 25.69
N VAL A 964 -42.85 34.27 25.64
CA VAL A 964 -42.56 35.22 26.71
C VAL A 964 -43.59 36.33 26.73
N ALA A 965 -44.05 36.76 25.55
CA ALA A 965 -45.08 37.79 25.50
C ALA A 965 -46.37 37.31 26.13
N HIS A 966 -46.75 36.06 25.87
CA HIS A 966 -47.98 35.51 26.45
C HIS A 966 -47.75 34.88 27.82
N LYS A 967 -46.64 35.19 28.48
CA LYS A 967 -46.38 34.82 29.88
C LYS A 967 -46.52 33.31 30.09
N LEU A 968 -45.75 32.56 29.31
CA LEU A 968 -45.68 31.11 29.46
C LEU A 968 -44.31 30.61 29.87
N MET A 969 -43.27 31.43 29.75
CA MET A 969 -41.93 31.11 30.22
C MET A 969 -41.16 32.43 30.32
N SER A 970 -39.87 32.34 30.60
CA SER A 970 -39.01 33.51 30.72
C SER A 970 -37.84 33.40 29.76
N PHE A 971 -37.12 34.52 29.60
CA PHE A 971 -35.97 34.54 28.71
C PHE A 971 -34.90 33.54 29.15
N GLU A 972 -34.68 33.42 30.46
CA GLU A 972 -33.73 32.45 30.97
C GLU A 972 -34.10 31.04 30.53
N ASP A 973 -35.38 30.68 30.62
CA ASP A 973 -35.81 29.36 30.19
C ASP A 973 -35.64 29.16 28.69
N VAL A 974 -35.87 30.22 27.90
CA VAL A 974 -35.65 30.13 26.46
C VAL A 974 -34.18 29.85 26.18
N LEU A 975 -33.28 30.57 26.87
CA LEU A 975 -31.85 30.34 26.68
C LEU A 975 -31.46 28.93 27.09
N LEU A 976 -32.01 28.45 28.20
CA LEU A 976 -31.69 27.10 28.66
C LEU A 976 -32.12 26.06 27.64
N VAL A 977 -33.35 26.16 27.15
CA VAL A 977 -33.86 25.20 26.18
C VAL A 977 -33.02 25.26 24.90
N PHE A 978 -32.72 26.47 24.42
CA PHE A 978 -31.96 26.59 23.18
C PHE A 978 -30.56 26.00 23.34
N SER A 979 -29.83 26.43 24.39
CA SER A 979 -28.45 25.99 24.58
C SER A 979 -28.35 24.56 25.06
N ALA A 980 -29.47 23.91 25.39
CA ALA A 980 -29.43 22.50 25.75
C ALA A 980 -29.93 21.57 24.65
N VAL A 981 -30.76 22.07 23.74
CA VAL A 981 -31.32 21.22 22.70
C VAL A 981 -30.58 21.40 21.38
N VAL A 982 -30.09 22.60 21.11
CA VAL A 982 -29.39 22.88 19.85
C VAL A 982 -27.88 22.71 19.99
N PHE A 983 -27.28 23.37 20.98
CA PHE A 983 -25.85 23.19 21.21
C PHE A 983 -25.54 21.76 21.62
N GLY A 984 -26.45 21.14 22.39
CA GLY A 984 -26.29 19.73 22.70
C GLY A 984 -26.31 18.86 21.46
N ALA A 985 -27.17 19.20 20.49
CA ALA A 985 -27.20 18.44 19.24
C ALA A 985 -25.92 18.64 18.44
N MET A 986 -25.38 19.86 18.46
CA MET A 986 -24.08 20.10 17.82
C MET A 986 -23.01 19.22 18.45
N ALA A 987 -22.99 19.15 19.78
CA ALA A 987 -21.99 18.33 20.47
C ALA A 987 -22.20 16.85 20.16
N VAL A 988 -23.44 16.40 20.07
CA VAL A 988 -23.71 15.01 19.71
C VAL A 988 -23.16 14.71 18.32
N GLY A 989 -23.43 15.59 17.37
CA GLY A 989 -22.93 15.38 16.02
C GLY A 989 -21.42 15.37 15.96
N GLN A 990 -20.77 16.26 16.71
CA GLN A 990 -19.31 16.30 16.70
C GLN A 990 -18.70 15.07 17.35
N VAL A 991 -19.25 14.63 18.49
CA VAL A 991 -18.71 13.46 19.18
C VAL A 991 -18.91 12.21 18.34
N SER A 992 -20.08 12.07 17.71
CA SER A 992 -20.35 10.87 16.93
C SER A 992 -19.53 10.79 15.65
N SER A 993 -18.77 11.83 15.32
CA SER A 993 -17.94 11.86 14.13
C SER A 993 -16.45 11.70 14.42
N PHE A 994 -16.00 12.09 15.61
CA PHE A 994 -14.60 11.94 16.00
C PHE A 994 -14.35 10.59 16.66
N ALA A 995 -14.72 9.52 15.96
CA ALA A 995 -14.59 8.17 16.47
C ALA A 995 -14.58 7.20 15.30
N PRO A 996 -13.93 6.05 15.43
CA PRO A 996 -13.89 5.10 14.32
C PRO A 996 -15.28 4.57 13.97
N ASP A 997 -15.45 4.21 12.70
CA ASP A 997 -16.71 3.65 12.23
C ASP A 997 -17.00 2.32 12.92
N TYR A 998 -18.24 2.15 13.35
CA TYR A 998 -18.63 0.92 14.05
C TYR A 998 -18.83 -0.25 13.10
N ALA A 999 -19.31 0.00 11.89
CA ALA A 999 -19.62 -1.09 10.97
C ALA A 999 -18.37 -1.83 10.54
N LYS A 1000 -17.35 -1.09 10.08
CA LYS A 1000 -16.11 -1.72 9.65
C LYS A 1000 -15.42 -2.44 10.80
N ALA A 1001 -15.55 -1.93 12.02
CA ALA A 1001 -14.95 -2.59 13.17
C ALA A 1001 -15.55 -3.97 13.38
N LYS A 1002 -16.88 -4.08 13.31
CA LYS A 1002 -17.52 -5.37 13.48
C LYS A 1002 -17.23 -6.30 12.31
N ILE A 1003 -17.14 -5.73 11.09
CA ILE A 1003 -16.81 -6.56 9.94
C ILE A 1003 -15.42 -7.16 10.09
N SER A 1004 -14.45 -6.37 10.55
CA SER A 1004 -13.10 -6.89 10.78
C SER A 1004 -13.09 -7.89 11.94
N ALA A 1005 -13.86 -7.61 13.00
CA ALA A 1005 -13.92 -8.53 14.13
C ALA A 1005 -14.49 -9.88 13.72
N ALA A 1006 -15.38 -9.90 12.74
CA ALA A 1006 -15.87 -11.18 12.22
C ALA A 1006 -14.71 -12.03 11.70
N HIS A 1007 -13.86 -11.44 10.85
CA HIS A 1007 -12.71 -12.17 10.32
C HIS A 1007 -11.75 -12.58 11.43
N ILE A 1008 -11.49 -11.67 12.37
CA ILE A 1008 -10.54 -11.97 13.45
C ILE A 1008 -11.04 -13.16 14.28
N ILE A 1009 -12.32 -13.14 14.66
CA ILE A 1009 -12.87 -14.24 15.44
C ILE A 1009 -12.88 -15.53 14.63
N MET A 1010 -13.17 -15.43 13.32
CA MET A 1010 -13.15 -16.61 12.47
C MET A 1010 -11.77 -17.25 12.44
N ILE A 1011 -10.73 -16.43 12.32
CA ILE A 1011 -9.38 -17.01 12.14
C ILE A 1011 -8.77 -17.44 13.47
N ILE A 1012 -9.13 -16.79 14.58
CA ILE A 1012 -8.56 -17.16 15.88
C ILE A 1012 -8.98 -18.58 16.26
N GLU A 1013 -10.26 -18.91 16.10
CA GLU A 1013 -10.79 -20.19 16.54
C GLU A 1013 -10.58 -21.32 15.55
N LYS A 1014 -10.03 -21.02 14.36
CA LYS A 1014 -9.83 -22.04 13.35
C LYS A 1014 -8.87 -23.11 13.85
N THR A 1015 -9.24 -24.38 13.63
CA THR A 1015 -8.40 -25.52 13.97
C THR A 1015 -7.99 -26.29 12.71
N PRO A 1016 -6.72 -26.64 12.58
CA PRO A 1016 -6.27 -27.29 11.34
C PRO A 1016 -6.44 -28.80 11.37
N LEU A 1017 -6.09 -29.46 10.26
CA LEU A 1017 -6.08 -30.91 10.19
C LEU A 1017 -4.73 -31.48 10.62
N ILE A 1018 -3.65 -31.02 9.99
CA ILE A 1018 -2.29 -31.41 10.39
C ILE A 1018 -1.83 -30.38 11.41
N ASP A 1019 -2.12 -30.65 12.68
CA ASP A 1019 -1.73 -29.73 13.74
C ASP A 1019 -0.21 -29.77 13.93
N SER A 1020 0.39 -28.58 13.96
CA SER A 1020 1.83 -28.45 14.19
C SER A 1020 2.17 -28.20 15.64
N TYR A 1021 1.16 -28.23 16.52
CA TYR A 1021 1.36 -28.08 17.96
C TYR A 1021 0.94 -29.32 18.74
N SER A 1022 0.61 -30.41 18.04
CA SER A 1022 0.15 -31.64 18.70
C SER A 1022 1.33 -32.33 19.35
N THR A 1023 1.36 -32.34 20.68
CA THR A 1023 2.46 -32.97 21.42
C THR A 1023 2.44 -34.48 21.24
N GLU A 1024 1.28 -35.07 21.00
CA GLU A 1024 1.17 -36.51 20.86
C GLU A 1024 2.06 -37.02 19.74
N GLY A 1025 2.76 -38.12 20.00
CA GLY A 1025 3.65 -38.71 19.01
C GLY A 1025 4.30 -39.95 19.56
N LEU A 1026 5.11 -40.57 18.70
CA LEU A 1026 5.81 -41.82 19.01
C LEU A 1026 7.27 -41.73 18.58
N MET A 1027 7.93 -40.62 18.96
CA MET A 1027 9.31 -40.34 18.61
C MET A 1027 10.22 -41.52 18.91
N PRO A 1028 10.77 -42.17 17.89
CA PRO A 1028 11.62 -43.35 18.10
C PRO A 1028 13.05 -42.95 18.43
N ASN A 1029 13.91 -43.97 18.53
CA ASN A 1029 15.32 -43.74 18.84
C ASN A 1029 16.07 -43.24 17.60
N THR A 1030 16.10 -44.05 16.54
CA THR A 1030 16.80 -43.71 15.33
C THR A 1030 16.00 -44.19 14.12
N LEU A 1031 15.91 -43.35 13.10
CA LEU A 1031 15.18 -43.66 11.89
C LEU A 1031 16.14 -44.09 10.79
N GLU A 1032 15.78 -45.17 10.09
CA GLU A 1032 16.59 -45.69 8.98
C GLU A 1032 16.23 -45.05 7.65
N GLY A 1033 15.31 -44.10 7.63
CA GLY A 1033 14.99 -43.39 6.40
C GLY A 1033 14.40 -44.26 5.30
N ASN A 1034 13.53 -45.20 5.67
CA ASN A 1034 12.86 -46.06 4.69
C ASN A 1034 11.57 -45.38 4.28
N VAL A 1035 11.62 -44.63 3.19
CA VAL A 1035 10.47 -43.90 2.68
C VAL A 1035 9.86 -44.69 1.53
N THR A 1036 8.61 -45.10 1.69
CA THR A 1036 7.90 -45.87 0.67
C THR A 1036 6.54 -45.24 0.41
N PHE A 1037 6.10 -45.33 -0.83
CA PHE A 1037 4.78 -44.84 -1.25
C PHE A 1037 4.00 -45.99 -1.87
N GLY A 1038 2.75 -46.16 -1.45
CA GLY A 1038 1.91 -47.20 -1.98
C GLY A 1038 0.54 -46.72 -2.40
N GLU A 1039 0.23 -46.88 -3.69
CA GLU A 1039 -1.05 -46.49 -4.30
C GLU A 1039 -1.56 -45.15 -3.78
N VAL A 1040 -0.67 -44.18 -3.63
CA VAL A 1040 -1.04 -42.87 -3.10
C VAL A 1040 -1.65 -42.02 -4.20
N VAL A 1041 -2.87 -41.54 -3.97
CA VAL A 1041 -3.56 -40.67 -4.91
C VAL A 1041 -3.78 -39.34 -4.21
N PHE A 1042 -3.32 -38.26 -4.82
CA PHE A 1042 -3.39 -36.94 -4.22
C PHE A 1042 -3.95 -35.94 -5.23
N ASN A 1043 -4.67 -34.94 -4.70
CA ASN A 1043 -5.19 -33.85 -5.52
C ASN A 1043 -4.99 -32.55 -4.77
N TYR A 1044 -4.75 -31.48 -5.53
CA TYR A 1044 -4.54 -30.17 -4.92
C TYR A 1044 -5.84 -29.66 -4.31
N PRO A 1045 -5.77 -28.97 -3.17
CA PRO A 1045 -7.00 -28.51 -2.51
C PRO A 1045 -7.66 -27.34 -3.21
N THR A 1046 -6.86 -26.43 -3.77
CA THR A 1046 -7.41 -25.25 -4.43
C THR A 1046 -8.25 -25.63 -5.64
N ARG A 1047 -7.77 -26.57 -6.45
CA ARG A 1047 -8.47 -27.01 -7.66
C ARG A 1047 -8.55 -28.53 -7.67
N PRO A 1048 -9.45 -29.10 -6.87
CA PRO A 1048 -9.60 -30.57 -6.85
C PRO A 1048 -10.45 -31.08 -8.01
N ASP A 1049 -9.95 -30.89 -9.22
CA ASP A 1049 -10.66 -31.29 -10.43
C ASP A 1049 -9.92 -32.32 -11.26
N ILE A 1050 -8.60 -32.18 -11.41
CA ILE A 1050 -7.79 -33.13 -12.15
C ILE A 1050 -6.73 -33.67 -11.20
N PRO A 1051 -6.64 -34.98 -10.99
CA PRO A 1051 -5.65 -35.52 -10.04
C PRO A 1051 -4.23 -35.31 -10.52
N VAL A 1052 -3.33 -35.17 -9.55
CA VAL A 1052 -1.90 -35.05 -9.82
C VAL A 1052 -1.19 -36.40 -9.71
N LEU A 1053 -1.57 -37.20 -8.72
CA LEU A 1053 -1.00 -38.52 -8.51
C LEU A 1053 -2.06 -39.59 -8.78
N GLN A 1054 -1.63 -40.70 -9.36
CA GLN A 1054 -2.53 -41.78 -9.78
C GLN A 1054 -2.09 -43.11 -9.19
N GLY A 1055 -1.82 -43.12 -7.88
CA GLY A 1055 -1.44 -44.35 -7.20
C GLY A 1055 0.02 -44.70 -7.39
N LEU A 1056 0.91 -43.84 -6.93
CA LEU A 1056 2.34 -44.06 -7.08
C LEU A 1056 2.81 -45.24 -6.22
N SER A 1057 3.78 -45.98 -6.73
CA SER A 1057 4.44 -47.05 -6.00
C SER A 1057 5.92 -46.73 -5.88
N LEU A 1058 6.44 -46.77 -4.66
CA LEU A 1058 7.81 -46.38 -4.40
C LEU A 1058 8.33 -47.14 -3.19
N GLU A 1059 9.63 -47.42 -3.20
CA GLU A 1059 10.26 -48.16 -2.12
C GLU A 1059 11.75 -47.87 -2.13
N VAL A 1060 12.27 -47.34 -1.01
CA VAL A 1060 13.66 -46.94 -0.89
C VAL A 1060 14.25 -47.51 0.39
N LYS A 1061 15.48 -47.99 0.32
CA LYS A 1061 16.21 -48.51 1.46
C LYS A 1061 17.33 -47.54 1.85
N LYS A 1062 17.90 -47.76 3.04
CA LYS A 1062 18.98 -46.92 3.51
C LYS A 1062 20.22 -47.11 2.64
N GLY A 1063 20.86 -46.00 2.28
CA GLY A 1063 22.06 -46.01 1.47
C GLY A 1063 21.82 -45.94 -0.02
N GLN A 1064 20.59 -46.15 -0.47
CA GLN A 1064 20.25 -46.12 -1.88
C GLN A 1064 19.81 -44.72 -2.28
N THR A 1065 20.43 -44.18 -3.33
CA THR A 1065 20.06 -42.88 -3.87
C THR A 1065 19.13 -43.09 -5.06
N LEU A 1066 17.92 -42.57 -4.95
CA LEU A 1066 16.89 -42.75 -5.96
C LEU A 1066 16.73 -41.48 -6.77
N ALA A 1067 16.60 -41.64 -8.09
CA ALA A 1067 16.39 -40.53 -9.01
C ALA A 1067 15.04 -40.67 -9.69
N LEU A 1068 14.33 -39.55 -9.83
CA LEU A 1068 13.05 -39.51 -10.51
C LEU A 1068 13.05 -38.37 -11.50
N VAL A 1069 12.56 -38.65 -12.72
CA VAL A 1069 12.56 -37.68 -13.80
C VAL A 1069 11.18 -37.63 -14.42
N GLY A 1070 10.86 -36.48 -15.01
CA GLY A 1070 9.56 -36.30 -15.64
C GLY A 1070 9.42 -34.89 -16.15
N SER A 1071 8.23 -34.59 -16.67
CA SER A 1071 7.95 -33.26 -17.18
C SER A 1071 7.83 -32.27 -16.03
N SER A 1072 8.04 -30.99 -16.37
CA SER A 1072 7.95 -29.94 -15.37
C SER A 1072 6.51 -29.80 -14.87
N GLY A 1073 6.38 -29.48 -13.58
CA GLY A 1073 5.08 -29.36 -12.94
C GLY A 1073 4.44 -30.67 -12.55
N CYS A 1074 5.13 -31.80 -12.75
CA CYS A 1074 4.57 -33.11 -12.43
C CYS A 1074 4.70 -33.41 -10.94
N GLY A 1075 4.43 -34.65 -10.55
CA GLY A 1075 4.29 -35.01 -9.15
C GLY A 1075 5.56 -34.93 -8.32
N LYS A 1076 6.71 -34.71 -8.95
CA LYS A 1076 7.99 -34.69 -8.23
C LYS A 1076 7.97 -33.69 -7.08
N SER A 1077 7.61 -32.44 -7.38
CA SER A 1077 7.51 -31.44 -6.34
C SER A 1077 6.40 -31.78 -5.35
N THR A 1078 5.27 -32.29 -5.86
CA THR A 1078 4.18 -32.72 -4.98
C THR A 1078 4.62 -33.89 -4.10
N VAL A 1079 5.39 -34.83 -4.66
CA VAL A 1079 5.90 -35.92 -3.83
C VAL A 1079 6.84 -35.40 -2.75
N VAL A 1080 7.72 -34.46 -3.12
CA VAL A 1080 8.60 -33.83 -2.13
C VAL A 1080 7.78 -33.20 -1.01
N GLN A 1081 6.74 -32.46 -1.38
CA GLN A 1081 5.88 -31.82 -0.38
C GLN A 1081 5.20 -32.86 0.50
N LEU A 1082 4.67 -33.93 -0.10
CA LEU A 1082 3.91 -34.92 0.65
C LEU A 1082 4.80 -35.72 1.60
N LEU A 1083 6.03 -36.02 1.18
CA LEU A 1083 6.94 -36.77 2.04
C LEU A 1083 7.26 -36.00 3.32
N GLU A 1084 7.10 -34.69 3.31
CA GLU A 1084 7.29 -33.86 4.49
C GLU A 1084 6.00 -33.58 5.23
N ARG A 1085 4.89 -34.20 4.80
CA ARG A 1085 3.58 -34.04 5.42
C ARG A 1085 3.12 -32.59 5.39
N PHE A 1086 3.38 -31.92 4.27
CA PHE A 1086 2.80 -30.59 4.07
C PHE A 1086 1.31 -30.67 3.81
N TYR A 1087 0.87 -31.64 3.02
CA TYR A 1087 -0.52 -31.83 2.67
C TYR A 1087 -1.00 -33.20 3.15
N ASP A 1088 -2.28 -33.48 2.94
CA ASP A 1088 -2.89 -34.74 3.33
C ASP A 1088 -3.25 -35.53 2.09
N PRO A 1089 -2.69 -36.72 1.89
CA PRO A 1089 -3.10 -37.54 0.74
C PRO A 1089 -4.55 -38.00 0.88
N LEU A 1090 -5.29 -37.90 -0.22
CA LEU A 1090 -6.68 -38.34 -0.21
C LEU A 1090 -6.79 -39.85 -0.04
N ALA A 1091 -5.89 -40.59 -0.69
CA ALA A 1091 -5.87 -42.05 -0.59
C ALA A 1091 -4.44 -42.52 -0.70
N GLY A 1092 -4.22 -43.77 -0.30
CA GLY A 1092 -2.90 -44.36 -0.30
C GLY A 1092 -2.30 -44.42 1.10
N LYS A 1093 -1.11 -45.01 1.17
CA LYS A 1093 -0.42 -45.24 2.43
C LYS A 1093 1.03 -44.76 2.32
N VAL A 1094 1.52 -44.17 3.41
CA VAL A 1094 2.90 -43.73 3.51
C VAL A 1094 3.52 -44.42 4.72
N LEU A 1095 4.66 -45.09 4.50
CA LEU A 1095 5.34 -45.83 5.54
C LEU A 1095 6.68 -45.18 5.87
N LEU A 1096 7.19 -45.49 7.05
CA LEU A 1096 8.49 -45.00 7.50
C LEU A 1096 9.08 -46.03 8.45
N ASP A 1097 9.96 -46.88 7.93
CA ASP A 1097 10.54 -47.99 8.68
C ASP A 1097 9.43 -48.89 9.25
N GLY A 1098 8.40 -49.12 8.45
CA GLY A 1098 7.30 -49.98 8.83
C GLY A 1098 6.23 -49.33 9.69
N LYS A 1099 6.38 -48.05 10.02
CA LYS A 1099 5.40 -47.33 10.82
C LYS A 1099 4.66 -46.34 9.92
N GLU A 1100 3.34 -46.32 10.03
CA GLU A 1100 2.53 -45.44 9.21
C GLU A 1100 2.78 -43.97 9.56
N ILE A 1101 2.73 -43.12 8.54
CA ILE A 1101 3.02 -41.71 8.72
C ILE A 1101 1.96 -41.00 9.55
N LYS A 1102 0.78 -41.62 9.69
CA LYS A 1102 -0.31 -40.97 10.42
C LYS A 1102 0.01 -40.83 11.90
N ARG A 1103 0.61 -41.86 12.50
CA ARG A 1103 0.86 -41.87 13.94
C ARG A 1103 2.18 -41.20 14.32
N LEU A 1104 3.00 -40.80 13.35
CA LEU A 1104 4.24 -40.12 13.64
C LEU A 1104 4.00 -38.67 14.04
N ASN A 1105 4.79 -38.18 15.00
CA ASN A 1105 4.69 -36.80 15.42
C ASN A 1105 5.15 -35.86 14.32
N VAL A 1106 4.41 -34.77 14.12
CA VAL A 1106 4.73 -33.82 13.06
C VAL A 1106 6.00 -33.05 13.39
N GLN A 1107 6.13 -32.59 14.63
CA GLN A 1107 7.32 -31.83 15.01
C GLN A 1107 8.58 -32.68 14.92
N TRP A 1108 8.48 -33.96 15.28
CA TRP A 1108 9.63 -34.85 15.20
C TRP A 1108 10.08 -35.04 13.76
N LEU A 1109 9.13 -35.28 12.84
CA LEU A 1109 9.48 -35.56 11.45
C LEU A 1109 10.11 -34.35 10.79
N ARG A 1110 9.48 -33.18 10.93
CA ARG A 1110 9.97 -31.99 10.25
C ARG A 1110 11.33 -31.57 10.78
N ALA A 1111 11.64 -31.90 12.03
CA ALA A 1111 12.94 -31.60 12.61
C ALA A 1111 13.94 -32.73 12.42
N HIS A 1112 13.50 -33.89 11.92
CA HIS A 1112 14.39 -35.04 11.75
C HIS A 1112 14.95 -35.15 10.33
N LEU A 1113 14.64 -34.21 9.45
CA LEU A 1113 15.19 -34.24 8.09
C LEU A 1113 15.31 -32.82 7.57
N GLY A 1114 16.16 -32.66 6.56
CA GLY A 1114 16.43 -31.36 5.98
C GLY A 1114 16.14 -31.35 4.49
N ILE A 1115 15.81 -30.17 3.97
CA ILE A 1115 15.45 -29.99 2.57
C ILE A 1115 16.17 -28.76 2.03
N VAL A 1116 16.32 -28.74 0.71
CA VAL A 1116 16.86 -27.59 -0.02
C VAL A 1116 15.82 -27.14 -1.02
N SER A 1117 15.43 -25.87 -0.95
CA SER A 1117 14.36 -25.35 -1.79
C SER A 1117 14.78 -25.29 -3.25
N GLN A 1118 13.80 -25.39 -4.14
CA GLN A 1118 14.08 -25.31 -5.57
C GLN A 1118 14.63 -23.95 -5.95
N GLU A 1119 14.07 -22.88 -5.39
CA GLU A 1119 14.62 -21.55 -5.57
C GLU A 1119 15.29 -21.09 -4.27
N PRO A 1120 16.38 -20.33 -4.37
CA PRO A 1120 17.08 -19.88 -3.16
C PRO A 1120 16.23 -18.89 -2.37
N ILE A 1121 15.93 -19.25 -1.12
CA ILE A 1121 15.16 -18.40 -0.22
C ILE A 1121 16.03 -18.12 1.00
N LEU A 1122 16.15 -16.83 1.35
CA LEU A 1122 17.07 -16.41 2.39
C LEU A 1122 16.35 -15.48 3.36
N PHE A 1123 16.85 -15.46 4.60
CA PHE A 1123 16.32 -14.60 5.65
C PHE A 1123 17.24 -13.40 5.84
N ASP A 1124 16.64 -12.27 6.23
CA ASP A 1124 17.37 -11.02 6.39
C ASP A 1124 18.06 -10.90 7.74
N CYS A 1125 18.26 -12.00 8.45
CA CYS A 1125 19.01 -11.98 9.70
C CYS A 1125 20.51 -12.02 9.38
N SER A 1126 21.33 -12.20 10.41
CA SER A 1126 22.77 -12.27 10.21
C SER A 1126 23.16 -13.61 9.61
N ILE A 1127 24.42 -13.69 9.14
CA ILE A 1127 24.93 -14.95 8.60
C ILE A 1127 24.92 -16.04 9.66
N ALA A 1128 25.35 -15.70 10.88
CA ALA A 1128 25.38 -16.69 11.96
C ALA A 1128 23.99 -17.21 12.26
N GLU A 1129 23.00 -16.31 12.35
CA GLU A 1129 21.64 -16.75 12.65
C GLU A 1129 21.04 -17.51 11.47
N ASN A 1130 21.29 -17.05 10.24
CA ASN A 1130 20.74 -17.73 9.06
C ASN A 1130 21.32 -19.12 8.90
N ILE A 1131 22.56 -19.34 9.35
CA ILE A 1131 23.16 -20.67 9.28
C ILE A 1131 22.86 -21.49 10.53
N ALA A 1132 22.49 -20.86 11.64
CA ALA A 1132 22.03 -21.55 12.84
C ALA A 1132 20.53 -21.77 12.84
N TYR A 1133 19.84 -21.42 11.74
CA TYR A 1133 18.42 -21.62 11.60
C TYR A 1133 18.06 -23.05 11.20
N GLY A 1134 18.93 -24.01 11.51
CA GLY A 1134 18.67 -25.41 11.21
C GLY A 1134 18.07 -26.13 12.39
N ASP A 1135 18.86 -26.94 13.08
CA ASP A 1135 18.36 -27.70 14.22
C ASP A 1135 18.06 -26.74 15.37
N ASN A 1136 16.78 -26.39 15.52
CA ASN A 1136 16.37 -25.48 16.57
C ASN A 1136 16.22 -26.23 17.89
N SER A 1137 15.75 -25.52 18.91
CA SER A 1137 15.63 -26.03 20.28
C SER A 1137 16.97 -26.50 20.83
N ARG A 1138 18.07 -25.95 20.30
CA ARG A 1138 19.41 -26.33 20.73
C ARG A 1138 20.38 -25.26 20.25
N VAL A 1139 21.17 -24.72 21.17
CA VAL A 1139 22.17 -23.71 20.82
C VAL A 1139 23.34 -24.42 20.16
N VAL A 1140 23.68 -23.99 18.95
CA VAL A 1140 24.75 -24.61 18.17
C VAL A 1140 26.02 -23.81 18.34
N SER A 1141 27.16 -24.49 18.14
CA SER A 1141 28.47 -23.87 18.27
C SER A 1141 29.03 -23.52 16.90
N GLN A 1142 30.04 -22.64 16.91
CA GLN A 1142 30.68 -22.22 15.65
C GLN A 1142 31.42 -23.35 14.97
N GLU A 1143 31.86 -24.37 15.72
CA GLU A 1143 32.59 -25.48 15.11
C GLU A 1143 31.71 -26.24 14.12
N GLU A 1144 30.46 -26.53 14.49
CA GLU A 1144 29.55 -27.18 13.58
C GLU A 1144 29.29 -26.31 12.35
N ILE A 1145 29.14 -25.01 12.55
CA ILE A 1145 28.89 -24.09 11.44
C ILE A 1145 30.06 -24.11 10.46
N VAL A 1146 31.29 -24.02 10.97
CA VAL A 1146 32.44 -23.95 10.08
C VAL A 1146 32.67 -25.29 9.40
N ARG A 1147 32.44 -26.41 10.09
CA ARG A 1147 32.62 -27.70 9.43
C ARG A 1147 31.54 -27.93 8.37
N ALA A 1148 30.32 -27.46 8.61
CA ALA A 1148 29.29 -27.53 7.57
C ALA A 1148 29.64 -26.66 6.38
N ALA A 1149 30.17 -25.46 6.63
CA ALA A 1149 30.59 -24.59 5.54
C ALA A 1149 31.70 -25.23 4.73
N LYS A 1150 32.66 -25.87 5.39
CA LYS A 1150 33.71 -26.60 4.69
C LYS A 1150 33.11 -27.74 3.86
N GLU A 1151 32.14 -28.46 4.44
CA GLU A 1151 31.51 -29.55 3.71
C GLU A 1151 30.68 -29.04 2.53
N ALA A 1152 30.14 -27.82 2.64
CA ALA A 1152 29.34 -27.23 1.59
C ALA A 1152 30.16 -26.49 0.54
N ASN A 1153 31.49 -26.49 0.67
CA ASN A 1153 32.40 -25.80 -0.24
C ASN A 1153 32.14 -24.30 -0.29
N ILE A 1154 31.57 -23.73 0.78
CA ILE A 1154 31.32 -22.30 0.85
C ILE A 1154 32.29 -21.58 1.78
N HIS A 1155 33.14 -22.31 2.51
CA HIS A 1155 34.02 -21.67 3.49
C HIS A 1155 35.26 -21.10 2.81
N ALA A 1156 35.08 -20.41 1.70
CA ALA A 1156 36.10 -19.54 1.10
C ALA A 1156 35.58 -18.13 0.91
N PHE A 1157 34.40 -17.99 0.30
CA PHE A 1157 33.81 -16.67 0.09
C PHE A 1157 33.48 -16.00 1.42
N ILE A 1158 33.00 -16.77 2.39
CA ILE A 1158 32.69 -16.21 3.70
C ILE A 1158 33.95 -15.66 4.35
N GLU A 1159 35.05 -16.41 4.27
CA GLU A 1159 36.32 -15.92 4.79
C GLU A 1159 36.86 -14.75 4.00
N SER A 1160 36.46 -14.60 2.73
CA SER A 1160 36.87 -13.47 1.90
C SER A 1160 35.90 -12.30 2.02
N LEU A 1161 35.19 -12.18 3.13
CA LEU A 1161 34.23 -11.11 3.34
C LEU A 1161 34.53 -10.34 4.62
N PRO A 1162 34.19 -9.05 4.67
CA PRO A 1162 34.30 -8.32 5.94
C PRO A 1162 33.38 -8.88 6.99
N ASN A 1163 33.83 -8.82 8.24
CA ASN A 1163 33.12 -9.26 9.44
C ASN A 1163 32.88 -10.77 9.47
N LYS A 1164 33.35 -11.52 8.47
CA LYS A 1164 33.20 -12.97 8.39
C LYS A 1164 31.75 -13.41 8.57
N TYR A 1165 31.48 -14.13 9.65
CA TYR A 1165 30.14 -14.67 9.91
C TYR A 1165 29.27 -13.68 10.70
N SER A 1166 29.22 -12.43 10.25
CA SER A 1166 28.35 -11.44 10.86
C SER A 1166 27.68 -10.52 9.85
N THR A 1167 27.87 -10.75 8.55
CA THR A 1167 27.35 -9.85 7.54
C THR A 1167 25.82 -9.93 7.47
N LYS A 1168 25.19 -8.80 7.20
CA LYS A 1168 23.74 -8.74 7.03
C LYS A 1168 23.39 -9.38 5.69
N VAL A 1169 23.05 -10.67 5.72
CA VAL A 1169 22.80 -11.42 4.49
C VAL A 1169 21.41 -11.08 3.97
N GLY A 1170 21.25 -11.19 2.65
CA GLY A 1170 20.00 -10.87 2.00
C GLY A 1170 19.79 -9.39 1.73
N ASP A 1171 20.64 -8.52 2.26
CA ASP A 1171 20.53 -7.08 2.04
C ASP A 1171 21.95 -6.51 1.97
N LYS A 1172 22.04 -5.20 2.04
CA LYS A 1172 23.31 -4.45 1.96
C LYS A 1172 23.97 -4.85 0.64
N GLY A 1173 25.25 -5.22 0.63
CA GLY A 1173 25.93 -5.57 -0.60
C GLY A 1173 26.43 -6.99 -0.64
N THR A 1174 25.79 -7.91 0.08
CA THR A 1174 26.20 -9.30 0.06
C THR A 1174 26.06 -9.88 -1.36
N GLN A 1175 24.87 -9.75 -1.95
CA GLN A 1175 24.63 -10.06 -3.35
C GLN A 1175 25.22 -11.41 -3.74
N LEU A 1176 24.68 -12.48 -3.14
CA LEU A 1176 25.20 -13.83 -3.32
C LEU A 1176 24.92 -14.39 -4.71
N SER A 1177 24.19 -13.68 -5.55
CA SER A 1177 23.80 -14.13 -6.90
C SER A 1177 22.99 -15.42 -6.72
N GLY A 1178 23.32 -16.51 -7.42
CA GLY A 1178 22.60 -17.74 -7.22
C GLY A 1178 23.44 -18.90 -6.71
N GLY A 1179 24.70 -18.96 -7.13
CA GLY A 1179 25.56 -20.06 -6.70
C GLY A 1179 25.86 -20.00 -5.22
N GLN A 1180 26.20 -18.81 -4.72
CA GLN A 1180 26.46 -18.66 -3.29
C GLN A 1180 25.19 -18.83 -2.47
N LYS A 1181 24.05 -18.41 -3.00
CA LYS A 1181 22.78 -18.64 -2.32
C LYS A 1181 22.50 -20.13 -2.20
N GLN A 1182 22.70 -20.89 -3.28
CA GLN A 1182 22.50 -22.33 -3.22
C GLN A 1182 23.47 -22.99 -2.25
N ARG A 1183 24.73 -22.56 -2.26
CA ARG A 1183 25.72 -23.14 -1.35
C ARG A 1183 25.39 -22.85 0.10
N ILE A 1184 24.97 -21.62 0.41
CA ILE A 1184 24.61 -21.32 1.79
C ILE A 1184 23.32 -22.03 2.19
N ALA A 1185 22.41 -22.25 1.24
CA ALA A 1185 21.20 -23.00 1.54
C ALA A 1185 21.51 -24.46 1.88
N ILE A 1186 22.38 -25.09 1.10
CA ILE A 1186 22.74 -26.47 1.41
C ILE A 1186 23.58 -26.53 2.68
N ALA A 1187 24.36 -25.49 2.97
CA ALA A 1187 25.07 -25.43 4.25
C ALA A 1187 24.09 -25.37 5.42
N ARG A 1188 23.04 -24.55 5.28
CA ARG A 1188 22.00 -24.50 6.31
C ARG A 1188 21.27 -25.83 6.44
N ALA A 1189 21.10 -26.54 5.33
CA ALA A 1189 20.47 -27.86 5.38
C ALA A 1189 21.40 -28.92 5.98
N LEU A 1190 22.72 -28.71 5.93
CA LEU A 1190 23.67 -29.70 6.40
C LEU A 1190 23.98 -29.61 7.89
N VAL A 1191 23.64 -28.49 8.55
CA VAL A 1191 23.97 -28.36 9.96
C VAL A 1191 23.16 -29.36 10.81
N ARG A 1192 21.93 -29.66 10.41
CA ARG A 1192 21.10 -30.57 11.16
C ARG A 1192 21.59 -32.01 11.09
N GLN A 1193 22.48 -32.32 10.16
CA GLN A 1193 22.90 -33.69 9.88
C GLN A 1193 21.70 -34.61 9.67
N PRO A 1194 20.85 -34.33 8.70
CA PRO A 1194 19.65 -35.15 8.52
C PRO A 1194 20.00 -36.56 8.06
N HIS A 1195 19.19 -37.52 8.50
CA HIS A 1195 19.34 -38.89 8.04
C HIS A 1195 18.77 -39.10 6.65
N ILE A 1196 17.89 -38.21 6.20
CA ILE A 1196 17.36 -38.22 4.84
C ILE A 1196 17.33 -36.79 4.33
N LEU A 1197 17.89 -36.56 3.14
CA LEU A 1197 18.00 -35.23 2.57
C LEU A 1197 17.23 -35.18 1.26
N LEU A 1198 16.46 -34.10 1.06
CA LEU A 1198 15.62 -33.94 -0.12
C LEU A 1198 16.06 -32.68 -0.87
N LEU A 1199 16.24 -32.82 -2.19
CA LEU A 1199 16.60 -31.71 -3.05
C LEU A 1199 15.74 -31.75 -4.31
N ASP A 1200 15.50 -30.58 -4.89
CA ASP A 1200 14.64 -30.46 -6.06
C ASP A 1200 15.16 -29.32 -6.95
N GLU A 1201 15.80 -29.67 -8.05
CA GLU A 1201 16.27 -28.73 -9.07
C GLU A 1201 16.99 -27.54 -8.45
N ALA A 1202 18.11 -27.84 -7.79
CA ALA A 1202 18.93 -26.78 -7.20
C ALA A 1202 19.49 -25.85 -8.26
N THR A 1203 20.01 -26.42 -9.35
CA THR A 1203 20.55 -25.64 -10.47
C THR A 1203 19.47 -25.53 -11.54
N SER A 1204 18.92 -24.34 -11.72
CA SER A 1204 17.86 -24.14 -12.72
C SER A 1204 18.22 -23.09 -13.75
N ALA A 1205 18.83 -21.99 -13.31
CA ALA A 1205 19.15 -20.88 -14.21
C ALA A 1205 20.47 -20.23 -13.81
N LEU A 1206 21.50 -21.02 -13.57
CA LEU A 1206 22.80 -20.51 -13.18
C LEU A 1206 23.71 -20.41 -14.40
N ASP A 1207 24.93 -19.91 -14.16
CA ASP A 1207 25.90 -19.73 -15.22
C ASP A 1207 26.59 -21.05 -15.54
N THR A 1208 27.63 -21.00 -16.38
CA THR A 1208 28.37 -22.20 -16.75
C THR A 1208 29.57 -22.46 -15.85
N GLU A 1209 29.82 -21.61 -14.86
CA GLU A 1209 30.94 -21.77 -13.95
C GLU A 1209 30.49 -22.07 -12.52
N SER A 1210 29.61 -21.24 -11.96
CA SER A 1210 29.12 -21.48 -10.61
C SER A 1210 28.24 -22.71 -10.51
N GLU A 1211 27.70 -23.19 -11.64
CA GLU A 1211 26.87 -24.40 -11.61
C GLU A 1211 27.69 -25.61 -11.20
N LYS A 1212 28.92 -25.71 -11.67
CA LYS A 1212 29.75 -26.87 -11.36
C LYS A 1212 30.07 -26.94 -9.87
N VAL A 1213 30.34 -25.80 -9.24
CA VAL A 1213 30.64 -25.78 -7.82
C VAL A 1213 29.44 -26.27 -7.01
N VAL A 1214 28.25 -25.79 -7.35
CA VAL A 1214 27.05 -26.22 -6.65
C VAL A 1214 26.79 -27.71 -6.88
N GLN A 1215 27.00 -28.18 -8.12
CA GLN A 1215 26.78 -29.59 -8.43
C GLN A 1215 27.74 -30.48 -7.64
N GLU A 1216 29.02 -30.10 -7.56
CA GLU A 1216 29.97 -30.92 -6.82
C GLU A 1216 29.72 -30.84 -5.32
N ALA A 1217 29.24 -29.70 -4.82
CA ALA A 1217 28.84 -29.63 -3.42
C ALA A 1217 27.67 -30.54 -3.12
N LEU A 1218 26.69 -30.59 -4.04
CA LEU A 1218 25.55 -31.49 -3.87
C LEU A 1218 25.99 -32.96 -3.91
N ASP A 1219 26.89 -33.30 -4.83
CA ASP A 1219 27.37 -34.67 -4.93
C ASP A 1219 28.12 -35.08 -3.67
N LYS A 1220 28.95 -34.18 -3.14
CA LYS A 1220 29.69 -34.48 -1.93
C LYS A 1220 28.78 -34.56 -0.71
N ALA A 1221 27.69 -33.77 -0.69
CA ALA A 1221 26.83 -33.72 0.48
C ALA A 1221 26.07 -35.01 0.71
N ARG A 1222 25.83 -35.79 -0.36
CA ARG A 1222 25.02 -36.99 -0.24
C ARG A 1222 25.65 -38.03 0.69
N GLU A 1223 26.80 -38.58 0.29
CA GLU A 1223 27.54 -39.60 1.05
C GLU A 1223 26.57 -40.72 1.42
N GLY A 1224 26.56 -41.19 2.67
CA GLY A 1224 25.67 -42.27 3.07
C GLY A 1224 24.35 -41.79 3.62
N ARG A 1225 23.55 -41.14 2.79
CA ARG A 1225 22.24 -40.66 3.19
C ARG A 1225 21.19 -41.12 2.19
N THR A 1226 19.95 -41.22 2.65
CA THR A 1226 18.82 -41.58 1.80
C THR A 1226 18.36 -40.32 1.09
N CYS A 1227 19.12 -39.93 0.07
CA CYS A 1227 18.94 -38.66 -0.61
C CYS A 1227 18.14 -38.84 -1.89
N ILE A 1228 17.02 -38.13 -2.00
CA ILE A 1228 16.27 -38.06 -3.24
C ILE A 1228 16.82 -36.87 -4.04
N VAL A 1229 16.79 -37.00 -5.37
CA VAL A 1229 17.39 -35.99 -6.23
C VAL A 1229 16.50 -35.73 -7.43
N ILE A 1230 16.19 -34.46 -7.69
CA ILE A 1230 15.53 -34.02 -8.92
C ILE A 1230 16.40 -32.94 -9.55
N ALA A 1231 16.78 -33.13 -10.81
CA ALA A 1231 17.72 -32.23 -11.45
C ALA A 1231 17.45 -32.19 -12.95
N HIS A 1232 18.24 -31.38 -13.65
CA HIS A 1232 18.11 -31.17 -15.09
C HIS A 1232 18.93 -32.21 -15.84
N ARG A 1233 18.29 -33.35 -16.13
CA ARG A 1233 18.82 -34.39 -17.02
C ARG A 1233 20.18 -34.85 -16.48
N LEU A 1234 21.25 -34.81 -17.29
CA LEU A 1234 22.52 -35.43 -16.95
C LEU A 1234 23.24 -34.78 -15.77
N SER A 1235 22.66 -33.74 -15.17
CA SER A 1235 23.29 -33.08 -14.03
C SER A 1235 23.64 -34.06 -12.91
N THR A 1236 22.66 -34.87 -12.48
CA THR A 1236 22.94 -35.92 -11.52
C THR A 1236 22.19 -37.21 -11.82
N ILE A 1237 21.60 -37.36 -13.01
CA ILE A 1237 20.76 -38.52 -13.28
C ILE A 1237 21.59 -39.81 -13.40
N GLN A 1238 22.82 -39.70 -13.86
CA GLN A 1238 23.67 -40.86 -14.06
C GLN A 1238 24.54 -41.17 -12.84
N ASN A 1239 24.64 -40.27 -11.88
CA ASN A 1239 25.36 -40.55 -10.64
C ASN A 1239 24.51 -41.30 -9.62
N ALA A 1240 23.22 -41.49 -9.88
CA ALA A 1240 22.33 -42.17 -8.97
C ALA A 1240 22.36 -43.68 -9.27
N ASP A 1241 21.43 -44.42 -8.66
CA ASP A 1241 21.38 -45.87 -8.80
C ASP A 1241 20.16 -46.35 -9.59
N LEU A 1242 18.98 -45.81 -9.29
CA LEU A 1242 17.74 -46.21 -9.92
C LEU A 1242 17.01 -44.97 -10.41
N ILE A 1243 16.29 -45.10 -11.52
CA ILE A 1243 15.58 -44.00 -12.14
C ILE A 1243 14.09 -44.29 -12.15
N VAL A 1244 13.30 -43.31 -11.69
CA VAL A 1244 11.84 -43.40 -11.68
C VAL A 1244 11.31 -42.49 -12.77
N VAL A 1245 10.39 -43.00 -13.58
CA VAL A 1245 9.82 -42.27 -14.70
C VAL A 1245 8.38 -41.92 -14.37
N PHE A 1246 8.03 -40.64 -14.53
CA PHE A 1246 6.69 -40.15 -14.27
C PHE A 1246 5.94 -39.95 -15.58
N GLN A 1247 4.72 -40.46 -15.64
CA GLN A 1247 3.85 -40.29 -16.80
C GLN A 1247 2.45 -40.01 -16.30
N ASN A 1248 2.00 -38.76 -16.45
CA ASN A 1248 0.70 -38.32 -15.94
C ASN A 1248 0.57 -38.61 -14.45
N GLY A 1249 1.64 -38.34 -13.70
CA GLY A 1249 1.64 -38.58 -12.27
C GLY A 1249 2.07 -39.98 -11.90
N ARG A 1250 1.36 -40.98 -12.41
CA ARG A 1250 1.68 -42.37 -12.10
C ARG A 1250 3.02 -42.77 -12.71
N VAL A 1251 3.70 -43.70 -12.04
CA VAL A 1251 4.98 -44.19 -12.55
C VAL A 1251 4.73 -44.98 -13.84
N LYS A 1252 5.75 -45.00 -14.71
CA LYS A 1252 5.67 -45.69 -15.98
C LYS A 1252 6.52 -46.94 -16.03
N GLU A 1253 7.81 -46.84 -15.71
CA GLU A 1253 8.71 -47.98 -15.74
C GLU A 1253 9.68 -47.89 -14.57
N HIS A 1254 10.12 -49.05 -14.10
CA HIS A 1254 11.03 -49.15 -12.97
C HIS A 1254 12.22 -49.99 -13.36
N GLY A 1255 13.43 -49.46 -13.16
CA GLY A 1255 14.62 -50.17 -13.52
C GLY A 1255 15.85 -49.32 -13.30
N THR A 1256 17.00 -49.93 -13.60
CA THR A 1256 18.29 -49.27 -13.43
C THR A 1256 18.61 -48.44 -14.68
N HIS A 1257 19.84 -47.92 -14.76
CA HIS A 1257 20.23 -47.11 -15.91
C HIS A 1257 20.41 -47.98 -17.15
N GLN A 1258 20.99 -49.17 -17.00
CA GLN A 1258 21.29 -50.01 -18.16
C GLN A 1258 20.02 -50.43 -18.89
N GLN A 1259 18.98 -50.82 -18.14
CA GLN A 1259 17.74 -51.27 -18.77
C GLN A 1259 17.07 -50.14 -19.52
N LEU A 1260 16.94 -48.98 -18.89
CA LEU A 1260 16.25 -47.86 -19.54
C LEU A 1260 17.01 -47.35 -20.75
N LEU A 1261 18.34 -47.26 -20.64
CA LEU A 1261 19.14 -46.78 -21.77
C LEU A 1261 19.10 -47.76 -22.94
N ALA A 1262 19.21 -49.06 -22.67
CA ALA A 1262 19.19 -50.04 -23.74
C ALA A 1262 17.83 -50.10 -24.42
N GLN A 1263 16.75 -50.07 -23.65
CA GLN A 1263 15.41 -50.12 -24.22
C GLN A 1263 15.05 -48.79 -24.87
N LYS A 1264 14.15 -48.86 -25.86
CA LYS A 1264 13.68 -47.67 -26.57
C LYS A 1264 12.48 -47.04 -25.85
N GLY A 1265 12.66 -46.74 -24.57
CA GLY A 1265 11.61 -46.17 -23.75
C GLY A 1265 11.57 -44.65 -23.85
N ILE A 1266 10.69 -44.06 -23.02
CA ILE A 1266 10.54 -42.61 -23.00
C ILE A 1266 11.80 -41.95 -22.48
N TYR A 1267 12.43 -42.55 -21.46
CA TYR A 1267 13.67 -41.99 -20.93
C TYR A 1267 14.76 -41.95 -22.00
N PHE A 1268 14.89 -43.02 -22.77
CA PHE A 1268 15.82 -43.00 -23.91
C PHE A 1268 15.39 -41.97 -24.94
N SER A 1269 14.08 -41.76 -25.11
CA SER A 1269 13.61 -40.78 -26.08
C SER A 1269 14.03 -39.37 -25.70
N MET A 1270 13.95 -39.02 -24.42
CA MET A 1270 14.28 -37.66 -23.99
C MET A 1270 15.75 -37.48 -23.66
N VAL A 1271 16.59 -38.51 -23.84
CA VAL A 1271 18.04 -38.37 -23.71
C VAL A 1271 18.77 -38.72 -25.00
N SER A 1272 18.04 -39.04 -26.07
CA SER A 1272 18.67 -39.39 -27.34
C SER A 1272 19.28 -38.18 -28.01
PG ATP B . 25.11 -11.62 -20.29
O1G ATP B . 26.44 -11.03 -20.63
O2G ATP B . 24.17 -11.79 -21.49
O3G ATP B . 25.20 -12.97 -19.55
PB ATP B . 24.39 -10.15 -17.78
O1B ATP B . 23.04 -10.02 -17.19
O2B ATP B . 25.35 -11.05 -17.02
O3B ATP B . 24.31 -10.67 -19.28
PA ATP B . 26.37 -8.19 -18.78
O1A ATP B . 26.02 -7.90 -20.19
O2A ATP B . 27.50 -9.19 -18.59
O3A ATP B . 25.11 -8.74 -17.98
O5' ATP B . 26.74 -6.88 -17.97
C5' ATP B . 27.88 -6.07 -18.33
C4' ATP B . 28.21 -5.17 -17.17
O4' ATP B . 27.09 -4.32 -16.85
C3' ATP B . 28.60 -5.90 -15.88
O3' ATP B . 29.78 -5.35 -15.29
C2' ATP B . 27.37 -5.69 -14.98
O2' ATP B . 27.75 -5.62 -13.60
C1' ATP B . 26.86 -4.33 -15.46
N9 ATP B . 25.44 -4.12 -15.22
C8 ATP B . 24.42 -4.99 -15.48
N7 ATP B . 23.23 -4.55 -15.17
C5 ATP B . 23.48 -3.28 -14.66
C6 ATP B . 22.64 -2.28 -14.14
N6 ATP B . 21.31 -2.40 -14.06
N1 ATP B . 23.20 -1.13 -13.72
C2 ATP B . 24.54 -1.00 -13.81
N3 ATP B . 25.43 -1.88 -14.27
C4 ATP B . 24.84 -3.01 -14.68
C01 ZQU C . -13.67 24.77 18.20
C02 ZQU C . -12.68 25.48 17.30
C03 ZQU C . -12.42 25.37 18.78
C04 ZQU C . -13.93 23.31 18.15
C05 ZQU C . -11.85 24.77 16.29
C06 ZQU C . -13.81 23.27 15.59
C07 ZQU C . -14.00 22.60 16.94
C08 ZQU C . -12.37 23.76 15.46
C09 ZQU C . -14.10 22.63 19.34
C10 ZQU C . -10.53 25.15 16.12
C11 ZQU C . -16.18 23.80 15.38
C12 ZQU C . -14.65 24.96 14.02
C13 ZQU C . -14.23 21.21 16.97
C14 ZQU C . -11.52 23.13 14.54
C15 ZQU C . -17.18 24.92 15.26
C16 ZQU C . -15.64 26.09 13.86
C17 ZQU C . -14.33 21.26 19.36
C18 ZQU C . -9.72 24.54 15.20
C19 ZQU C . -14.40 20.56 18.18
C20 ZQU C . -10.20 23.53 14.40
C21 ZQU C . -17.97 26.74 13.89
C22 ZQU C . -18.96 26.64 12.75
C23 ZQU C . -20.04 27.69 12.84
C24 ZQU C . -21.88 28.19 14.26
C25 ZQU C . -22.25 28.22 15.64
C26 ZQU C . -22.52 28.98 13.35
C27 ZQU C . -23.31 29.07 16.03
C28 ZQU C . -23.57 29.81 13.77
C29 ZQU C . -21.62 27.43 16.62
C30 ZQU C . -23.96 29.87 15.07
C31 ZQU C . -22.05 27.51 17.92
C32 ZQU C . -23.10 28.38 18.22
F01 ZQU C . -11.43 24.55 19.23
F02 ZQU C . -12.48 26.46 19.56
N01 ZQU C . -14.81 24.33 15.33
N02 ZQU C . -17.03 25.63 13.99
N03 ZQU C . -23.73 29.14 17.34
O01 ZQU C . -19.59 25.36 12.75
O02 ZQU C . -20.86 27.37 13.97
C01 ZQU D . -15.40 28.54 20.53
C02 ZQU D . -16.50 29.00 21.44
C03 ZQU D . -15.20 29.76 21.39
C04 ZQU D . -15.50 28.60 19.04
C05 ZQU D . -17.78 29.59 20.95
C06 ZQU D . -17.95 27.85 19.08
C07 ZQU D . -16.67 28.26 18.37
C08 ZQU D . -18.47 29.04 19.86
C09 ZQU D . -14.39 29.00 18.32
C10 ZQU D . -18.31 30.69 21.60
C11 ZQU D . -17.24 25.49 19.23
C12 ZQU D . -19.06 26.27 20.57
C13 ZQU D . -16.70 28.37 16.95
C14 ZQU D . -19.67 29.66 19.43
C15 ZQU D . -18.31 24.46 18.91
C16 ZQU D . -18.94 24.90 21.17
C17 ZQU D . -14.43 29.09 16.93
C18 ZQU D . -19.50 31.26 21.18
C19 ZQU D . -15.58 28.77 16.26
C20 ZQU D . -20.18 30.75 20.11
C21 ZQU D . -18.17 22.68 20.59
C22 ZQU D . -19.09 21.91 21.53
C23 ZQU D . -18.36 20.93 22.42
C24 ZQU D . -17.49 18.72 22.28
C25 ZQU D . -16.70 17.82 21.51
C26 ZQU D . -17.75 18.47 23.60
C27 ZQU D . -16.21 16.66 22.14
C28 ZQU D . -17.24 17.31 24.20
C29 ZQU D . -16.40 18.03 20.15
C30 ZQU D . -16.49 16.42 23.50
C31 ZQU D . -15.64 17.11 19.48
C32 ZQU D . -15.19 15.98 20.19
F01 ZQU D . -15.15 30.98 20.83
F02 ZQU D . -14.35 29.72 22.43
N01 ZQU D . -17.78 26.65 19.95
N02 ZQU D . -18.88 23.87 20.13
N03 ZQU D . -15.45 15.74 21.45
O01 ZQU D . -20.07 21.22 20.76
O02 ZQU D . -17.93 19.82 21.63
C1 UPL E . -8.61 38.95 4.19
C2 UPL E . -8.99 39.69 5.48
C3 UPL E . -9.73 41.02 5.29
C4 UPL E . -11.25 40.86 5.41
C5 UPL E . -11.93 41.92 6.27
C6 UPL E . -13.45 41.83 6.24
C7 UPL E . -14.13 42.95 7.02
C8 UPL E . -15.54 43.27 6.52
C9 UPL E . -16.60 43.21 7.62
C10 UPL E . -16.61 44.43 8.54
C11 UPL E . -17.91 44.58 9.31
C12 UPL E . -17.88 45.69 10.35
C13 UPL E . -19.23 45.95 10.99
C14 UPL E . -19.18 46.97 12.12
C15 UPL E . -20.55 47.33 12.67
C16 UPL E . -20.48 48.30 13.84
C13 UPL F . -41.32 29.16 11.69
C14 UPL F . -41.40 29.08 13.20
C15 UPL F . -41.80 30.39 13.86
C16 UPL F . -43.31 30.63 13.87
C17 UPL F . -43.73 31.89 14.62
C18 UPL F . -45.21 31.96 14.90
C19 UPL F . -45.59 33.10 15.84
C20 UPL F . -47.07 33.16 16.17
C21 UPL F . -47.95 33.51 14.98
C22 UPL F . -49.35 33.98 15.36
C23 UPL F . -49.34 35.26 16.19
C24 UPL F . -50.73 35.69 16.66
C25 UPL F . -50.68 36.93 17.53
C13 UPL G . -35.90 25.06 5.50
C14 UPL G . -36.37 25.60 6.84
C15 UPL G . -36.08 27.09 7.03
C16 UPL G . -36.81 27.95 6.00
C17 UPL G . -36.65 29.45 6.24
C18 UPL G . -37.10 29.88 7.63
C19 UPL G . -36.93 31.38 7.86
C20 UPL G . -37.33 31.83 9.26
C21 UPL G . -38.81 31.61 9.56
C22 UPL G . -39.40 32.66 10.50
C23 UPL G . -39.67 33.99 9.81
C24 UPL G . -40.39 35.00 10.71
C25 UPL G . -40.97 36.16 9.93
C13 UPL H . -23.09 37.68 4.66
C14 UPL H . -23.14 38.57 5.89
C15 UPL H . -23.50 40.02 5.58
C16 UPL H . -24.90 40.18 5.00
C17 UPL H . -26.01 40.29 6.04
C18 UPL H . -25.93 41.54 6.89
C19 UPL H . -27.17 41.77 7.74
C20 UPL H . -27.11 43.04 8.59
C21 UPL H . -26.19 42.93 9.78
C22 UPL H . -26.91 43.08 11.11
C23 UPL H . -26.89 44.50 11.66
C24 UPL H . -27.72 44.66 12.93
C25 UPL H . -27.57 46.04 13.57
C13 UPL I . -28.45 36.97 -0.33
C14 UPL I . -29.78 37.53 0.14
C15 UPL I . -29.71 38.21 1.50
C16 UPL I . -28.70 39.35 1.52
C17 UPL I . -28.63 40.07 2.86
C18 UPL I . -29.98 40.50 3.40
C19 UPL I . -29.90 41.68 4.38
C20 UPL I . -31.10 41.80 5.29
C21 UPL I . -32.43 41.73 4.55
C22 UPL I . -33.63 42.08 5.42
C23 UPL I . -33.53 43.47 6.04
C24 UPL I . -34.76 43.86 6.83
C25 UPL I . -34.67 45.27 7.41
C1 UPL J . 1.78 32.32 3.22
C2 UPL J . 0.61 31.37 3.49
C3 UPL J . -0.05 30.87 2.21
C4 UPL J . -1.33 30.08 2.46
C5 UPL J . -2.02 29.67 1.16
C6 UPL J . -2.28 30.88 0.26
C7 UPL J . -2.45 30.51 -1.21
C8 UPL J . -2.34 31.72 -2.13
C9 UPL J . -3.22 31.58 -3.37
C10 UPL J . -3.51 32.92 -4.03
C11 UPL J . -4.58 32.81 -5.12
C12 UPL J . -4.94 34.11 -5.84
C13 UPL J . -5.66 33.82 -7.17
C14 UPL J . -4.94 34.26 -8.44
C15 UPL J . -3.65 33.48 -8.70
C16 UPL J . -3.25 33.47 -10.18
C17 UPL J . -1.92 32.79 -10.44
C18 UPL J . -1.48 32.81 -11.91
C19 UPL J . -0.04 32.40 -12.13
C26 UPL J . -5.77 35.02 -4.94
C27 UPL J . -5.34 36.49 -4.91
C28 UPL J . -6.05 37.35 -3.87
C29 UPL J . -7.58 37.30 -3.93
C30 UPL J . -8.21 38.51 -3.25
C31 UPL J . -7.61 38.83 -1.88
C32 UPL J . -8.25 40.04 -1.23
C33 UPL J . -7.59 40.47 0.08
C34 UPL J . -8.32 41.63 0.74
C13 UPL K . -33.85 30.19 1.55
C14 UPL K . -34.43 31.58 1.76
C15 UPL K . -34.54 31.98 3.22
C16 UPL K . -35.43 33.19 3.45
C17 UPL K . -34.77 34.52 3.08
C18 UPL K . -35.55 35.73 3.61
C19 UPL K . -34.86 37.06 3.36
C20 UPL K . -35.54 38.23 4.05
C21 UPL K . -37.05 38.22 3.85
C22 UPL K . -37.75 39.45 4.42
C23 UPL K . -37.27 40.75 3.79
C24 UPL K . -38.04 41.97 4.28
C25 UPL K . -37.49 43.28 3.73
C13 UPL L . -17.96 28.20 -18.18
C14 UPL L . -18.75 28.53 -16.92
C15 UPL L . -18.38 29.86 -16.30
C16 UPL L . -19.01 30.08 -14.93
C17 UPL L . -18.44 31.26 -14.17
C18 UPL L . -19.44 31.93 -13.23
C19 UPL L . -18.92 33.24 -12.64
C20 UPL L . -20.03 34.23 -12.32
C21 UPL L . -20.97 33.73 -11.22
C22 UPL L . -20.76 34.46 -9.89
C23 UPL L . -21.91 34.26 -8.91
C24 UPL L . -21.73 35.04 -7.62
C25 UPL L . -21.47 36.52 -7.85
C13 UPL M . -19.39 24.42 -14.15
C14 UPL M . -20.72 25.07 -13.76
C15 UPL M . -20.56 26.45 -13.13
C16 UPL M . -21.85 26.96 -12.50
C17 UPL M . -21.71 28.31 -11.81
C18 UPL M . -22.98 28.76 -11.11
C19 UPL M . -22.83 30.13 -10.46
C20 UPL M . -24.13 30.66 -9.84
C21 UPL M . -24.60 29.83 -8.65
C22 UPL M . -25.32 30.66 -7.59
C23 UPL M . -26.44 31.51 -8.17
C24 UPL M . -27.09 32.43 -7.15
C25 UPL M . -26.14 33.49 -6.62
C13 UPL N . -24.06 19.53 -11.79
C14 UPL N . -24.99 19.02 -10.70
C15 UPL N . -25.26 20.05 -9.61
C16 UPL N . -26.20 19.54 -8.53
C17 UPL N . -26.32 20.47 -7.32
C18 UPL N . -27.07 21.76 -7.62
C19 UPL N . -26.17 22.98 -7.68
C20 UPL N . -26.92 24.30 -7.58
C21 UPL N . -27.79 24.40 -6.34
C22 UPL N . -28.16 25.82 -5.97
C23 UPL N . -26.96 26.68 -5.60
C24 UPL N . -27.34 28.09 -5.15
C25 UPL N . -28.19 28.10 -3.90
C1 UPL O . -27.03 9.78 33.05
C2 UPL O . -26.52 8.35 32.91
C3 UPL O . -26.80 7.74 31.55
C4 UPL O . -26.31 6.29 31.43
C5 UPL O . -26.72 5.64 30.12
C6 UPL O . -26.29 4.17 30.00
C7 UPL O . -24.78 3.93 29.90
C8 UPL O . -24.40 2.51 30.29
C9 UPL O . -23.72 1.70 29.20
C10 UPL O . -24.58 1.56 27.95
C11 UPL O . -23.91 0.73 26.85
C12 UPL O . -24.86 0.31 25.75
C13 UPL O . -24.16 -0.37 24.57
C14 UPL O . -25.16 -0.96 23.58
C15 UPL O . -24.53 -1.41 22.26
C16 UPL O . -25.53 -2.04 21.32
C17 UPL O . -24.98 -2.34 19.93
C18 UPL O . -25.99 -3.01 19.02
C19 UPL O . -25.46 -3.26 17.61
C13 UPL P . -44.23 21.83 15.15
C14 UPL P . -45.02 20.75 15.89
C15 UPL P . -45.15 21.02 17.38
C16 UPL P . -45.80 22.37 17.67
C17 UPL P . -46.04 22.63 19.15
C18 UPL P . -46.99 23.79 19.41
C19 UPL P . -47.43 23.90 20.87
C20 UPL P . -48.75 24.63 21.03
C21 UPL P . -48.78 25.99 20.35
C22 UPL P . -49.64 27.01 21.07
C23 UPL P . -49.28 27.15 22.54
C24 UPL P . -50.16 28.12 23.29
C25 UPL P . -49.95 28.06 24.80
C13 UPL Q . -17.71 41.92 3.49
C14 UPL Q . -18.38 41.51 4.80
C15 UPL Q . -19.37 42.54 5.31
C16 UPL Q . -20.74 42.43 4.65
C17 UPL Q . -21.72 43.51 5.08
C18 UPL Q . -21.68 43.81 6.56
C19 UPL Q . -22.65 44.90 7.00
C20 UPL Q . -22.50 45.30 8.46
C21 UPL Q . -23.53 46.32 8.92
C22 UPL Q . -23.36 46.74 10.37
C23 UPL Q . -24.41 47.73 10.85
C24 UPL Q . -24.20 48.17 12.29
C25 UPL Q . -25.29 49.13 12.78
C13 UPL R . -4.16 44.10 30.63
C14 UPL R . -4.46 45.00 29.44
C15 UPL R . -5.87 45.57 29.45
C16 UPL R . -6.07 46.63 30.53
C17 UPL R . -7.44 47.30 30.50
C18 UPL R . -7.58 48.40 31.54
C19 UPL R . -9.02 48.84 31.76
C20 UPL R . -9.23 49.57 33.07
C21 UPL R . -10.70 49.72 33.46
C22 UPL R . -10.90 50.20 34.89
C23 UPL R . -12.37 50.22 35.30
C24 UPL R . -12.58 50.55 36.78
C25 UPL R . -14.04 50.47 37.21
C13 UPL S . -5.69 37.99 33.69
C14 UPL S . -4.96 39.09 32.93
C15 UPL S . -5.82 40.32 32.67
C16 UPL S . -6.44 40.88 33.94
C17 UPL S . -7.04 42.28 33.77
C18 UPL S . -7.84 42.73 34.98
C19 UPL S . -8.14 44.22 34.99
C20 UPL S . -9.09 44.62 36.12
C21 UPL S . -9.08 46.12 36.43
C22 UPL S . -10.00 46.49 37.59
C23 UPL S . -9.82 47.93 38.07
C24 UPL S . -10.64 48.24 39.31
C25 UPL S . -10.44 49.67 39.80
C13 UPL T . -6.25 33.29 31.97
C14 UPL T . -7.16 32.08 32.12
C15 UPL T . -7.56 31.80 33.56
C16 UPL T . -8.34 32.95 34.19
C17 UPL T . -9.10 32.55 35.45
C18 UPL T . -9.91 33.70 36.04
C19 UPL T . -10.85 33.25 37.15
C20 UPL T . -11.56 34.40 37.86
C21 UPL T . -12.39 33.95 39.05
C22 UPL T . -12.99 35.10 39.84
C23 UPL T . -13.52 34.69 41.19
C24 UPL T . -14.00 35.86 42.05
C25 UPL T . -14.51 35.42 43.41
C13 UPL U . -4.05 38.18 18.26
C14 UPL U . -2.61 38.49 17.82
C15 UPL U . -1.65 37.33 18.02
C16 UPL U . -2.08 36.09 17.25
C17 UPL U . -1.10 34.93 17.37
C18 UPL U . -1.41 33.77 16.42
C19 UPL U . -0.37 32.66 16.46
C20 UPL U . -0.63 31.58 15.43
C21 UPL U . 0.36 30.42 15.52
C22 UPL U . 0.08 29.30 14.53
C23 UPL U . 0.95 28.08 14.74
C13 UPL V . -1.77 24.60 28.29
C14 UPL V . -1.65 25.72 27.26
C15 UPL V . -0.71 25.39 26.11
C16 UPL V . -1.13 24.14 25.35
C17 UPL V . -0.12 23.70 24.30
C18 UPL V . -0.47 22.35 23.67
C19 UPL V . -0.51 21.21 24.67
C20 UPL V . -0.41 19.83 24.02
C21 UPL V . 0.92 19.62 23.28
C22 UPL V . 0.82 18.61 22.16
C23 UPL V . 0.31 17.25 22.60
C13 UPL W . -31.64 8.76 30.18
C14 UPL W . -30.79 9.37 31.28
C15 UPL W . -31.43 10.58 31.94
C16 UPL W . -30.61 11.15 33.09
C17 UPL W . -31.31 12.29 33.83
C18 UPL W . -30.57 12.73 35.08
C19 UPL W . -31.35 13.73 35.93
C20 UPL W . -31.49 15.09 35.28
C21 UPL W . -32.92 15.64 35.32
C22 UPL W . -33.23 16.42 36.59
C23 UPL W . -34.63 17.04 36.57
C24 UPL W . -35.01 17.78 37.84
C25 UPL W . -34.51 19.22 37.86
C13 UPL X . -25.66 14.79 34.59
C14 UPL X . -26.02 15.96 35.49
C15 UPL X . -26.44 17.20 34.70
C16 UPL X . -27.02 18.29 35.60
C17 UPL X . -25.98 19.10 36.36
C18 UPL X . -26.59 20.22 37.20
C19 UPL X . -25.56 21.17 37.79
C20 UPL X . -26.19 22.42 38.40
C21 UPL X . -25.16 23.42 38.92
C22 UPL X . -25.71 24.82 39.10
C23 UPL X . -26.61 24.98 40.32
C24 UPL X . -26.96 26.43 40.63
C25 UPL X . -27.75 26.60 41.92
C11 UPL Y . -33.54 10.22 18.06
C12 UPL Y . -33.13 11.68 17.83
C13 UPL Y . -31.71 11.95 18.35
C14 UPL Y . -30.72 12.47 17.32
C15 UPL Y . -30.22 11.40 16.35
C16 UPL Y . -28.97 11.84 15.61
C17 UPL Y . -28.28 10.74 14.82
C18 UPL Y . -26.86 11.10 14.42
C19 UPL Y . -26.17 10.01 13.61
C20 UPL Y . -24.68 10.26 13.39
C21 UPL Y . -24.01 9.14 12.60
C22 UPL Y . -22.52 9.36 12.39
C23 UPL Y . -21.87 8.28 11.53
C24 UPL Y . -20.36 8.47 11.35
C1 UPL Z . -36.70 11.53 27.45
C2 UPL Z . -35.26 11.34 26.98
C3 UPL Z . -35.12 10.39 25.80
C4 UPL Z . -33.67 10.24 25.35
C5 UPL Z . -33.52 9.26 24.18
C6 UPL Z . -32.08 9.08 23.71
C7 UPL Z . -31.39 10.36 23.21
C8 UPL Z . -30.05 10.06 22.54
C9 UPL Z . -29.97 8.73 21.81
C10 UPL Z . -28.58 8.37 21.31
C11 UPL Z . -28.55 7.10 20.49
C12 UPL Z . -27.21 6.80 19.86
C13 UPL Z . -26.60 8.00 19.14
C14 UPL Z . -25.32 7.67 18.40
C15 UPL Z . -25.49 6.53 17.40
C16 UPL Z . -24.25 6.33 16.53
C17 UPL Z . -24.44 5.26 15.45
C18 UPL Z . -23.24 5.12 14.53
#